data_5VZ3
# 
_entry.id   5VZ3 
# 
_audit_conform.dict_name       mmcif_pdbx.dic 
_audit_conform.dict_version    5.397 
_audit_conform.dict_location   http://mmcif.pdb.org/dictionaries/ascii/mmcif_pdbx.dic 
# 
loop_
_database_2.database_id 
_database_2.database_code 
_database_2.pdbx_database_accession 
_database_2.pdbx_DOI 
PDB   5VZ3         pdb_00005vz3 10.2210/pdb5vz3/pdb 
WWPDB D_1000228163 ?            ?                   
# 
loop_
_pdbx_audit_revision_history.ordinal 
_pdbx_audit_revision_history.data_content_type 
_pdbx_audit_revision_history.major_revision 
_pdbx_audit_revision_history.minor_revision 
_pdbx_audit_revision_history.revision_date 
1 'Structure model' 1 0 2017-09-27 
2 'Structure model' 1 1 2017-10-11 
3 'Structure model' 1 2 2017-10-25 
4 'Structure model' 1 3 2024-10-23 
# 
_pdbx_audit_revision_details.ordinal             1 
_pdbx_audit_revision_details.revision_ordinal    1 
_pdbx_audit_revision_details.data_content_type   'Structure model' 
_pdbx_audit_revision_details.provider            repository 
_pdbx_audit_revision_details.type                'Initial release' 
_pdbx_audit_revision_details.description         ? 
_pdbx_audit_revision_details.details             ? 
# 
loop_
_pdbx_audit_revision_group.ordinal 
_pdbx_audit_revision_group.revision_ordinal 
_pdbx_audit_revision_group.data_content_type 
_pdbx_audit_revision_group.group 
1 2 'Structure model' 'Database references' 
2 3 'Structure model' 'Database references' 
3 4 'Structure model' 'Data collection'     
4 4 'Structure model' 'Database references' 
5 4 'Structure model' 'Structure summary'   
# 
loop_
_pdbx_audit_revision_category.ordinal 
_pdbx_audit_revision_category.revision_ordinal 
_pdbx_audit_revision_category.data_content_type 
_pdbx_audit_revision_category.category 
1 2 'Structure model' citation                  
2 2 'Structure model' citation_author           
3 3 'Structure model' citation                  
4 4 'Structure model' chem_comp_atom            
5 4 'Structure model' chem_comp_bond            
6 4 'Structure model' database_2                
7 4 'Structure model' pdbx_entry_details        
8 4 'Structure model' pdbx_modification_feature 
# 
loop_
_pdbx_audit_revision_item.ordinal 
_pdbx_audit_revision_item.revision_ordinal 
_pdbx_audit_revision_item.data_content_type 
_pdbx_audit_revision_item.item 
1 2 'Structure model' '_citation.pdbx_database_id_PubMed'   
2 2 'Structure model' '_citation.title'                     
3 3 'Structure model' '_citation.journal_volume'            
4 3 'Structure model' '_citation.page_first'                
5 3 'Structure model' '_citation.page_last'                 
6 4 'Structure model' '_database_2.pdbx_DOI'                
7 4 'Structure model' '_database_2.pdbx_database_accession' 
# 
_pdbx_database_status.status_code                     REL 
_pdbx_database_status.status_code_sf                  REL 
_pdbx_database_status.status_code_mr                  ? 
_pdbx_database_status.entry_id                        5VZ3 
_pdbx_database_status.recvd_initial_deposition_date   2017-05-26 
_pdbx_database_status.SG_entry                        N 
_pdbx_database_status.deposit_site                    RCSB 
_pdbx_database_status.process_site                    RCSB 
_pdbx_database_status.status_code_cs                  ? 
_pdbx_database_status.methods_development_category    ? 
_pdbx_database_status.pdb_format_compatible           Y 
_pdbx_database_status.status_code_nmr_data            ? 
# 
_pdbx_database_related.content_type   unspecified 
_pdbx_database_related.db_id          5VZ4 
_pdbx_database_related.db_name        PDB 
_pdbx_database_related.details        . 
# 
loop_
_audit_author.name 
_audit_author.pdbx_ordinal 
_audit_author.identifier_ORCID 
'Lakshminarasimhan, D.' 1 ? 
'White, A.'             2 ? 
'Suto, R.K.'            3 ? 
# 
_citation.abstract                  ? 
_citation.abstract_id_CAS           ? 
_citation.book_id_ISBN              ? 
_citation.book_publisher            ? 
_citation.book_publisher_city       ? 
_citation.book_title                ? 
_citation.coordinate_linkage        ? 
_citation.country                   UK 
_citation.database_id_Medline       ? 
_citation.details                   ? 
_citation.id                        primary 
_citation.journal_abbrev            Nature 
_citation.journal_id_ASTM           NATUAS 
_citation.journal_id_CSD            0006 
_citation.journal_id_ISSN           1476-4687 
_citation.journal_full              ? 
_citation.journal_issue             ? 
_citation.journal_volume            550 
_citation.language                  ? 
_citation.page_first                255 
_citation.page_last                 259 
_citation.title                     'Non-homeostatic body weight regulation through a brainstem-restricted receptor for GDF15.' 
_citation.year                      2017 
_citation.database_id_CSD           ? 
_citation.pdbx_database_id_DOI      10.1038/nature24042 
_citation.pdbx_database_id_PubMed   28953886 
_citation.unpublished_flag          ? 
# 
loop_
_citation_author.citation_id 
_citation_author.name 
_citation_author.ordinal 
_citation_author.identifier_ORCID 
primary 'Hsu, J.Y.'             1  ? 
primary 'Crawley, S.'           2  ? 
primary 'Chen, M.'              3  ? 
primary 'Ayupova, D.A.'         4  ? 
primary 'Lindhout, D.A.'        5  ? 
primary 'Higbee, J.'            6  ? 
primary 'Kutach, A.'            7  ? 
primary 'Joo, W.'               8  ? 
primary 'Gao, Z.'               9  ? 
primary 'Fu, D.'                10 ? 
primary 'To, C.'                11 ? 
primary 'Mondal, K.'            12 ? 
primary 'Li, B.'                13 ? 
primary 'Kekatpure, A.'         14 ? 
primary 'Wang, M.'              15 ? 
primary 'Laird, T.'             16 ? 
primary 'Horner, G.'            17 ? 
primary 'Chan, J.'              18 ? 
primary 'McEntee, M.'           19 ? 
primary 'Lopez, M.'             20 ? 
primary 'Lakshminarasimhan, D.' 21 ? 
primary 'White, A.'             22 ? 
primary 'Wang, S.P.'            23 ? 
primary 'Yao, J.'               24 ? 
primary 'Yie, J.'               25 ? 
primary 'Matern, H.'            26 ? 
primary 'Solloway, M.'          27 ? 
primary 'Haldankar, R.'         28 ? 
primary 'Parsons, T.'           29 ? 
primary 'Tang, J.'              30 ? 
primary 'Shen, W.D.'            31 ? 
primary 'Alice Chen, Y.'        32 ? 
primary 'Tian, H.'              33 ? 
primary 'Allan, B.B.'           34 ? 
# 
loop_
_entity.id 
_entity.type 
_entity.src_method 
_entity.pdbx_description 
_entity.formula_weight 
_entity.pdbx_number_of_molecules 
_entity.pdbx_ec 
_entity.pdbx_mutation 
_entity.pdbx_fragment 
_entity.details 
1 polymer man 'Growth/differentiation factor 15' 12303.248 1  ? ? 'UNP residues 197-308' ? 
2 water   nat water                              18.015    62 ? ? ?                      ? 
# 
_entity_name_com.entity_id   1 
_entity_name_com.name        
;GDF-15, Macrophage inhibitory cytokine 1, MIC-1, NSAID-activated gene 1 protein, NAG-1, NSAID-regulated gene 1 protein, NRG-1, Placental TGF-beta, Placental bone morphogenetic protein, Prostate differentiation factor
;
# 
_entity_poly.entity_id                      1 
_entity_poly.type                           'polypeptide(L)' 
_entity_poly.nstd_linkage                   no 
_entity_poly.nstd_monomer                   no 
_entity_poly.pdbx_seq_one_letter_code       
;ARNGDHCPLGPGRCCRLHTVRASLEDLGWADWVLSPREVQVTMCIGACPSQFRAANMHAQIKTSLHRLKPDTVPAPCCVP
ASYNPMVLIQKTDTGVSLQTYDDLLAKDCHCI
;
_entity_poly.pdbx_seq_one_letter_code_can   
;ARNGDHCPLGPGRCCRLHTVRASLEDLGWADWVLSPREVQVTMCIGACPSQFRAANMHAQIKTSLHRLKPDTVPAPCCVP
ASYNPMVLIQKTDTGVSLQTYDDLLAKDCHCI
;
_entity_poly.pdbx_strand_id                 A 
_entity_poly.pdbx_target_identifier         ? 
# 
_pdbx_entity_nonpoly.entity_id   2 
_pdbx_entity_nonpoly.name        water 
_pdbx_entity_nonpoly.comp_id     HOH 
# 
loop_
_entity_poly_seq.entity_id 
_entity_poly_seq.num 
_entity_poly_seq.mon_id 
_entity_poly_seq.hetero 
1 1   ALA n 
1 2   ARG n 
1 3   ASN n 
1 4   GLY n 
1 5   ASP n 
1 6   HIS n 
1 7   CYS n 
1 8   PRO n 
1 9   LEU n 
1 10  GLY n 
1 11  PRO n 
1 12  GLY n 
1 13  ARG n 
1 14  CYS n 
1 15  CYS n 
1 16  ARG n 
1 17  LEU n 
1 18  HIS n 
1 19  THR n 
1 20  VAL n 
1 21  ARG n 
1 22  ALA n 
1 23  SER n 
1 24  LEU n 
1 25  GLU n 
1 26  ASP n 
1 27  LEU n 
1 28  GLY n 
1 29  TRP n 
1 30  ALA n 
1 31  ASP n 
1 32  TRP n 
1 33  VAL n 
1 34  LEU n 
1 35  SER n 
1 36  PRO n 
1 37  ARG n 
1 38  GLU n 
1 39  VAL n 
1 40  GLN n 
1 41  VAL n 
1 42  THR n 
1 43  MET n 
1 44  CYS n 
1 45  ILE n 
1 46  GLY n 
1 47  ALA n 
1 48  CYS n 
1 49  PRO n 
1 50  SER n 
1 51  GLN n 
1 52  PHE n 
1 53  ARG n 
1 54  ALA n 
1 55  ALA n 
1 56  ASN n 
1 57  MET n 
1 58  HIS n 
1 59  ALA n 
1 60  GLN n 
1 61  ILE n 
1 62  LYS n 
1 63  THR n 
1 64  SER n 
1 65  LEU n 
1 66  HIS n 
1 67  ARG n 
1 68  LEU n 
1 69  LYS n 
1 70  PRO n 
1 71  ASP n 
1 72  THR n 
1 73  VAL n 
1 74  PRO n 
1 75  ALA n 
1 76  PRO n 
1 77  CYS n 
1 78  CYS n 
1 79  VAL n 
1 80  PRO n 
1 81  ALA n 
1 82  SER n 
1 83  TYR n 
1 84  ASN n 
1 85  PRO n 
1 86  MET n 
1 87  VAL n 
1 88  LEU n 
1 89  ILE n 
1 90  GLN n 
1 91  LYS n 
1 92  THR n 
1 93  ASP n 
1 94  THR n 
1 95  GLY n 
1 96  VAL n 
1 97  SER n 
1 98  LEU n 
1 99  GLN n 
1 100 THR n 
1 101 TYR n 
1 102 ASP n 
1 103 ASP n 
1 104 LEU n 
1 105 LEU n 
1 106 ALA n 
1 107 LYS n 
1 108 ASP n 
1 109 CYS n 
1 110 HIS n 
1 111 CYS n 
1 112 ILE n 
# 
_entity_src_gen.entity_id                          1 
_entity_src_gen.pdbx_src_id                        1 
_entity_src_gen.pdbx_alt_source_flag               sample 
_entity_src_gen.pdbx_seq_type                      'Biological sequence' 
_entity_src_gen.pdbx_beg_seq_num                   1 
_entity_src_gen.pdbx_end_seq_num                   112 
_entity_src_gen.gene_src_common_name               Human 
_entity_src_gen.gene_src_genus                     ? 
_entity_src_gen.pdbx_gene_src_gene                 'GDF15, MIC1, PDF, PLAB, PTGFB' 
_entity_src_gen.gene_src_species                   ? 
_entity_src_gen.gene_src_strain                    ? 
_entity_src_gen.gene_src_tissue                    ? 
_entity_src_gen.gene_src_tissue_fraction           ? 
_entity_src_gen.gene_src_details                   ? 
_entity_src_gen.pdbx_gene_src_fragment             ? 
_entity_src_gen.pdbx_gene_src_scientific_name      'Homo sapiens' 
_entity_src_gen.pdbx_gene_src_ncbi_taxonomy_id     9606 
_entity_src_gen.pdbx_gene_src_variant              ? 
_entity_src_gen.pdbx_gene_src_cell_line            ? 
_entity_src_gen.pdbx_gene_src_atcc                 ? 
_entity_src_gen.pdbx_gene_src_organ                ? 
_entity_src_gen.pdbx_gene_src_organelle            ? 
_entity_src_gen.pdbx_gene_src_cell                 ? 
_entity_src_gen.pdbx_gene_src_cellular_location    ? 
_entity_src_gen.host_org_common_name               Human 
_entity_src_gen.pdbx_host_org_scientific_name      'Homo sapiens' 
_entity_src_gen.pdbx_host_org_ncbi_taxonomy_id     9606 
_entity_src_gen.host_org_genus                     ? 
_entity_src_gen.pdbx_host_org_gene                 ? 
_entity_src_gen.pdbx_host_org_organ                ? 
_entity_src_gen.host_org_species                   ? 
_entity_src_gen.pdbx_host_org_tissue               ? 
_entity_src_gen.pdbx_host_org_tissue_fraction      ? 
_entity_src_gen.pdbx_host_org_strain               ? 
_entity_src_gen.pdbx_host_org_variant              ? 
_entity_src_gen.pdbx_host_org_cell_line            Expi293F 
_entity_src_gen.pdbx_host_org_atcc                 ? 
_entity_src_gen.pdbx_host_org_culture_collection   ? 
_entity_src_gen.pdbx_host_org_cell                 ? 
_entity_src_gen.pdbx_host_org_organelle            ? 
_entity_src_gen.pdbx_host_org_cellular_location    ? 
_entity_src_gen.pdbx_host_org_vector_type          ? 
_entity_src_gen.pdbx_host_org_vector               ? 
_entity_src_gen.host_org_details                   ? 
_entity_src_gen.expression_system_id               ? 
_entity_src_gen.plasmid_name                       ? 
_entity_src_gen.plasmid_details                    ? 
_entity_src_gen.pdbx_description                   ? 
# 
loop_
_chem_comp.id 
_chem_comp.type 
_chem_comp.mon_nstd_flag 
_chem_comp.name 
_chem_comp.pdbx_synonyms 
_chem_comp.formula 
_chem_comp.formula_weight 
ALA 'L-peptide linking' y ALANINE         ? 'C3 H7 N O2'     89.093  
ARG 'L-peptide linking' y ARGININE        ? 'C6 H15 N4 O2 1' 175.209 
ASN 'L-peptide linking' y ASPARAGINE      ? 'C4 H8 N2 O3'    132.118 
ASP 'L-peptide linking' y 'ASPARTIC ACID' ? 'C4 H7 N O4'     133.103 
CYS 'L-peptide linking' y CYSTEINE        ? 'C3 H7 N O2 S'   121.158 
GLN 'L-peptide linking' y GLUTAMINE       ? 'C5 H10 N2 O3'   146.144 
GLU 'L-peptide linking' y 'GLUTAMIC ACID' ? 'C5 H9 N O4'     147.129 
GLY 'peptide linking'   y GLYCINE         ? 'C2 H5 N O2'     75.067  
HIS 'L-peptide linking' y HISTIDINE       ? 'C6 H10 N3 O2 1' 156.162 
HOH non-polymer         . WATER           ? 'H2 O'           18.015  
ILE 'L-peptide linking' y ISOLEUCINE      ? 'C6 H13 N O2'    131.173 
LEU 'L-peptide linking' y LEUCINE         ? 'C6 H13 N O2'    131.173 
LYS 'L-peptide linking' y LYSINE          ? 'C6 H15 N2 O2 1' 147.195 
MET 'L-peptide linking' y METHIONINE      ? 'C5 H11 N O2 S'  149.211 
PHE 'L-peptide linking' y PHENYLALANINE   ? 'C9 H11 N O2'    165.189 
PRO 'L-peptide linking' y PROLINE         ? 'C5 H9 N O2'     115.130 
SER 'L-peptide linking' y SERINE          ? 'C3 H7 N O3'     105.093 
THR 'L-peptide linking' y THREONINE       ? 'C4 H9 N O3'     119.119 
TRP 'L-peptide linking' y TRYPTOPHAN      ? 'C11 H12 N2 O2'  204.225 
TYR 'L-peptide linking' y TYROSINE        ? 'C9 H11 N O3'    181.189 
VAL 'L-peptide linking' y VALINE          ? 'C5 H11 N O2'    117.146 
# 
loop_
_pdbx_poly_seq_scheme.asym_id 
_pdbx_poly_seq_scheme.entity_id 
_pdbx_poly_seq_scheme.seq_id 
_pdbx_poly_seq_scheme.mon_id 
_pdbx_poly_seq_scheme.ndb_seq_num 
_pdbx_poly_seq_scheme.pdb_seq_num 
_pdbx_poly_seq_scheme.auth_seq_num 
_pdbx_poly_seq_scheme.pdb_mon_id 
_pdbx_poly_seq_scheme.auth_mon_id 
_pdbx_poly_seq_scheme.pdb_strand_id 
_pdbx_poly_seq_scheme.pdb_ins_code 
_pdbx_poly_seq_scheme.hetero 
A 1 1   ALA 1   1   ?   ?   ?   A . n 
A 1 2   ARG 2   2   ?   ?   ?   A . n 
A 1 3   ASN 3   3   ?   ?   ?   A . n 
A 1 4   GLY 4   4   ?   ?   ?   A . n 
A 1 5   ASP 5   5   5   ASP ASP A . n 
A 1 6   HIS 6   6   6   HIS HIS A . n 
A 1 7   CYS 7   7   7   CYS CYS A . n 
A 1 8   PRO 8   8   8   PRO PRO A . n 
A 1 9   LEU 9   9   9   LEU LEU A . n 
A 1 10  GLY 10  10  10  GLY GLY A . n 
A 1 11  PRO 11  11  11  PRO PRO A . n 
A 1 12  GLY 12  12  12  GLY GLY A . n 
A 1 13  ARG 13  13  13  ARG ARG A . n 
A 1 14  CYS 14  14  14  CYS CYS A . n 
A 1 15  CYS 15  15  15  CYS CYS A . n 
A 1 16  ARG 16  16  16  ARG ARG A . n 
A 1 17  LEU 17  17  17  LEU LEU A . n 
A 1 18  HIS 18  18  18  HIS HIS A . n 
A 1 19  THR 19  19  19  THR THR A . n 
A 1 20  VAL 20  20  20  VAL VAL A . n 
A 1 21  ARG 21  21  21  ARG ARG A . n 
A 1 22  ALA 22  22  22  ALA ALA A . n 
A 1 23  SER 23  23  23  SER SER A . n 
A 1 24  LEU 24  24  24  LEU LEU A . n 
A 1 25  GLU 25  25  25  GLU GLU A . n 
A 1 26  ASP 26  26  26  ASP ASP A . n 
A 1 27  LEU 27  27  27  LEU LEU A . n 
A 1 28  GLY 28  28  28  GLY GLY A . n 
A 1 29  TRP 29  29  29  TRP TRP A . n 
A 1 30  ALA 30  30  30  ALA ALA A . n 
A 1 31  ASP 31  31  31  ASP ASP A . n 
A 1 32  TRP 32  32  32  TRP TRP A . n 
A 1 33  VAL 33  33  33  VAL VAL A . n 
A 1 34  LEU 34  34  34  LEU LEU A . n 
A 1 35  SER 35  35  35  SER SER A . n 
A 1 36  PRO 36  36  36  PRO PRO A . n 
A 1 37  ARG 37  37  37  ARG ARG A . n 
A 1 38  GLU 38  38  38  GLU GLU A . n 
A 1 39  VAL 39  39  39  VAL VAL A . n 
A 1 40  GLN 40  40  40  GLN GLN A . n 
A 1 41  VAL 41  41  41  VAL VAL A . n 
A 1 42  THR 42  42  42  THR THR A . n 
A 1 43  MET 43  43  43  MET MET A . n 
A 1 44  CYS 44  44  44  CYS CYS A . n 
A 1 45  ILE 45  45  45  ILE ILE A . n 
A 1 46  GLY 46  46  46  GLY GLY A . n 
A 1 47  ALA 47  47  47  ALA ALA A . n 
A 1 48  CYS 48  48  48  CYS CYS A . n 
A 1 49  PRO 49  49  49  PRO PRO A . n 
A 1 50  SER 50  50  50  SER SER A . n 
A 1 51  GLN 51  51  51  GLN GLN A . n 
A 1 52  PHE 52  52  52  PHE PHE A . n 
A 1 53  ARG 53  53  53  ARG ARG A . n 
A 1 54  ALA 54  54  54  ALA ALA A . n 
A 1 55  ALA 55  55  55  ALA ALA A . n 
A 1 56  ASN 56  56  56  ASN ASN A . n 
A 1 57  MET 57  57  57  MET MET A . n 
A 1 58  HIS 58  58  58  HIS HIS A . n 
A 1 59  ALA 59  59  59  ALA ALA A . n 
A 1 60  GLN 60  60  60  GLN GLN A . n 
A 1 61  ILE 61  61  61  ILE ILE A . n 
A 1 62  LYS 62  62  62  LYS LYS A . n 
A 1 63  THR 63  63  63  THR THR A . n 
A 1 64  SER 64  64  64  SER SER A . n 
A 1 65  LEU 65  65  65  LEU LEU A . n 
A 1 66  HIS 66  66  66  HIS HIS A . n 
A 1 67  ARG 67  67  67  ARG ARG A . n 
A 1 68  LEU 68  68  68  LEU LEU A . n 
A 1 69  LYS 69  69  69  LYS LYS A . n 
A 1 70  PRO 70  70  70  PRO PRO A . n 
A 1 71  ASP 71  71  71  ASP ASP A . n 
A 1 72  THR 72  72  72  THR THR A . n 
A 1 73  VAL 73  73  73  VAL VAL A . n 
A 1 74  PRO 74  74  74  PRO PRO A . n 
A 1 75  ALA 75  75  75  ALA ALA A . n 
A 1 76  PRO 76  76  76  PRO PRO A . n 
A 1 77  CYS 77  77  77  CYS CYS A . n 
A 1 78  CYS 78  78  78  CYS CYS A . n 
A 1 79  VAL 79  79  79  VAL VAL A . n 
A 1 80  PRO 80  80  80  PRO PRO A . n 
A 1 81  ALA 81  81  81  ALA ALA A . n 
A 1 82  SER 82  82  82  SER SER A . n 
A 1 83  TYR 83  83  83  TYR TYR A . n 
A 1 84  ASN 84  84  84  ASN ASN A . n 
A 1 85  PRO 85  85  85  PRO PRO A . n 
A 1 86  MET 86  86  86  MET MET A . n 
A 1 87  VAL 87  87  87  VAL VAL A . n 
A 1 88  LEU 88  88  88  LEU LEU A . n 
A 1 89  ILE 89  89  89  ILE ILE A . n 
A 1 90  GLN 90  90  90  GLN GLN A . n 
A 1 91  LYS 91  91  91  LYS LYS A . n 
A 1 92  THR 92  92  92  THR THR A . n 
A 1 93  ASP 93  93  93  ASP ASP A . n 
A 1 94  THR 94  94  94  THR THR A . n 
A 1 95  GLY 95  95  95  GLY GLY A . n 
A 1 96  VAL 96  96  96  VAL VAL A . n 
A 1 97  SER 97  97  97  SER SER A . n 
A 1 98  LEU 98  98  98  LEU LEU A . n 
A 1 99  GLN 99  99  99  GLN GLN A . n 
A 1 100 THR 100 100 100 THR THR A . n 
A 1 101 TYR 101 101 101 TYR TYR A . n 
A 1 102 ASP 102 102 102 ASP ASP A . n 
A 1 103 ASP 103 103 103 ASP ASP A . n 
A 1 104 LEU 104 104 104 LEU LEU A . n 
A 1 105 LEU 105 105 105 LEU LEU A . n 
A 1 106 ALA 106 106 106 ALA ALA A . n 
A 1 107 LYS 107 107 107 LYS LYS A . n 
A 1 108 ASP 108 108 108 ASP ASP A . n 
A 1 109 CYS 109 109 109 CYS CYS A . n 
A 1 110 HIS 110 110 110 HIS HIS A . n 
A 1 111 CYS 111 111 111 CYS CYS A . n 
A 1 112 ILE 112 112 112 ILE ILE A . n 
# 
loop_
_pdbx_nonpoly_scheme.asym_id 
_pdbx_nonpoly_scheme.entity_id 
_pdbx_nonpoly_scheme.mon_id 
_pdbx_nonpoly_scheme.ndb_seq_num 
_pdbx_nonpoly_scheme.pdb_seq_num 
_pdbx_nonpoly_scheme.auth_seq_num 
_pdbx_nonpoly_scheme.pdb_mon_id 
_pdbx_nonpoly_scheme.auth_mon_id 
_pdbx_nonpoly_scheme.pdb_strand_id 
_pdbx_nonpoly_scheme.pdb_ins_code 
B 2 HOH 1  201 23 HOH HOH A . 
B 2 HOH 2  202 17 HOH HOH A . 
B 2 HOH 3  203 48 HOH HOH A . 
B 2 HOH 4  204 49 HOH HOH A . 
B 2 HOH 5  205 28 HOH HOH A . 
B 2 HOH 6  206 22 HOH HOH A . 
B 2 HOH 7  207 62 HOH HOH A . 
B 2 HOH 8  208 18 HOH HOH A . 
B 2 HOH 9  209 41 HOH HOH A . 
B 2 HOH 10 210 5  HOH HOH A . 
B 2 HOH 11 211 31 HOH HOH A . 
B 2 HOH 12 212 14 HOH HOH A . 
B 2 HOH 13 213 24 HOH HOH A . 
B 2 HOH 14 214 40 HOH HOH A . 
B 2 HOH 15 215 59 HOH HOH A . 
B 2 HOH 16 216 3  HOH HOH A . 
B 2 HOH 17 217 2  HOH HOH A . 
B 2 HOH 18 218 35 HOH HOH A . 
B 2 HOH 19 219 6  HOH HOH A . 
B 2 HOH 20 220 39 HOH HOH A . 
B 2 HOH 21 221 45 HOH HOH A . 
B 2 HOH 22 222 51 HOH HOH A . 
B 2 HOH 23 223 33 HOH HOH A . 
B 2 HOH 24 224 34 HOH HOH A . 
B 2 HOH 25 225 9  HOH HOH A . 
B 2 HOH 26 226 60 HOH HOH A . 
B 2 HOH 27 227 1  HOH HOH A . 
B 2 HOH 28 228 11 HOH HOH A . 
B 2 HOH 29 229 29 HOH HOH A . 
B 2 HOH 30 230 46 HOH HOH A . 
B 2 HOH 31 231 30 HOH HOH A . 
B 2 HOH 32 232 16 HOH HOH A . 
B 2 HOH 33 233 50 HOH HOH A . 
B 2 HOH 34 234 7  HOH HOH A . 
B 2 HOH 35 235 8  HOH HOH A . 
B 2 HOH 36 236 12 HOH HOH A . 
B 2 HOH 37 237 20 HOH HOH A . 
B 2 HOH 38 238 38 HOH HOH A . 
B 2 HOH 39 239 4  HOH HOH A . 
B 2 HOH 40 240 26 HOH HOH A . 
B 2 HOH 41 241 44 HOH HOH A . 
B 2 HOH 42 242 10 HOH HOH A . 
B 2 HOH 43 243 13 HOH HOH A . 
B 2 HOH 44 244 32 HOH HOH A . 
B 2 HOH 45 245 52 HOH HOH A . 
B 2 HOH 46 246 42 HOH HOH A . 
B 2 HOH 47 247 37 HOH HOH A . 
B 2 HOH 48 248 15 HOH HOH A . 
B 2 HOH 49 249 43 HOH HOH A . 
B 2 HOH 50 250 25 HOH HOH A . 
B 2 HOH 51 251 21 HOH HOH A . 
B 2 HOH 52 252 61 HOH HOH A . 
B 2 HOH 53 253 57 HOH HOH A . 
B 2 HOH 54 254 56 HOH HOH A . 
B 2 HOH 55 255 54 HOH HOH A . 
B 2 HOH 56 256 47 HOH HOH A . 
B 2 HOH 57 257 58 HOH HOH A . 
B 2 HOH 58 258 53 HOH HOH A . 
B 2 HOH 59 259 27 HOH HOH A . 
B 2 HOH 60 260 19 HOH HOH A . 
B 2 HOH 61 261 36 HOH HOH A . 
B 2 HOH 62 262 55 HOH HOH A . 
# 
loop_
_software.citation_id 
_software.classification 
_software.compiler_name 
_software.compiler_version 
_software.contact_author 
_software.contact_author_email 
_software.date 
_software.description 
_software.dependencies 
_software.hardware 
_software.language 
_software.location 
_software.mods 
_software.name 
_software.os 
_software.os_version 
_software.type 
_software.version 
_software.pdbx_ordinal 
? refinement        ? ? ? ? ? ? ? ? ? ? ? REFMAC      ? ? ? .    1 
? 'data scaling'    ? ? ? ? ? ? ? ? ? ? ? SCALEPACK   ? ? ? .    2 
? 'data extraction' ? ? ? ? ? ? ? ? ? ? ? PDB_EXTRACT ? ? ? 3.22 3 
? phasing           ? ? ? ? ? ? ? ? ? ? ? SHELX       ? ? ? .    4 
? phasing           ? ? ? ? ? ? ? ? ? ? ? PHASER      ? ? ? .    5 
? 'data reduction'  ? ? ? ? ? ? ? ? ? ? ? HKL-2000    ? ? ? .    6 
# 
_cell.length_a           49.964 
_cell.length_b           123.020 
_cell.length_c           41.698 
_cell.angle_alpha        90.000 
_cell.angle_beta         90.000 
_cell.angle_gamma        90.000 
_cell.entry_id           5VZ3 
_cell.Z_PDB              8 
_cell.pdbx_unique_axis   ? 
# 
_symmetry.space_group_name_H-M             'C 2 2 2' 
_symmetry.entry_id                         5VZ3 
_symmetry.Int_Tables_number                21 
_symmetry.pdbx_full_space_group_name_H-M   ? 
_symmetry.cell_setting                     ? 
# 
_exptl.absorpt_coefficient_mu     ? 
_exptl.absorpt_correction_T_max   ? 
_exptl.absorpt_correction_T_min   ? 
_exptl.absorpt_correction_type    ? 
_exptl.absorpt_process_details    ? 
_exptl.entry_id                   5VZ3 
_exptl.crystals_number            1 
_exptl.details                    ? 
_exptl.method                     'X-RAY DIFFRACTION' 
_exptl.method_details             ? 
# 
_exptl_crystal.colour                      ? 
_exptl_crystal.density_diffrn              ? 
_exptl_crystal.density_Matthews            2.69 
_exptl_crystal.density_method              ? 
_exptl_crystal.density_percent_sol         54.30 
_exptl_crystal.description                 ? 
_exptl_crystal.F_000                       ? 
_exptl_crystal.id                          1 
_exptl_crystal.preparation                 ? 
_exptl_crystal.size_max                    ? 
_exptl_crystal.size_mid                    ? 
_exptl_crystal.size_min                    ? 
_exptl_crystal.size_rad                    ? 
_exptl_crystal.colour_lustre               ? 
_exptl_crystal.colour_modifier             ? 
_exptl_crystal.colour_primary              ? 
_exptl_crystal.density_meas                ? 
_exptl_crystal.density_meas_esd            ? 
_exptl_crystal.density_meas_gt             ? 
_exptl_crystal.density_meas_lt             ? 
_exptl_crystal.density_meas_temp           ? 
_exptl_crystal.density_meas_temp_esd       ? 
_exptl_crystal.density_meas_temp_gt        ? 
_exptl_crystal.density_meas_temp_lt        ? 
_exptl_crystal.pdbx_crystal_image_url      ? 
_exptl_crystal.pdbx_crystal_image_format   ? 
_exptl_crystal.pdbx_mosaicity              ? 
_exptl_crystal.pdbx_mosaicity_esd          ? 
# 
_exptl_crystal_grow.apparatus       ? 
_exptl_crystal_grow.atmosphere      ? 
_exptl_crystal_grow.crystal_id      1 
_exptl_crystal_grow.details         ? 
_exptl_crystal_grow.method          'VAPOR DIFFUSION, SITTING DROP' 
_exptl_crystal_grow.method_ref      ? 
_exptl_crystal_grow.pH              4.0 
_exptl_crystal_grow.pressure        ? 
_exptl_crystal_grow.pressure_esd    ? 
_exptl_crystal_grow.seeding         ? 
_exptl_crystal_grow.seeding_ref     ? 
_exptl_crystal_grow.temp            298 
_exptl_crystal_grow.temp_details    ? 
_exptl_crystal_grow.temp_esd        ? 
_exptl_crystal_grow.time            ? 
_exptl_crystal_grow.pdbx_details    '25% v/v MPD, 0.1 M sodium citrate, pH 4.0, 10 mM ATP' 
_exptl_crystal_grow.pdbx_pH_range   ? 
# 
_diffrn.ambient_environment    ? 
_diffrn.ambient_temp           100 
_diffrn.ambient_temp_details   ? 
_diffrn.ambient_temp_esd       ? 
_diffrn.crystal_id             1 
_diffrn.crystal_support        ? 
_diffrn.crystal_treatment      ? 
_diffrn.details                ? 
_diffrn.id                     1 
_diffrn.ambient_pressure       ? 
_diffrn.ambient_pressure_esd   ? 
_diffrn.ambient_pressure_gt    ? 
_diffrn.ambient_pressure_lt    ? 
_diffrn.ambient_temp_gt        ? 
_diffrn.ambient_temp_lt        ? 
# 
_diffrn_detector.details                      ? 
_diffrn_detector.detector                     CCD 
_diffrn_detector.diffrn_id                    1 
_diffrn_detector.type                         'ADSC QUANTUM 315' 
_diffrn_detector.area_resol_mean              ? 
_diffrn_detector.dtime                        ? 
_diffrn_detector.pdbx_frames_total            ? 
_diffrn_detector.pdbx_collection_time_total   ? 
_diffrn_detector.pdbx_collection_date         2013-09-18 
# 
_diffrn_radiation.collimation                      ? 
_diffrn_radiation.diffrn_id                        1 
_diffrn_radiation.filter_edge                      ? 
_diffrn_radiation.inhomogeneity                    ? 
_diffrn_radiation.monochromator                    'double crystal' 
_diffrn_radiation.polarisn_norm                    ? 
_diffrn_radiation.polarisn_ratio                   ? 
_diffrn_radiation.probe                            ? 
_diffrn_radiation.type                             ? 
_diffrn_radiation.xray_symbol                      ? 
_diffrn_radiation.wavelength_id                    1 
_diffrn_radiation.pdbx_monochromatic_or_laue_m_l   M 
_diffrn_radiation.pdbx_wavelength_list             ? 
_diffrn_radiation.pdbx_wavelength                  ? 
_diffrn_radiation.pdbx_diffrn_protocol             'SINGLE WAVELENGTH' 
_diffrn_radiation.pdbx_analyzer                    ? 
_diffrn_radiation.pdbx_scattering_type             x-ray 
# 
_diffrn_radiation_wavelength.id           1 
_diffrn_radiation_wavelength.wavelength   1.7430 
_diffrn_radiation_wavelength.wt           1.0 
# 
_diffrn_source.current                     ? 
_diffrn_source.details                     ? 
_diffrn_source.diffrn_id                   1 
_diffrn_source.power                       ? 
_diffrn_source.size                        ? 
_diffrn_source.source                      SYNCHROTRON 
_diffrn_source.target                      ? 
_diffrn_source.type                        'NSLS BEAMLINE X29A' 
_diffrn_source.voltage                     ? 
_diffrn_source.take-off_angle              ? 
_diffrn_source.pdbx_wavelength_list        1.7430 
_diffrn_source.pdbx_wavelength             ? 
_diffrn_source.pdbx_synchrotron_beamline   X29A 
_diffrn_source.pdbx_synchrotron_site       NSLS 
# 
_reflns.entry_id                     5VZ3 
_reflns.pdbx_diffrn_id               1 
_reflns.pdbx_ordinal                 1 
_reflns.observed_criterion_sigma_I   ? 
_reflns.observed_criterion_sigma_F   ? 
_reflns.d_resolution_low             50.000 
_reflns.d_resolution_high            1.970 
_reflns.number_obs                   9013 
_reflns.number_all                   ? 
_reflns.percent_possible_obs         95.300 
_reflns.pdbx_Rmerge_I_obs            0.082 
_reflns.pdbx_Rsym_value              ? 
_reflns.pdbx_netI_over_sigmaI        14.200 
_reflns.B_iso_Wilson_estimate        ? 
_reflns.pdbx_redundancy              42.700 
_reflns.pdbx_Rrim_I_all              ? 
_reflns.pdbx_Rpim_I_all              ? 
_reflns.pdbx_CC_half                 ? 
_reflns.pdbx_netI_over_av_sigmaI     ? 
_reflns.pdbx_number_measured_all     384897 
_reflns.pdbx_scaling_rejects         ? 
_reflns.pdbx_chi_squared             1.045 
_reflns.Rmerge_F_all                 ? 
_reflns.Rmerge_F_obs                 ? 
_reflns.observed_criterion_F_max     ? 
_reflns.observed_criterion_F_min     ? 
_reflns.observed_criterion_I_max     ? 
_reflns.observed_criterion_I_min     ? 
_reflns.pdbx_d_res_high_opt          ? 
_reflns.pdbx_d_res_low_opt           ? 
_reflns.details                      ? 
# 
loop_
_reflns_shell.pdbx_diffrn_id 
_reflns_shell.pdbx_ordinal 
_reflns_shell.d_res_high 
_reflns_shell.d_res_low 
_reflns_shell.number_measured_obs 
_reflns_shell.number_measured_all 
_reflns_shell.number_unique_obs 
_reflns_shell.pdbx_rejects 
_reflns_shell.Rmerge_I_obs 
_reflns_shell.meanI_over_sigI_obs 
_reflns_shell.pdbx_Rsym_value 
_reflns_shell.pdbx_chi_squared 
_reflns_shell.pdbx_redundancy 
_reflns_shell.percent_possible_obs 
_reflns_shell.pdbx_netI_over_sigmaI_obs 
_reflns_shell.number_possible 
_reflns_shell.number_unique_all 
_reflns_shell.Rmerge_F_all 
_reflns_shell.Rmerge_F_obs 
_reflns_shell.Rmerge_I_all 
_reflns_shell.meanI_over_sigI_all 
_reflns_shell.percent_possible_all 
_reflns_shell.pdbx_Rrim_I_all 
_reflns_shell.pdbx_Rpim_I_all 
_reflns_shell.pdbx_CC_half 
1 1  1.970 2.040  ? ? ? ? 0.371 ? ? 1.094 8.500  ? ? ? 656  ? ? ? ? 72.000  ? ? ? 
1 2  2.040 2.120  ? ? ? ? 0.484 ? ? 1.091 21.600 ? ? ? 788  ? ? ? ? 84.500  ? ? ? 
1 3  2.120 2.220  ? ? ? ? 0.383 ? ? 0.982 32.500 ? ? ? 897  ? ? ? ? 96.200  ? ? ? 
1 4  2.220 2.340  ? ? ? ? 0.305 ? ? 1.006 42.300 ? ? ? 912  ? ? ? ? 99.600  ? ? ? 
1 5  2.340 2.480  ? ? ? ? 0.221 ? ? 1.067 49.500 ? ? ? 947  ? ? ? ? 100.000 ? ? ? 
1 6  2.480 2.670  ? ? ? ? 0.166 ? ? 1.068 52.400 ? ? ? 934  ? ? ? ? 100.000 ? ? ? 
1 7  2.670 2.940  ? ? ? ? 0.117 ? ? 1.046 52.500 ? ? ? 949  ? ? ? ? 100.000 ? ? ? 
1 8  2.940 3.370  ? ? ? ? 0.096 ? ? 1.058 52.400 ? ? ? 940  ? ? ? ? 100.000 ? ? ? 
1 9  3.370 4.240  ? ? ? ? 0.074 ? ? 1.007 50.700 ? ? ? 971  ? ? ? ? 100.000 ? ? ? 
1 10 4.240 50.000 ? ? ? ? 0.060 ? ? 1.067 49.400 ? ? ? 1019 ? ? ? ? 99.000  ? ? ? 
# 
_refine.entry_id                                 5VZ3 
_refine.pdbx_refine_id                           'X-RAY DIFFRACTION' 
_refine.ls_d_res_high                            1.9700 
_refine.ls_d_res_low                             41.7000 
_refine.pdbx_ls_sigma_F                          0.000 
_refine.pdbx_data_cutoff_high_absF               ? 
_refine.pdbx_data_cutoff_low_absF                ? 
_refine.ls_percent_reflns_obs                    95.2400 
_refine.ls_number_reflns_obs                     8576 
_refine.ls_number_reflns_all                     ? 
_refine.pdbx_ls_cross_valid_method               THROUGHOUT 
_refine.ls_matrix_type                           ? 
_refine.pdbx_R_Free_selection_details            RANDOM 
_refine.details                                  'HYDROGENS HAVE BEEN ADDED IN THE RIDING POSITIONS' 
_refine.ls_R_factor_all                          ? 
_refine.ls_R_factor_obs                          0.1961 
_refine.ls_R_factor_R_work                       0.1935 
_refine.ls_wR_factor_R_work                      0.2091 
_refine.ls_R_factor_R_free                       0.2483 
_refine.ls_wR_factor_R_free                      0.2563 
_refine.ls_percent_reflns_R_free                 4.8000 
_refine.ls_number_reflns_R_free                  437 
_refine.ls_number_reflns_R_work                  ? 
_refine.ls_R_factor_R_free_error                 ? 
_refine.B_iso_mean                               52.4680 
_refine.solvent_model_param_bsol                 ? 
_refine.solvent_model_param_ksol                 ? 
_refine.pdbx_isotropic_thermal_model             ? 
_refine.aniso_B[1][1]                            0.0700 
_refine.aniso_B[2][2]                            -0.0000 
_refine.aniso_B[3][3]                            -0.0700 
_refine.aniso_B[1][2]                            0.0000 
_refine.aniso_B[1][3]                            -0.0000 
_refine.aniso_B[2][3]                            0.0000 
_refine.correlation_coeff_Fo_to_Fc               0.9640 
_refine.correlation_coeff_Fo_to_Fc_free          0.9440 
_refine.overall_SU_R_Cruickshank_DPI             0.1675 
_refine.pdbx_overall_SU_R_free_Cruickshank_DPI   ? 
_refine.pdbx_overall_SU_R_Blow_DPI               ? 
_refine.pdbx_overall_SU_R_free_Blow_DPI          ? 
_refine.overall_SU_R_free                        0.1638 
_refine.pdbx_overall_ESU_R                       0.1680 
_refine.pdbx_overall_ESU_R_Free                  0.1640 
_refine.overall_SU_ML                            0.1260 
_refine.overall_SU_B                             4.6210 
_refine.solvent_model_details                    MASK 
_refine.pdbx_solvent_vdw_probe_radii             1.2000 
_refine.pdbx_solvent_ion_probe_radii             0.8000 
_refine.pdbx_solvent_shrinkage_radii             0.8000 
_refine.ls_number_parameters                     ? 
_refine.ls_number_restraints                     ? 
_refine.pdbx_starting_model                      ? 
_refine.pdbx_method_to_determine_struct          SAD 
_refine.pdbx_stereochemistry_target_values       'MAXIMUM LIKELIHOOD' 
_refine.pdbx_stereochem_target_val_spec_case     ? 
_refine.overall_FOM_work_R_set                   0.8017 
_refine.B_iso_max                                133.060 
_refine.B_iso_min                                27.540 
_refine.pdbx_overall_phase_error                 ? 
_refine.occupancy_max                            ? 
_refine.occupancy_min                            ? 
_refine.pdbx_diffrn_id                           1 
_refine.pdbx_TLS_residual_ADP_flag               ? 
_refine.pdbx_ls_sigma_I                          ? 
_refine.pdbx_data_cutoff_high_rms_absF           ? 
_refine.ls_R_factor_R_free_error_details         ? 
# 
_refine_hist.cycle_id                         final 
_refine_hist.pdbx_refine_id                   'X-RAY DIFFRACTION' 
_refine_hist.d_res_high                       1.9700 
_refine_hist.d_res_low                        41.7000 
_refine_hist.pdbx_number_atoms_ligand         0 
_refine_hist.number_atoms_solvent             62 
_refine_hist.number_atoms_total               888 
_refine_hist.pdbx_number_residues_total       108 
_refine_hist.pdbx_B_iso_mean_solvent          55.41 
_refine_hist.pdbx_number_atoms_protein        826 
_refine_hist.pdbx_number_atoms_nucleic_acid   0 
# 
loop_
_refine_ls_restr.pdbx_refine_id 
_refine_ls_restr.type 
_refine_ls_restr.number 
_refine_ls_restr.dev_ideal 
_refine_ls_restr.dev_ideal_target 
_refine_ls_restr.weight 
_refine_ls_restr.pdbx_restraint_function 
'X-RAY DIFFRACTION' r_bond_refined_d       864  0.019  0.019  ? ? 
'X-RAY DIFFRACTION' r_bond_other_d         810  0.002  0.020  ? ? 
'X-RAY DIFFRACTION' r_angle_refined_deg    1183 1.928  1.957  ? ? 
'X-RAY DIFFRACTION' r_angle_other_deg      1876 1.020  3.000  ? ? 
'X-RAY DIFFRACTION' r_dihedral_angle_1_deg 111  6.857  5.000  ? ? 
'X-RAY DIFFRACTION' r_dihedral_angle_2_deg 33   34.681 23.333 ? ? 
'X-RAY DIFFRACTION' r_dihedral_angle_3_deg 139  15.523 15.000 ? ? 
'X-RAY DIFFRACTION' r_dihedral_angle_4_deg 6    13.531 15.000 ? ? 
'X-RAY DIFFRACTION' r_chiral_restr         135  0.111  0.200  ? ? 
'X-RAY DIFFRACTION' r_gen_planes_refined   967  0.008  0.021  ? ? 
'X-RAY DIFFRACTION' r_gen_planes_other     185  0.001  0.020  ? ? 
# 
_refine_ls_shell.d_res_high                       1.9700 
_refine_ls_shell.d_res_low                        2.0210 
_refine_ls_shell.pdbx_total_number_of_bins_used   20 
_refine_ls_shell.percent_reflns_obs               69.1100 
_refine_ls_shell.number_reflns_R_work             444 
_refine_ls_shell.R_factor_all                     ? 
_refine_ls_shell.R_factor_R_work                  0.2810 
_refine_ls_shell.R_factor_R_free                  0.4710 
_refine_ls_shell.percent_reflns_R_free            ? 
_refine_ls_shell.number_reflns_R_free             28 
_refine_ls_shell.R_factor_R_free_error            0.0000 
_refine_ls_shell.number_reflns_all                472 
_refine_ls_shell.number_reflns_obs                ? 
_refine_ls_shell.pdbx_refine_id                   'X-RAY DIFFRACTION' 
# 
_struct.entry_id                     5VZ3 
_struct.title                        'Growth Factor Crystal Structure at 1.97 Angstrom Resolution' 
_struct.pdbx_model_details           ? 
_struct.pdbx_formula_weight          ? 
_struct.pdbx_formula_weight_method   ? 
_struct.pdbx_model_type_details      ? 
_struct.pdbx_CASP_flag               N 
# 
_struct_keywords.entry_id        5VZ3 
_struct_keywords.text            'Growth Factor, SIGNALING PROTEIN' 
_struct_keywords.pdbx_keywords   'SIGNALING PROTEIN' 
# 
loop_
_struct_asym.id 
_struct_asym.pdbx_blank_PDB_chainid_flag 
_struct_asym.pdbx_modified 
_struct_asym.entity_id 
_struct_asym.details 
A N N 1 ? 
B N N 2 ? 
# 
_struct_ref.id                         1 
_struct_ref.db_name                    UNP 
_struct_ref.db_code                    GDF15_HUMAN 
_struct_ref.pdbx_db_accession          Q99988 
_struct_ref.pdbx_db_isoform            ? 
_struct_ref.entity_id                  1 
_struct_ref.pdbx_seq_one_letter_code   
;ARNGDHCPLGPGRCCRLHTVRASLEDLGWADWVLSPREVQVTMCIGACPSQFRAANMHAQIKTSLHRLKPDTVPAPCCVP
ASYNPMVLIQKTDTGVSLQTYDDLLAKDCHCI
;
_struct_ref.pdbx_align_begin           197 
# 
_struct_ref_seq.align_id                      1 
_struct_ref_seq.ref_id                        1 
_struct_ref_seq.pdbx_PDB_id_code              5VZ3 
_struct_ref_seq.pdbx_strand_id                A 
_struct_ref_seq.seq_align_beg                 1 
_struct_ref_seq.pdbx_seq_align_beg_ins_code   ? 
_struct_ref_seq.seq_align_end                 112 
_struct_ref_seq.pdbx_seq_align_end_ins_code   ? 
_struct_ref_seq.pdbx_db_accession             Q99988 
_struct_ref_seq.db_align_beg                  197 
_struct_ref_seq.pdbx_db_align_beg_ins_code    ? 
_struct_ref_seq.db_align_end                  308 
_struct_ref_seq.pdbx_db_align_end_ins_code    ? 
_struct_ref_seq.pdbx_auth_seq_align_beg       1 
_struct_ref_seq.pdbx_auth_seq_align_end       112 
# 
_pdbx_struct_assembly.id                   1 
_pdbx_struct_assembly.details              author_and_software_defined_assembly 
_pdbx_struct_assembly.method_details       PISA 
_pdbx_struct_assembly.oligomeric_details   dimeric 
_pdbx_struct_assembly.oligomeric_count     2 
# 
loop_
_pdbx_struct_assembly_prop.biol_id 
_pdbx_struct_assembly_prop.type 
_pdbx_struct_assembly_prop.value 
_pdbx_struct_assembly_prop.details 
1 'ABSA (A^2)' 2660  ? 
1 MORE         -28   ? 
1 'SSA (A^2)'  11770 ? 
# 
_pdbx_struct_assembly_gen.assembly_id       1 
_pdbx_struct_assembly_gen.oper_expression   1,2 
_pdbx_struct_assembly_gen.asym_id_list      A,B 
# 
_pdbx_struct_assembly_auth_evidence.id                     1 
_pdbx_struct_assembly_auth_evidence.assembly_id            1 
_pdbx_struct_assembly_auth_evidence.experimental_support   'gel filtration' 
_pdbx_struct_assembly_auth_evidence.details                ? 
# 
loop_
_pdbx_struct_oper_list.id 
_pdbx_struct_oper_list.type 
_pdbx_struct_oper_list.name 
_pdbx_struct_oper_list.symmetry_operation 
_pdbx_struct_oper_list.matrix[1][1] 
_pdbx_struct_oper_list.matrix[1][2] 
_pdbx_struct_oper_list.matrix[1][3] 
_pdbx_struct_oper_list.vector[1] 
_pdbx_struct_oper_list.matrix[2][1] 
_pdbx_struct_oper_list.matrix[2][2] 
_pdbx_struct_oper_list.matrix[2][3] 
_pdbx_struct_oper_list.vector[2] 
_pdbx_struct_oper_list.matrix[3][1] 
_pdbx_struct_oper_list.matrix[3][2] 
_pdbx_struct_oper_list.matrix[3][3] 
_pdbx_struct_oper_list.vector[3] 
1 'identity operation'         1_555 x,y,z     1.0000000000 0.0000000000 0.0000000000 0.0000000000  0.0000000000 1.0000000000  0.0000000000 0.0000000000  0.0000000000 0.0000000000 1.0000000000  0.0000000000  
2 'crystal symmetry operation' 3_655 -x+1,y,-z 0.5332394982 0.8048694028 0.2604628225 -7.3736680831 0.8048694028 -0.5774862594 0.1367291651 10.4686568348 0.2604628225 0.1367291651 -0.9557532388 11.0560791298 
# 
_struct_conf.conf_type_id            HELX_P 
_struct_conf.id                      HELX_P1 
_struct_conf.pdbx_PDB_helix_id       AA1 
_struct_conf.beg_label_comp_id       ASN 
_struct_conf.beg_label_asym_id       A 
_struct_conf.beg_label_seq_id        56 
_struct_conf.pdbx_beg_PDB_ins_code   ? 
_struct_conf.end_label_comp_id       LYS 
_struct_conf.end_label_asym_id       A 
_struct_conf.end_label_seq_id        69 
_struct_conf.pdbx_end_PDB_ins_code   ? 
_struct_conf.beg_auth_comp_id        ASN 
_struct_conf.beg_auth_asym_id        A 
_struct_conf.beg_auth_seq_id         56 
_struct_conf.end_auth_comp_id        LYS 
_struct_conf.end_auth_asym_id        A 
_struct_conf.end_auth_seq_id         69 
_struct_conf.pdbx_PDB_helix_class    1 
_struct_conf.details                 ? 
_struct_conf.pdbx_PDB_helix_length   14 
# 
_struct_conf_type.id          HELX_P 
_struct_conf_type.criteria    ? 
_struct_conf_type.reference   ? 
# 
loop_
_struct_conn.id 
_struct_conn.conn_type_id 
_struct_conn.pdbx_leaving_atom_flag 
_struct_conn.pdbx_PDB_id 
_struct_conn.ptnr1_label_asym_id 
_struct_conn.ptnr1_label_comp_id 
_struct_conn.ptnr1_label_seq_id 
_struct_conn.ptnr1_label_atom_id 
_struct_conn.pdbx_ptnr1_label_alt_id 
_struct_conn.pdbx_ptnr1_PDB_ins_code 
_struct_conn.pdbx_ptnr1_standard_comp_id 
_struct_conn.ptnr1_symmetry 
_struct_conn.ptnr2_label_asym_id 
_struct_conn.ptnr2_label_comp_id 
_struct_conn.ptnr2_label_seq_id 
_struct_conn.ptnr2_label_atom_id 
_struct_conn.pdbx_ptnr2_label_alt_id 
_struct_conn.pdbx_ptnr2_PDB_ins_code 
_struct_conn.ptnr1_auth_asym_id 
_struct_conn.ptnr1_auth_comp_id 
_struct_conn.ptnr1_auth_seq_id 
_struct_conn.ptnr2_auth_asym_id 
_struct_conn.ptnr2_auth_comp_id 
_struct_conn.ptnr2_auth_seq_id 
_struct_conn.ptnr2_symmetry 
_struct_conn.pdbx_ptnr3_label_atom_id 
_struct_conn.pdbx_ptnr3_label_seq_id 
_struct_conn.pdbx_ptnr3_label_comp_id 
_struct_conn.pdbx_ptnr3_label_asym_id 
_struct_conn.pdbx_ptnr3_label_alt_id 
_struct_conn.pdbx_ptnr3_PDB_ins_code 
_struct_conn.details 
_struct_conn.pdbx_dist_value 
_struct_conn.pdbx_value_order 
_struct_conn.pdbx_role 
disulf1 disulf ? ? A CYS 7  SG ? ? ? 1_555 A CYS 14  SG ? ? A CYS 7  A CYS 14  1_555 ? ? ? ? ? ? ? 2.116 ? ? 
disulf2 disulf ? ? A CYS 15 SG ? ? ? 1_555 A CYS 78  SG ? ? A CYS 15 A CYS 78  1_555 ? ? ? ? ? ? ? 2.037 ? ? 
disulf3 disulf ? ? A CYS 44 SG ? ? ? 1_555 A CYS 109 SG ? ? A CYS 44 A CYS 109 1_555 ? ? ? ? ? ? ? 2.098 ? ? 
disulf4 disulf ? ? A CYS 48 SG ? ? ? 1_555 A CYS 111 SG ? ? A CYS 48 A CYS 111 1_555 ? ? ? ? ? ? ? 2.075 ? ? 
disulf5 disulf ? ? A CYS 77 SG B ? ? 1_555 A CYS 77  SG B ? A CYS 77 A CYS 77  3_655 ? ? ? ? ? ? ? 2.207 ? ? 
# 
_struct_conn_type.id          disulf 
_struct_conn_type.criteria    ? 
_struct_conn_type.reference   ? 
# 
loop_
_pdbx_modification_feature.ordinal 
_pdbx_modification_feature.label_comp_id 
_pdbx_modification_feature.label_asym_id 
_pdbx_modification_feature.label_seq_id 
_pdbx_modification_feature.label_alt_id 
_pdbx_modification_feature.modified_residue_label_comp_id 
_pdbx_modification_feature.modified_residue_label_asym_id 
_pdbx_modification_feature.modified_residue_label_seq_id 
_pdbx_modification_feature.modified_residue_label_alt_id 
_pdbx_modification_feature.auth_comp_id 
_pdbx_modification_feature.auth_asym_id 
_pdbx_modification_feature.auth_seq_id 
_pdbx_modification_feature.PDB_ins_code 
_pdbx_modification_feature.symmetry 
_pdbx_modification_feature.modified_residue_auth_comp_id 
_pdbx_modification_feature.modified_residue_auth_asym_id 
_pdbx_modification_feature.modified_residue_auth_seq_id 
_pdbx_modification_feature.modified_residue_PDB_ins_code 
_pdbx_modification_feature.modified_residue_symmetry 
_pdbx_modification_feature.comp_id_linking_atom 
_pdbx_modification_feature.modified_residue_id_linking_atom 
_pdbx_modification_feature.modified_residue_id 
_pdbx_modification_feature.ref_pcm_id 
_pdbx_modification_feature.ref_comp_id 
_pdbx_modification_feature.type 
_pdbx_modification_feature.category 
1 CYS A 7  ? CYS A 14  ? CYS A 7  ? 1_555 CYS A 14  ? 1_555 SG SG . . . None 'Disulfide bridge' 
2 CYS A 15 ? CYS A 78  ? CYS A 15 ? 1_555 CYS A 78  ? 1_555 SG SG . . . None 'Disulfide bridge' 
3 CYS A 44 ? CYS A 109 ? CYS A 44 ? 1_555 CYS A 109 ? 1_555 SG SG . . . None 'Disulfide bridge' 
4 CYS A 48 ? CYS A 111 ? CYS A 48 ? 1_555 CYS A 111 ? 1_555 SG SG . . . None 'Disulfide bridge' 
5 CYS A 77 B CYS A 77  B CYS A 77 ? 1_555 CYS A 77  ? 3_655 SG SG . . . None 'Disulfide bridge' 
# 
loop_
_struct_mon_prot_cis.pdbx_id 
_struct_mon_prot_cis.label_comp_id 
_struct_mon_prot_cis.label_seq_id 
_struct_mon_prot_cis.label_asym_id 
_struct_mon_prot_cis.label_alt_id 
_struct_mon_prot_cis.pdbx_PDB_ins_code 
_struct_mon_prot_cis.auth_comp_id 
_struct_mon_prot_cis.auth_seq_id 
_struct_mon_prot_cis.auth_asym_id 
_struct_mon_prot_cis.pdbx_label_comp_id_2 
_struct_mon_prot_cis.pdbx_label_seq_id_2 
_struct_mon_prot_cis.pdbx_label_asym_id_2 
_struct_mon_prot_cis.pdbx_PDB_ins_code_2 
_struct_mon_prot_cis.pdbx_auth_comp_id_2 
_struct_mon_prot_cis.pdbx_auth_seq_id_2 
_struct_mon_prot_cis.pdbx_auth_asym_id_2 
_struct_mon_prot_cis.pdbx_PDB_model_num 
_struct_mon_prot_cis.pdbx_omega_angle 
1 GLY 10 A . ? GLY 10 A PRO 11 A ? PRO 11 A 1 -9.26 
2 SER 35 A . ? SER 35 A PRO 36 A ? PRO 36 A 1 -3.92 
# 
loop_
_struct_sheet.id 
_struct_sheet.type 
_struct_sheet.number_strands 
_struct_sheet.details 
AA1 ? 2 ? 
AA2 ? 3 ? 
# 
loop_
_struct_sheet_order.sheet_id 
_struct_sheet_order.range_id_1 
_struct_sheet_order.range_id_2 
_struct_sheet_order.offset 
_struct_sheet_order.sense 
AA1 1 2 ? anti-parallel 
AA2 1 2 ? anti-parallel 
AA2 2 3 ? anti-parallel 
# 
loop_
_struct_sheet_range.sheet_id 
_struct_sheet_range.id 
_struct_sheet_range.beg_label_comp_id 
_struct_sheet_range.beg_label_asym_id 
_struct_sheet_range.beg_label_seq_id 
_struct_sheet_range.pdbx_beg_PDB_ins_code 
_struct_sheet_range.end_label_comp_id 
_struct_sheet_range.end_label_asym_id 
_struct_sheet_range.end_label_seq_id 
_struct_sheet_range.pdbx_end_PDB_ins_code 
_struct_sheet_range.beg_auth_comp_id 
_struct_sheet_range.beg_auth_asym_id 
_struct_sheet_range.beg_auth_seq_id 
_struct_sheet_range.end_auth_comp_id 
_struct_sheet_range.end_auth_asym_id 
_struct_sheet_range.end_auth_seq_id 
AA1 1 ARG A 16 ? SER A 23  ? ARG A 16 SER A 23  
AA1 2 GLU A 38 ? ILE A 45  ? GLU A 38 ILE A 45  
AA2 1 VAL A 33 ? SER A 35  ? VAL A 33 SER A 35  
AA2 2 CYS A 77 ? LYS A 91  ? CYS A 77 LYS A 91  
AA2 3 VAL A 96 ? ILE A 112 ? VAL A 96 ILE A 112 
# 
loop_
_pdbx_struct_sheet_hbond.sheet_id 
_pdbx_struct_sheet_hbond.range_id_1 
_pdbx_struct_sheet_hbond.range_id_2 
_pdbx_struct_sheet_hbond.range_1_label_atom_id 
_pdbx_struct_sheet_hbond.range_1_label_comp_id 
_pdbx_struct_sheet_hbond.range_1_label_asym_id 
_pdbx_struct_sheet_hbond.range_1_label_seq_id 
_pdbx_struct_sheet_hbond.range_1_PDB_ins_code 
_pdbx_struct_sheet_hbond.range_1_auth_atom_id 
_pdbx_struct_sheet_hbond.range_1_auth_comp_id 
_pdbx_struct_sheet_hbond.range_1_auth_asym_id 
_pdbx_struct_sheet_hbond.range_1_auth_seq_id 
_pdbx_struct_sheet_hbond.range_2_label_atom_id 
_pdbx_struct_sheet_hbond.range_2_label_comp_id 
_pdbx_struct_sheet_hbond.range_2_label_asym_id 
_pdbx_struct_sheet_hbond.range_2_label_seq_id 
_pdbx_struct_sheet_hbond.range_2_PDB_ins_code 
_pdbx_struct_sheet_hbond.range_2_auth_atom_id 
_pdbx_struct_sheet_hbond.range_2_auth_comp_id 
_pdbx_struct_sheet_hbond.range_2_auth_asym_id 
_pdbx_struct_sheet_hbond.range_2_auth_seq_id 
AA1 1 2 N HIS A 18 ? N HIS A 18 O MET A 43  ? O MET A 43  
AA2 1 2 N LEU A 34 ? N LEU A 34 O ILE A 89  ? O ILE A 89  
AA2 2 3 N SER A 82 ? N SER A 82 O LYS A 107 ? O LYS A 107 
# 
_pdbx_entry_details.entry_id                   5VZ3 
_pdbx_entry_details.compound_details           ? 
_pdbx_entry_details.source_details             ? 
_pdbx_entry_details.nonpolymer_details         ? 
_pdbx_entry_details.sequence_details           ? 
_pdbx_entry_details.has_ligand_of_interest     ? 
_pdbx_entry_details.has_protein_modification   Y 
# 
loop_
_pdbx_validate_torsion.id 
_pdbx_validate_torsion.PDB_model_num 
_pdbx_validate_torsion.auth_comp_id 
_pdbx_validate_torsion.auth_asym_id 
_pdbx_validate_torsion.auth_seq_id 
_pdbx_validate_torsion.PDB_ins_code 
_pdbx_validate_torsion.label_alt_id 
_pdbx_validate_torsion.phi 
_pdbx_validate_torsion.psi 
1 1 LEU A 9  ? ? 107.14  164.45  
2 1 PRO A 11 ? ? -62.11  -179.41 
3 1 GLN A 51 ? ? 59.02   10.97   
4 1 ASN A 56 ? ? -171.41 -176.28 
# 
_pdbx_struct_special_symmetry.id              1 
_pdbx_struct_special_symmetry.PDB_model_num   1 
_pdbx_struct_special_symmetry.auth_asym_id    A 
_pdbx_struct_special_symmetry.auth_comp_id    HOH 
_pdbx_struct_special_symmetry.auth_seq_id     217 
_pdbx_struct_special_symmetry.PDB_ins_code    ? 
_pdbx_struct_special_symmetry.label_asym_id   B 
_pdbx_struct_special_symmetry.label_comp_id   HOH 
_pdbx_struct_special_symmetry.label_seq_id    . 
# 
loop_
_pdbx_unobs_or_zero_occ_residues.id 
_pdbx_unobs_or_zero_occ_residues.PDB_model_num 
_pdbx_unobs_or_zero_occ_residues.polymer_flag 
_pdbx_unobs_or_zero_occ_residues.occupancy_flag 
_pdbx_unobs_or_zero_occ_residues.auth_asym_id 
_pdbx_unobs_or_zero_occ_residues.auth_comp_id 
_pdbx_unobs_or_zero_occ_residues.auth_seq_id 
_pdbx_unobs_or_zero_occ_residues.PDB_ins_code 
_pdbx_unobs_or_zero_occ_residues.label_asym_id 
_pdbx_unobs_or_zero_occ_residues.label_comp_id 
_pdbx_unobs_or_zero_occ_residues.label_seq_id 
1 1 Y 1 A ALA 1 ? A ALA 1 
2 1 Y 1 A ARG 2 ? A ARG 2 
3 1 Y 1 A ASN 3 ? A ASN 3 
4 1 Y 1 A GLY 4 ? A GLY 4 
# 
loop_
_chem_comp_atom.comp_id 
_chem_comp_atom.atom_id 
_chem_comp_atom.type_symbol 
_chem_comp_atom.pdbx_aromatic_flag 
_chem_comp_atom.pdbx_stereo_config 
_chem_comp_atom.pdbx_ordinal 
ALA N    N N N 1   
ALA CA   C N S 2   
ALA C    C N N 3   
ALA O    O N N 4   
ALA CB   C N N 5   
ALA OXT  O N N 6   
ALA H    H N N 7   
ALA H2   H N N 8   
ALA HA   H N N 9   
ALA HB1  H N N 10  
ALA HB2  H N N 11  
ALA HB3  H N N 12  
ALA HXT  H N N 13  
ARG N    N N N 14  
ARG CA   C N S 15  
ARG C    C N N 16  
ARG O    O N N 17  
ARG CB   C N N 18  
ARG CG   C N N 19  
ARG CD   C N N 20  
ARG NE   N N N 21  
ARG CZ   C N N 22  
ARG NH1  N N N 23  
ARG NH2  N N N 24  
ARG OXT  O N N 25  
ARG H    H N N 26  
ARG H2   H N N 27  
ARG HA   H N N 28  
ARG HB2  H N N 29  
ARG HB3  H N N 30  
ARG HG2  H N N 31  
ARG HG3  H N N 32  
ARG HD2  H N N 33  
ARG HD3  H N N 34  
ARG HE   H N N 35  
ARG HH11 H N N 36  
ARG HH12 H N N 37  
ARG HH21 H N N 38  
ARG HH22 H N N 39  
ARG HXT  H N N 40  
ASN N    N N N 41  
ASN CA   C N S 42  
ASN C    C N N 43  
ASN O    O N N 44  
ASN CB   C N N 45  
ASN CG   C N N 46  
ASN OD1  O N N 47  
ASN ND2  N N N 48  
ASN OXT  O N N 49  
ASN H    H N N 50  
ASN H2   H N N 51  
ASN HA   H N N 52  
ASN HB2  H N N 53  
ASN HB3  H N N 54  
ASN HD21 H N N 55  
ASN HD22 H N N 56  
ASN HXT  H N N 57  
ASP N    N N N 58  
ASP CA   C N S 59  
ASP C    C N N 60  
ASP O    O N N 61  
ASP CB   C N N 62  
ASP CG   C N N 63  
ASP OD1  O N N 64  
ASP OD2  O N N 65  
ASP OXT  O N N 66  
ASP H    H N N 67  
ASP H2   H N N 68  
ASP HA   H N N 69  
ASP HB2  H N N 70  
ASP HB3  H N N 71  
ASP HD2  H N N 72  
ASP HXT  H N N 73  
CYS N    N N N 74  
CYS CA   C N R 75  
CYS C    C N N 76  
CYS O    O N N 77  
CYS CB   C N N 78  
CYS SG   S N N 79  
CYS OXT  O N N 80  
CYS H    H N N 81  
CYS H2   H N N 82  
CYS HA   H N N 83  
CYS HB2  H N N 84  
CYS HB3  H N N 85  
CYS HG   H N N 86  
CYS HXT  H N N 87  
GLN N    N N N 88  
GLN CA   C N S 89  
GLN C    C N N 90  
GLN O    O N N 91  
GLN CB   C N N 92  
GLN CG   C N N 93  
GLN CD   C N N 94  
GLN OE1  O N N 95  
GLN NE2  N N N 96  
GLN OXT  O N N 97  
GLN H    H N N 98  
GLN H2   H N N 99  
GLN HA   H N N 100 
GLN HB2  H N N 101 
GLN HB3  H N N 102 
GLN HG2  H N N 103 
GLN HG3  H N N 104 
GLN HE21 H N N 105 
GLN HE22 H N N 106 
GLN HXT  H N N 107 
GLU N    N N N 108 
GLU CA   C N S 109 
GLU C    C N N 110 
GLU O    O N N 111 
GLU CB   C N N 112 
GLU CG   C N N 113 
GLU CD   C N N 114 
GLU OE1  O N N 115 
GLU OE2  O N N 116 
GLU OXT  O N N 117 
GLU H    H N N 118 
GLU H2   H N N 119 
GLU HA   H N N 120 
GLU HB2  H N N 121 
GLU HB3  H N N 122 
GLU HG2  H N N 123 
GLU HG3  H N N 124 
GLU HE2  H N N 125 
GLU HXT  H N N 126 
GLY N    N N N 127 
GLY CA   C N N 128 
GLY C    C N N 129 
GLY O    O N N 130 
GLY OXT  O N N 131 
GLY H    H N N 132 
GLY H2   H N N 133 
GLY HA2  H N N 134 
GLY HA3  H N N 135 
GLY HXT  H N N 136 
HIS N    N N N 137 
HIS CA   C N S 138 
HIS C    C N N 139 
HIS O    O N N 140 
HIS CB   C N N 141 
HIS CG   C Y N 142 
HIS ND1  N Y N 143 
HIS CD2  C Y N 144 
HIS CE1  C Y N 145 
HIS NE2  N Y N 146 
HIS OXT  O N N 147 
HIS H    H N N 148 
HIS H2   H N N 149 
HIS HA   H N N 150 
HIS HB2  H N N 151 
HIS HB3  H N N 152 
HIS HD1  H N N 153 
HIS HD2  H N N 154 
HIS HE1  H N N 155 
HIS HE2  H N N 156 
HIS HXT  H N N 157 
HOH O    O N N 158 
HOH H1   H N N 159 
HOH H2   H N N 160 
ILE N    N N N 161 
ILE CA   C N S 162 
ILE C    C N N 163 
ILE O    O N N 164 
ILE CB   C N S 165 
ILE CG1  C N N 166 
ILE CG2  C N N 167 
ILE CD1  C N N 168 
ILE OXT  O N N 169 
ILE H    H N N 170 
ILE H2   H N N 171 
ILE HA   H N N 172 
ILE HB   H N N 173 
ILE HG12 H N N 174 
ILE HG13 H N N 175 
ILE HG21 H N N 176 
ILE HG22 H N N 177 
ILE HG23 H N N 178 
ILE HD11 H N N 179 
ILE HD12 H N N 180 
ILE HD13 H N N 181 
ILE HXT  H N N 182 
LEU N    N N N 183 
LEU CA   C N S 184 
LEU C    C N N 185 
LEU O    O N N 186 
LEU CB   C N N 187 
LEU CG   C N N 188 
LEU CD1  C N N 189 
LEU CD2  C N N 190 
LEU OXT  O N N 191 
LEU H    H N N 192 
LEU H2   H N N 193 
LEU HA   H N N 194 
LEU HB2  H N N 195 
LEU HB3  H N N 196 
LEU HG   H N N 197 
LEU HD11 H N N 198 
LEU HD12 H N N 199 
LEU HD13 H N N 200 
LEU HD21 H N N 201 
LEU HD22 H N N 202 
LEU HD23 H N N 203 
LEU HXT  H N N 204 
LYS N    N N N 205 
LYS CA   C N S 206 
LYS C    C N N 207 
LYS O    O N N 208 
LYS CB   C N N 209 
LYS CG   C N N 210 
LYS CD   C N N 211 
LYS CE   C N N 212 
LYS NZ   N N N 213 
LYS OXT  O N N 214 
LYS H    H N N 215 
LYS H2   H N N 216 
LYS HA   H N N 217 
LYS HB2  H N N 218 
LYS HB3  H N N 219 
LYS HG2  H N N 220 
LYS HG3  H N N 221 
LYS HD2  H N N 222 
LYS HD3  H N N 223 
LYS HE2  H N N 224 
LYS HE3  H N N 225 
LYS HZ1  H N N 226 
LYS HZ2  H N N 227 
LYS HZ3  H N N 228 
LYS HXT  H N N 229 
MET N    N N N 230 
MET CA   C N S 231 
MET C    C N N 232 
MET O    O N N 233 
MET CB   C N N 234 
MET CG   C N N 235 
MET SD   S N N 236 
MET CE   C N N 237 
MET OXT  O N N 238 
MET H    H N N 239 
MET H2   H N N 240 
MET HA   H N N 241 
MET HB2  H N N 242 
MET HB3  H N N 243 
MET HG2  H N N 244 
MET HG3  H N N 245 
MET HE1  H N N 246 
MET HE2  H N N 247 
MET HE3  H N N 248 
MET HXT  H N N 249 
PHE N    N N N 250 
PHE CA   C N S 251 
PHE C    C N N 252 
PHE O    O N N 253 
PHE CB   C N N 254 
PHE CG   C Y N 255 
PHE CD1  C Y N 256 
PHE CD2  C Y N 257 
PHE CE1  C Y N 258 
PHE CE2  C Y N 259 
PHE CZ   C Y N 260 
PHE OXT  O N N 261 
PHE H    H N N 262 
PHE H2   H N N 263 
PHE HA   H N N 264 
PHE HB2  H N N 265 
PHE HB3  H N N 266 
PHE HD1  H N N 267 
PHE HD2  H N N 268 
PHE HE1  H N N 269 
PHE HE2  H N N 270 
PHE HZ   H N N 271 
PHE HXT  H N N 272 
PRO N    N N N 273 
PRO CA   C N S 274 
PRO C    C N N 275 
PRO O    O N N 276 
PRO CB   C N N 277 
PRO CG   C N N 278 
PRO CD   C N N 279 
PRO OXT  O N N 280 
PRO H    H N N 281 
PRO HA   H N N 282 
PRO HB2  H N N 283 
PRO HB3  H N N 284 
PRO HG2  H N N 285 
PRO HG3  H N N 286 
PRO HD2  H N N 287 
PRO HD3  H N N 288 
PRO HXT  H N N 289 
SER N    N N N 290 
SER CA   C N S 291 
SER C    C N N 292 
SER O    O N N 293 
SER CB   C N N 294 
SER OG   O N N 295 
SER OXT  O N N 296 
SER H    H N N 297 
SER H2   H N N 298 
SER HA   H N N 299 
SER HB2  H N N 300 
SER HB3  H N N 301 
SER HG   H N N 302 
SER HXT  H N N 303 
THR N    N N N 304 
THR CA   C N S 305 
THR C    C N N 306 
THR O    O N N 307 
THR CB   C N R 308 
THR OG1  O N N 309 
THR CG2  C N N 310 
THR OXT  O N N 311 
THR H    H N N 312 
THR H2   H N N 313 
THR HA   H N N 314 
THR HB   H N N 315 
THR HG1  H N N 316 
THR HG21 H N N 317 
THR HG22 H N N 318 
THR HG23 H N N 319 
THR HXT  H N N 320 
TRP N    N N N 321 
TRP CA   C N S 322 
TRP C    C N N 323 
TRP O    O N N 324 
TRP CB   C N N 325 
TRP CG   C Y N 326 
TRP CD1  C Y N 327 
TRP CD2  C Y N 328 
TRP NE1  N Y N 329 
TRP CE2  C Y N 330 
TRP CE3  C Y N 331 
TRP CZ2  C Y N 332 
TRP CZ3  C Y N 333 
TRP CH2  C Y N 334 
TRP OXT  O N N 335 
TRP H    H N N 336 
TRP H2   H N N 337 
TRP HA   H N N 338 
TRP HB2  H N N 339 
TRP HB3  H N N 340 
TRP HD1  H N N 341 
TRP HE1  H N N 342 
TRP HE3  H N N 343 
TRP HZ2  H N N 344 
TRP HZ3  H N N 345 
TRP HH2  H N N 346 
TRP HXT  H N N 347 
TYR N    N N N 348 
TYR CA   C N S 349 
TYR C    C N N 350 
TYR O    O N N 351 
TYR CB   C N N 352 
TYR CG   C Y N 353 
TYR CD1  C Y N 354 
TYR CD2  C Y N 355 
TYR CE1  C Y N 356 
TYR CE2  C Y N 357 
TYR CZ   C Y N 358 
TYR OH   O N N 359 
TYR OXT  O N N 360 
TYR H    H N N 361 
TYR H2   H N N 362 
TYR HA   H N N 363 
TYR HB2  H N N 364 
TYR HB3  H N N 365 
TYR HD1  H N N 366 
TYR HD2  H N N 367 
TYR HE1  H N N 368 
TYR HE2  H N N 369 
TYR HH   H N N 370 
TYR HXT  H N N 371 
VAL N    N N N 372 
VAL CA   C N S 373 
VAL C    C N N 374 
VAL O    O N N 375 
VAL CB   C N N 376 
VAL CG1  C N N 377 
VAL CG2  C N N 378 
VAL OXT  O N N 379 
VAL H    H N N 380 
VAL H2   H N N 381 
VAL HA   H N N 382 
VAL HB   H N N 383 
VAL HG11 H N N 384 
VAL HG12 H N N 385 
VAL HG13 H N N 386 
VAL HG21 H N N 387 
VAL HG22 H N N 388 
VAL HG23 H N N 389 
VAL HXT  H N N 390 
# 
loop_
_chem_comp_bond.comp_id 
_chem_comp_bond.atom_id_1 
_chem_comp_bond.atom_id_2 
_chem_comp_bond.value_order 
_chem_comp_bond.pdbx_aromatic_flag 
_chem_comp_bond.pdbx_stereo_config 
_chem_comp_bond.pdbx_ordinal 
ALA N   CA   sing N N 1   
ALA N   H    sing N N 2   
ALA N   H2   sing N N 3   
ALA CA  C    sing N N 4   
ALA CA  CB   sing N N 5   
ALA CA  HA   sing N N 6   
ALA C   O    doub N N 7   
ALA C   OXT  sing N N 8   
ALA CB  HB1  sing N N 9   
ALA CB  HB2  sing N N 10  
ALA CB  HB3  sing N N 11  
ALA OXT HXT  sing N N 12  
ARG N   CA   sing N N 13  
ARG N   H    sing N N 14  
ARG N   H2   sing N N 15  
ARG CA  C    sing N N 16  
ARG CA  CB   sing N N 17  
ARG CA  HA   sing N N 18  
ARG C   O    doub N N 19  
ARG C   OXT  sing N N 20  
ARG CB  CG   sing N N 21  
ARG CB  HB2  sing N N 22  
ARG CB  HB3  sing N N 23  
ARG CG  CD   sing N N 24  
ARG CG  HG2  sing N N 25  
ARG CG  HG3  sing N N 26  
ARG CD  NE   sing N N 27  
ARG CD  HD2  sing N N 28  
ARG CD  HD3  sing N N 29  
ARG NE  CZ   sing N N 30  
ARG NE  HE   sing N N 31  
ARG CZ  NH1  sing N N 32  
ARG CZ  NH2  doub N N 33  
ARG NH1 HH11 sing N N 34  
ARG NH1 HH12 sing N N 35  
ARG NH2 HH21 sing N N 36  
ARG NH2 HH22 sing N N 37  
ARG OXT HXT  sing N N 38  
ASN N   CA   sing N N 39  
ASN N   H    sing N N 40  
ASN N   H2   sing N N 41  
ASN CA  C    sing N N 42  
ASN CA  CB   sing N N 43  
ASN CA  HA   sing N N 44  
ASN C   O    doub N N 45  
ASN C   OXT  sing N N 46  
ASN CB  CG   sing N N 47  
ASN CB  HB2  sing N N 48  
ASN CB  HB3  sing N N 49  
ASN CG  OD1  doub N N 50  
ASN CG  ND2  sing N N 51  
ASN ND2 HD21 sing N N 52  
ASN ND2 HD22 sing N N 53  
ASN OXT HXT  sing N N 54  
ASP N   CA   sing N N 55  
ASP N   H    sing N N 56  
ASP N   H2   sing N N 57  
ASP CA  C    sing N N 58  
ASP CA  CB   sing N N 59  
ASP CA  HA   sing N N 60  
ASP C   O    doub N N 61  
ASP C   OXT  sing N N 62  
ASP CB  CG   sing N N 63  
ASP CB  HB2  sing N N 64  
ASP CB  HB3  sing N N 65  
ASP CG  OD1  doub N N 66  
ASP CG  OD2  sing N N 67  
ASP OD2 HD2  sing N N 68  
ASP OXT HXT  sing N N 69  
CYS N   CA   sing N N 70  
CYS N   H    sing N N 71  
CYS N   H2   sing N N 72  
CYS CA  C    sing N N 73  
CYS CA  CB   sing N N 74  
CYS CA  HA   sing N N 75  
CYS C   O    doub N N 76  
CYS C   OXT  sing N N 77  
CYS CB  SG   sing N N 78  
CYS CB  HB2  sing N N 79  
CYS CB  HB3  sing N N 80  
CYS SG  HG   sing N N 81  
CYS OXT HXT  sing N N 82  
GLN N   CA   sing N N 83  
GLN N   H    sing N N 84  
GLN N   H2   sing N N 85  
GLN CA  C    sing N N 86  
GLN CA  CB   sing N N 87  
GLN CA  HA   sing N N 88  
GLN C   O    doub N N 89  
GLN C   OXT  sing N N 90  
GLN CB  CG   sing N N 91  
GLN CB  HB2  sing N N 92  
GLN CB  HB3  sing N N 93  
GLN CG  CD   sing N N 94  
GLN CG  HG2  sing N N 95  
GLN CG  HG3  sing N N 96  
GLN CD  OE1  doub N N 97  
GLN CD  NE2  sing N N 98  
GLN NE2 HE21 sing N N 99  
GLN NE2 HE22 sing N N 100 
GLN OXT HXT  sing N N 101 
GLU N   CA   sing N N 102 
GLU N   H    sing N N 103 
GLU N   H2   sing N N 104 
GLU CA  C    sing N N 105 
GLU CA  CB   sing N N 106 
GLU CA  HA   sing N N 107 
GLU C   O    doub N N 108 
GLU C   OXT  sing N N 109 
GLU CB  CG   sing N N 110 
GLU CB  HB2  sing N N 111 
GLU CB  HB3  sing N N 112 
GLU CG  CD   sing N N 113 
GLU CG  HG2  sing N N 114 
GLU CG  HG3  sing N N 115 
GLU CD  OE1  doub N N 116 
GLU CD  OE2  sing N N 117 
GLU OE2 HE2  sing N N 118 
GLU OXT HXT  sing N N 119 
GLY N   CA   sing N N 120 
GLY N   H    sing N N 121 
GLY N   H2   sing N N 122 
GLY CA  C    sing N N 123 
GLY CA  HA2  sing N N 124 
GLY CA  HA3  sing N N 125 
GLY C   O    doub N N 126 
GLY C   OXT  sing N N 127 
GLY OXT HXT  sing N N 128 
HIS N   CA   sing N N 129 
HIS N   H    sing N N 130 
HIS N   H2   sing N N 131 
HIS CA  C    sing N N 132 
HIS CA  CB   sing N N 133 
HIS CA  HA   sing N N 134 
HIS C   O    doub N N 135 
HIS C   OXT  sing N N 136 
HIS CB  CG   sing N N 137 
HIS CB  HB2  sing N N 138 
HIS CB  HB3  sing N N 139 
HIS CG  ND1  sing Y N 140 
HIS CG  CD2  doub Y N 141 
HIS ND1 CE1  doub Y N 142 
HIS ND1 HD1  sing N N 143 
HIS CD2 NE2  sing Y N 144 
HIS CD2 HD2  sing N N 145 
HIS CE1 NE2  sing Y N 146 
HIS CE1 HE1  sing N N 147 
HIS NE2 HE2  sing N N 148 
HIS OXT HXT  sing N N 149 
HOH O   H1   sing N N 150 
HOH O   H2   sing N N 151 
ILE N   CA   sing N N 152 
ILE N   H    sing N N 153 
ILE N   H2   sing N N 154 
ILE CA  C    sing N N 155 
ILE CA  CB   sing N N 156 
ILE CA  HA   sing N N 157 
ILE C   O    doub N N 158 
ILE C   OXT  sing N N 159 
ILE CB  CG1  sing N N 160 
ILE CB  CG2  sing N N 161 
ILE CB  HB   sing N N 162 
ILE CG1 CD1  sing N N 163 
ILE CG1 HG12 sing N N 164 
ILE CG1 HG13 sing N N 165 
ILE CG2 HG21 sing N N 166 
ILE CG2 HG22 sing N N 167 
ILE CG2 HG23 sing N N 168 
ILE CD1 HD11 sing N N 169 
ILE CD1 HD12 sing N N 170 
ILE CD1 HD13 sing N N 171 
ILE OXT HXT  sing N N 172 
LEU N   CA   sing N N 173 
LEU N   H    sing N N 174 
LEU N   H2   sing N N 175 
LEU CA  C    sing N N 176 
LEU CA  CB   sing N N 177 
LEU CA  HA   sing N N 178 
LEU C   O    doub N N 179 
LEU C   OXT  sing N N 180 
LEU CB  CG   sing N N 181 
LEU CB  HB2  sing N N 182 
LEU CB  HB3  sing N N 183 
LEU CG  CD1  sing N N 184 
LEU CG  CD2  sing N N 185 
LEU CG  HG   sing N N 186 
LEU CD1 HD11 sing N N 187 
LEU CD1 HD12 sing N N 188 
LEU CD1 HD13 sing N N 189 
LEU CD2 HD21 sing N N 190 
LEU CD2 HD22 sing N N 191 
LEU CD2 HD23 sing N N 192 
LEU OXT HXT  sing N N 193 
LYS N   CA   sing N N 194 
LYS N   H    sing N N 195 
LYS N   H2   sing N N 196 
LYS CA  C    sing N N 197 
LYS CA  CB   sing N N 198 
LYS CA  HA   sing N N 199 
LYS C   O    doub N N 200 
LYS C   OXT  sing N N 201 
LYS CB  CG   sing N N 202 
LYS CB  HB2  sing N N 203 
LYS CB  HB3  sing N N 204 
LYS CG  CD   sing N N 205 
LYS CG  HG2  sing N N 206 
LYS CG  HG3  sing N N 207 
LYS CD  CE   sing N N 208 
LYS CD  HD2  sing N N 209 
LYS CD  HD3  sing N N 210 
LYS CE  NZ   sing N N 211 
LYS CE  HE2  sing N N 212 
LYS CE  HE3  sing N N 213 
LYS NZ  HZ1  sing N N 214 
LYS NZ  HZ2  sing N N 215 
LYS NZ  HZ3  sing N N 216 
LYS OXT HXT  sing N N 217 
MET N   CA   sing N N 218 
MET N   H    sing N N 219 
MET N   H2   sing N N 220 
MET CA  C    sing N N 221 
MET CA  CB   sing N N 222 
MET CA  HA   sing N N 223 
MET C   O    doub N N 224 
MET C   OXT  sing N N 225 
MET CB  CG   sing N N 226 
MET CB  HB2  sing N N 227 
MET CB  HB3  sing N N 228 
MET CG  SD   sing N N 229 
MET CG  HG2  sing N N 230 
MET CG  HG3  sing N N 231 
MET SD  CE   sing N N 232 
MET CE  HE1  sing N N 233 
MET CE  HE2  sing N N 234 
MET CE  HE3  sing N N 235 
MET OXT HXT  sing N N 236 
PHE N   CA   sing N N 237 
PHE N   H    sing N N 238 
PHE N   H2   sing N N 239 
PHE CA  C    sing N N 240 
PHE CA  CB   sing N N 241 
PHE CA  HA   sing N N 242 
PHE C   O    doub N N 243 
PHE C   OXT  sing N N 244 
PHE CB  CG   sing N N 245 
PHE CB  HB2  sing N N 246 
PHE CB  HB3  sing N N 247 
PHE CG  CD1  doub Y N 248 
PHE CG  CD2  sing Y N 249 
PHE CD1 CE1  sing Y N 250 
PHE CD1 HD1  sing N N 251 
PHE CD2 CE2  doub Y N 252 
PHE CD2 HD2  sing N N 253 
PHE CE1 CZ   doub Y N 254 
PHE CE1 HE1  sing N N 255 
PHE CE2 CZ   sing Y N 256 
PHE CE2 HE2  sing N N 257 
PHE CZ  HZ   sing N N 258 
PHE OXT HXT  sing N N 259 
PRO N   CA   sing N N 260 
PRO N   CD   sing N N 261 
PRO N   H    sing N N 262 
PRO CA  C    sing N N 263 
PRO CA  CB   sing N N 264 
PRO CA  HA   sing N N 265 
PRO C   O    doub N N 266 
PRO C   OXT  sing N N 267 
PRO CB  CG   sing N N 268 
PRO CB  HB2  sing N N 269 
PRO CB  HB3  sing N N 270 
PRO CG  CD   sing N N 271 
PRO CG  HG2  sing N N 272 
PRO CG  HG3  sing N N 273 
PRO CD  HD2  sing N N 274 
PRO CD  HD3  sing N N 275 
PRO OXT HXT  sing N N 276 
SER N   CA   sing N N 277 
SER N   H    sing N N 278 
SER N   H2   sing N N 279 
SER CA  C    sing N N 280 
SER CA  CB   sing N N 281 
SER CA  HA   sing N N 282 
SER C   O    doub N N 283 
SER C   OXT  sing N N 284 
SER CB  OG   sing N N 285 
SER CB  HB2  sing N N 286 
SER CB  HB3  sing N N 287 
SER OG  HG   sing N N 288 
SER OXT HXT  sing N N 289 
THR N   CA   sing N N 290 
THR N   H    sing N N 291 
THR N   H2   sing N N 292 
THR CA  C    sing N N 293 
THR CA  CB   sing N N 294 
THR CA  HA   sing N N 295 
THR C   O    doub N N 296 
THR C   OXT  sing N N 297 
THR CB  OG1  sing N N 298 
THR CB  CG2  sing N N 299 
THR CB  HB   sing N N 300 
THR OG1 HG1  sing N N 301 
THR CG2 HG21 sing N N 302 
THR CG2 HG22 sing N N 303 
THR CG2 HG23 sing N N 304 
THR OXT HXT  sing N N 305 
TRP N   CA   sing N N 306 
TRP N   H    sing N N 307 
TRP N   H2   sing N N 308 
TRP CA  C    sing N N 309 
TRP CA  CB   sing N N 310 
TRP CA  HA   sing N N 311 
TRP C   O    doub N N 312 
TRP C   OXT  sing N N 313 
TRP CB  CG   sing N N 314 
TRP CB  HB2  sing N N 315 
TRP CB  HB3  sing N N 316 
TRP CG  CD1  doub Y N 317 
TRP CG  CD2  sing Y N 318 
TRP CD1 NE1  sing Y N 319 
TRP CD1 HD1  sing N N 320 
TRP CD2 CE2  doub Y N 321 
TRP CD2 CE3  sing Y N 322 
TRP NE1 CE2  sing Y N 323 
TRP NE1 HE1  sing N N 324 
TRP CE2 CZ2  sing Y N 325 
TRP CE3 CZ3  doub Y N 326 
TRP CE3 HE3  sing N N 327 
TRP CZ2 CH2  doub Y N 328 
TRP CZ2 HZ2  sing N N 329 
TRP CZ3 CH2  sing Y N 330 
TRP CZ3 HZ3  sing N N 331 
TRP CH2 HH2  sing N N 332 
TRP OXT HXT  sing N N 333 
TYR N   CA   sing N N 334 
TYR N   H    sing N N 335 
TYR N   H2   sing N N 336 
TYR CA  C    sing N N 337 
TYR CA  CB   sing N N 338 
TYR CA  HA   sing N N 339 
TYR C   O    doub N N 340 
TYR C   OXT  sing N N 341 
TYR CB  CG   sing N N 342 
TYR CB  HB2  sing N N 343 
TYR CB  HB3  sing N N 344 
TYR CG  CD1  doub Y N 345 
TYR CG  CD2  sing Y N 346 
TYR CD1 CE1  sing Y N 347 
TYR CD1 HD1  sing N N 348 
TYR CD2 CE2  doub Y N 349 
TYR CD2 HD2  sing N N 350 
TYR CE1 CZ   doub Y N 351 
TYR CE1 HE1  sing N N 352 
TYR CE2 CZ   sing Y N 353 
TYR CE2 HE2  sing N N 354 
TYR CZ  OH   sing N N 355 
TYR OH  HH   sing N N 356 
TYR OXT HXT  sing N N 357 
VAL N   CA   sing N N 358 
VAL N   H    sing N N 359 
VAL N   H2   sing N N 360 
VAL CA  C    sing N N 361 
VAL CA  CB   sing N N 362 
VAL CA  HA   sing N N 363 
VAL C   O    doub N N 364 
VAL C   OXT  sing N N 365 
VAL CB  CG1  sing N N 366 
VAL CB  CG2  sing N N 367 
VAL CB  HB   sing N N 368 
VAL CG1 HG11 sing N N 369 
VAL CG1 HG12 sing N N 370 
VAL CG1 HG13 sing N N 371 
VAL CG2 HG21 sing N N 372 
VAL CG2 HG22 sing N N 373 
VAL CG2 HG23 sing N N 374 
VAL OXT HXT  sing N N 375 
# 
_atom_sites.entry_id                    5VZ3 
_atom_sites.fract_transf_matrix[1][1]   -0.00060463 
_atom_sites.fract_transf_matrix[1][2]   0.00719264 
_atom_sites.fract_transf_matrix[1][3]   -0.01866710 
_atom_sites.fract_transf_matrix[2][1]   -0.00711749 
_atom_sites.fract_transf_matrix[2][2]   -0.00373631 
_atom_sites.fract_transf_matrix[2][3]   -0.00120910 
_atom_sites.fract_transf_matrix[3][1]   -0.01156290 
_atom_sites.fract_transf_matrix[3][2]   0.01947700 
_atom_sites.fract_transf_matrix[3][3]   0.00787923 
_atom_sites.fract_transf_vector[1]      0.563304 
_atom_sites.fract_transf_vector[2]      0.124877 
_atom_sites.fract_transf_vector[3]      -0.188136 
# 
loop_
_atom_type.symbol 
C 
N 
O 
S 
# 
loop_
_atom_site.group_PDB 
_atom_site.id 
_atom_site.type_symbol 
_atom_site.label_atom_id 
_atom_site.label_alt_id 
_atom_site.label_comp_id 
_atom_site.label_asym_id 
_atom_site.label_entity_id 
_atom_site.label_seq_id 
_atom_site.pdbx_PDB_ins_code 
_atom_site.Cartn_x 
_atom_site.Cartn_y 
_atom_site.Cartn_z 
_atom_site.occupancy 
_atom_site.B_iso_or_equiv 
_atom_site.pdbx_formal_charge 
_atom_site.auth_seq_id 
_atom_site.auth_comp_id 
_atom_site.auth_asym_id 
_atom_site.auth_atom_id 
_atom_site.pdbx_PDB_model_num 
ATOM   1   N N   . ASP A 1 5   ? 3.870   -9.006  17.127  1.00 106.04 ? 5   ASP A N   1 
ATOM   2   C CA  . ASP A 1 5   ? 2.484   -8.648  16.705  1.00 106.35 ? 5   ASP A CA  1 
ATOM   3   C C   . ASP A 1 5   ? 1.809   -9.816  15.964  1.00 105.64 ? 5   ASP A C   1 
ATOM   4   O O   . ASP A 1 5   ? 2.109   -10.068 14.785  1.00 103.41 ? 5   ASP A O   1 
ATOM   5   C CB  . ASP A 1 5   ? 2.489   -7.365  15.849  1.00 105.24 ? 5   ASP A CB  1 
ATOM   6   C CG  . ASP A 1 5   ? 1.255   -6.506  16.090  1.00 101.77 ? 5   ASP A CG  1 
ATOM   7   O OD1 . ASP A 1 5   ? 1.390   -5.393  16.634  1.00 90.90  ? 5   ASP A OD1 1 
ATOM   8   O OD2 . ASP A 1 5   ? 0.138   -6.945  15.763  1.00 99.59  ? 5   ASP A OD2 1 
ATOM   9   N N   . HIS A 1 6   ? 0.932   -10.529 16.682  1.00 101.57 ? 6   HIS A N   1 
ATOM   10  C CA  . HIS A 1 6   ? 0.176   -11.679 16.154  1.00 103.36 ? 6   HIS A CA  1 
ATOM   11  C C   . HIS A 1 6   ? -1.189  -11.227 15.628  1.00 93.42  ? 6   HIS A C   1 
ATOM   12  O O   . HIS A 1 6   ? -1.868  -10.405 16.252  1.00 95.83  ? 6   HIS A O   1 
ATOM   13  C CB  . HIS A 1 6   ? -0.014  -12.758 17.237  1.00 106.21 ? 6   HIS A CB  1 
ATOM   14  C CG  . HIS A 1 6   ? -0.608  -14.038 16.725  1.00 119.64 ? 6   HIS A CG  1 
ATOM   15  N ND1 . HIS A 1 6   ? -1.735  -14.613 17.280  1.00 120.88 ? 6   HIS A ND1 1 
ATOM   16  C CD2 . HIS A 1 6   ? -0.236  -14.853 15.706  1.00 120.36 ? 6   HIS A CD2 1 
ATOM   17  C CE1 . HIS A 1 6   ? -2.026  -15.727 16.631  1.00 113.81 ? 6   HIS A CE1 1 
ATOM   18  N NE2 . HIS A 1 6   ? -1.134  -15.892 15.669  1.00 120.73 ? 6   HIS A NE2 1 
ATOM   19  N N   . CYS A 1 7   ? -1.587  -11.767 14.481  1.00 80.32  ? 7   CYS A N   1 
ATOM   20  C CA  . CYS A 1 7   ? -2.860  -11.405 13.864  1.00 75.13  ? 7   CYS A CA  1 
ATOM   21  C C   . CYS A 1 7   ? -3.932  -12.334 14.460  1.00 77.72  ? 7   CYS A C   1 
ATOM   22  O O   . CYS A 1 7   ? -3.672  -13.520 14.552  1.00 74.45  ? 7   CYS A O   1 
ATOM   23  C CB  . CYS A 1 7   ? -2.772  -11.535 12.314  1.00 69.12  ? 7   CYS A CB  1 
ATOM   24  S SG  . CYS A 1 7   ? -4.356  -11.618 11.420  1.00 69.89  ? 7   CYS A SG  1 
ATOM   25  N N   . PRO A 1 8   ? -5.116  -11.800 14.877  1.00 82.64  ? 8   PRO A N   1 
ATOM   26  C CA  . PRO A 1 8   ? -6.335  -12.592 15.241  1.00 83.65  ? 8   PRO A CA  1 
ATOM   27  C C   . PRO A 1 8   ? -7.278  -12.923 14.073  1.00 86.63  ? 8   PRO A C   1 
ATOM   28  O O   . PRO A 1 8   ? -8.120  -12.101 13.708  1.00 93.50  ? 8   PRO A O   1 
ATOM   29  C CB  . PRO A 1 8   ? -7.047  -11.683 16.246  1.00 88.59  ? 8   PRO A CB  1 
ATOM   30  C CG  . PRO A 1 8   ? -6.667  -10.298 15.824  1.00 88.70  ? 8   PRO A CG  1 
ATOM   31  C CD  . PRO A 1 8   ? -5.253  -10.386 15.294  1.00 85.09  ? 8   PRO A CD  1 
ATOM   32  N N   . LEU A 1 9   ? -7.194  -14.172 13.602  1.00 95.45  ? 9   LEU A N   1 
ATOM   33  C CA  . LEU A 1 9   ? -7.520  -14.653 12.225  1.00 95.53  ? 9   LEU A CA  1 
ATOM   34  C C   . LEU A 1 9   ? -6.144  -14.942 11.589  1.00 102.66 ? 9   LEU A C   1 
ATOM   35  O O   . LEU A 1 9   ? -5.129  -14.539 12.158  1.00 114.99 ? 9   LEU A O   1 
ATOM   36  C CB  . LEU A 1 9   ? -8.331  -13.658 11.405  1.00 95.00  ? 9   LEU A CB  1 
ATOM   37  C CG  . LEU A 1 9   ? -8.825  -14.104 10.039  1.00 100.67 ? 9   LEU A CG  1 
ATOM   38  C CD1 . LEU A 1 9   ? -9.801  -15.266 10.151  1.00 96.90  ? 9   LEU A CD1 1 
ATOM   39  C CD2 . LEU A 1 9   ? -9.469  -12.908 9.357   1.00 105.91 ? 9   LEU A CD2 1 
ATOM   40  N N   . GLY A 1 10  ? -6.062  -15.674 10.479  1.00 106.65 ? 10  GLY A N   1 
ATOM   41  C CA  . GLY A 1 10  ? -4.750  -15.882 9.804   1.00 111.00 ? 10  GLY A CA  1 
ATOM   42  C C   . GLY A 1 10  ? -3.732  -16.743 10.558  1.00 113.14 ? 10  GLY A C   1 
ATOM   43  O O   . GLY A 1 10  ? -4.005  -17.923 10.734  1.00 123.04 ? 10  GLY A O   1 
ATOM   44  N N   . PRO A 1 11  ? -2.547  -16.237 10.954  1.00 126.24 ? 11  PRO A N   1 
ATOM   45  C CA  . PRO A 1 11  ? -2.000  -14.923 10.572  1.00 128.80 ? 11  PRO A CA  1 
ATOM   46  C C   . PRO A 1 11  ? -1.758  -14.772 9.066   1.00 122.17 ? 11  PRO A C   1 
ATOM   47  O O   . PRO A 1 11  ? -2.063  -15.684 8.291   1.00 114.59 ? 11  PRO A O   1 
ATOM   48  C CB  . PRO A 1 11  ? -0.663  -14.841 11.357  1.00 133.06 ? 11  PRO A CB  1 
ATOM   49  C CG  . PRO A 1 11  ? -0.392  -16.225 11.854  1.00 130.51 ? 11  PRO A CG  1 
ATOM   50  C CD  . PRO A 1 11  ? -1.744  -16.853 12.030  1.00 130.64 ? 11  PRO A CD  1 
ATOM   51  N N   . GLY A 1 12  ? -1.252  -13.608 8.662   1.00 105.67 ? 12  GLY A N   1 
ATOM   52  C CA  . GLY A 1 12  ? -1.221  -13.221 7.247   1.00 90.76  ? 12  GLY A CA  1 
ATOM   53  C C   . GLY A 1 12  ? -2.533  -12.706 6.638   1.00 80.83  ? 12  GLY A C   1 
ATOM   54  O O   . GLY A 1 12  ? -2.523  -12.233 5.491   1.00 72.68  ? 12  GLY A O   1 
ATOM   55  N N   . ARG A 1 13  ? -3.633  -12.781 7.401   1.00 79.52  ? 13  ARG A N   1 
ATOM   56  C CA  . ARG A 1 13  ? -4.970  -12.257 7.041   1.00 76.79  ? 13  ARG A CA  1 
ATOM   57  C C   . ARG A 1 13  ? -5.218  -10.794 7.544   1.00 64.88  ? 13  ARG A C   1 
ATOM   58  O O   . ARG A 1 13  ? -6.296  -10.178 7.371   1.00 57.95  ? 13  ARG A O   1 
ATOM   59  C CB  . ARG A 1 13  ? -6.012  -13.198 7.640   1.00 94.43  ? 13  ARG A CB  1 
ATOM   60  C CG  . ARG A 1 13  ? -5.925  -14.655 7.154   1.00 101.71 ? 13  ARG A CG  1 
ATOM   61  C CD  . ARG A 1 13  ? -6.722  -14.864 5.889   1.00 112.59 ? 13  ARG A CD  1 
ATOM   62  N NE  . ARG A 1 13  ? -8.110  -14.454 6.132   1.00 121.86 ? 13  ARG A NE  1 
ATOM   63  C CZ  . ARG A 1 13  ? -8.952  -13.953 5.225   1.00 124.09 ? 13  ARG A CZ  1 
ATOM   64  N NH1 . ARG A 1 13  ? -8.598  -13.796 3.945   1.00 122.74 ? 13  ARG A NH1 1 
ATOM   65  N NH2 . ARG A 1 13  ? -10.180 -13.603 5.608   1.00 119.80 ? 13  ARG A NH2 1 
ATOM   66  N N   . CYS A 1 14  ? -4.184  -10.229 8.149   1.00 64.87  ? 14  CYS A N   1 
ATOM   67  C CA  . CYS A 1 14  ? -4.226  -8.865  8.654   1.00 54.54  ? 14  CYS A CA  1 
ATOM   68  C C   . CYS A 1 14  ? -3.276  -8.052  7.820   1.00 50.48  ? 14  CYS A C   1 
ATOM   69  O O   . CYS A 1 14  ? -2.553  -8.567  6.964   1.00 48.24  ? 14  CYS A O   1 
ATOM   70  C CB  . CYS A 1 14  ? -3.819  -8.849  10.134  1.00 61.60  ? 14  CYS A CB  1 
ATOM   71  S SG  . CYS A 1 14  ? -5.040  -9.623  11.242  1.00 67.86  ? 14  CYS A SG  1 
ATOM   72  N N   . CYS A 1 15  ? -3.292  -6.761  8.079   1.00 39.72  ? 15  CYS A N   1 
ATOM   73  C CA  . CYS A 1 15  ? -2.503  -5.819  7.394   1.00 33.58  ? 15  CYS A CA  1 
ATOM   74  C C   . CYS A 1 15  ? -1.089  -6.306  7.166   1.00 41.78  ? 15  CYS A C   1 
ATOM   75  O O   . CYS A 1 15  ? -0.326  -6.503  8.138   1.00 37.65  ? 15  CYS A O   1 
ATOM   76  C CB  . CYS A 1 15  ? -2.471  -4.547  8.206   1.00 35.12  ? 15  CYS A CB  1 
ATOM   77  S SG  . CYS A 1 15  ? -1.512  -3.227  7.468   1.00 38.73  ? 15  CYS A SG  1 
ATOM   78  N N   . ARG A 1 16  ? -0.731  -6.534  5.893   1.00 40.85  ? 16  ARG A N   1 
ATOM   79  C CA  . ARG A 1 16  ? 0.664   -6.877  5.564   1.00 37.26  ? 16  ARG A CA  1 
ATOM   80  C C   . ARG A 1 16  ? 0.972   -6.597  4.097   1.00 37.79  ? 16  ARG A C   1 
ATOM   81  O O   . ARG A 1 16  ? 0.073   -6.343  3.308   1.00 37.61  ? 16  ARG A O   1 
ATOM   82  C CB  . ARG A 1 16  ? 0.953   -8.333  5.900   1.00 42.76  ? 16  ARG A CB  1 
ATOM   83  C CG  . ARG A 1 16  ? 0.148   -9.311  5.033   1.00 46.42  ? 16  ARG A CG  1 
ATOM   84  C CD  . ARG A 1 16  ? 0.739   -10.697 5.073   1.00 53.36  ? 16  ARG A CD  1 
ATOM   85  N NE  . ARG A 1 16  ? -0.076  -11.609 4.272   1.00 58.51  ? 16  ARG A NE  1 
ATOM   86  C CZ  . ARG A 1 16  ? 0.138   -11.898 2.983   1.00 57.50  ? 16  ARG A CZ  1 
ATOM   87  N NH1 . ARG A 1 16  ? -0.691  -12.713 2.374   1.00 59.33  ? 16  ARG A NH1 1 
ATOM   88  N NH2 . ARG A 1 16  ? 1.161   -11.378 2.286   1.00 55.80  ? 16  ARG A NH2 1 
ATOM   89  N N   . LEU A 1 17  ? 2.252   -6.621  3.755   1.00 40.67  ? 17  LEU A N   1 
ATOM   90  C CA  . LEU A 1 17  ? 2.689   -6.460  2.370   1.00 43.45  ? 17  LEU A CA  1 
ATOM   91  C C   . LEU A 1 17  ? 2.235   -7.618  1.486   1.00 44.20  ? 17  LEU A C   1 
ATOM   92  O O   . LEU A 1 17  ? 2.478   -8.775  1.809   1.00 43.05  ? 17  LEU A O   1 
ATOM   93  C CB  . LEU A 1 17  ? 4.191   -6.399  2.346   1.00 47.51  ? 17  LEU A CB  1 
ATOM   94  C CG  . LEU A 1 17  ? 4.743   -5.687  1.137   1.00 45.77  ? 17  LEU A CG  1 
ATOM   95  C CD1 . LEU A 1 17  ? 4.515   -4.190  1.200   1.00 44.49  ? 17  LEU A CD1 1 
ATOM   96  C CD2 . LEU A 1 17  ? 6.227   -5.974  1.123   1.00 52.79  ? 17  LEU A CD2 1 
ATOM   97  N N   . HIS A 1 18  ? 1.517   -7.293  0.419   1.00 42.99  ? 18  HIS A N   1 
ATOM   98  C CA  . HIS A 1 18  ? 1.186   -8.180  -0.690  1.00 44.97  ? 18  HIS A CA  1 
ATOM   99  C C   . HIS A 1 18  ? 1.885   -7.747  -1.976  1.00 46.25  ? 18  HIS A C   1 
ATOM   100 O O   . HIS A 1 18  ? 2.260   -6.593  -2.119  1.00 47.66  ? 18  HIS A O   1 
ATOM   101 C CB  . HIS A 1 18  ? -0.289  -8.120  -0.985  1.00 46.54  ? 18  HIS A CB  1 
ATOM   102 C CG  . HIS A 1 18  ? -1.089  -8.836  0.004   1.00 48.85  ? 18  HIS A CG  1 
ATOM   103 N ND1 . HIS A 1 18  ? -1.251  -8.362  1.288   1.00 55.90  ? 18  HIS A ND1 1 
ATOM   104 C CD2 . HIS A 1 18  ? -1.712  -10.029 -0.053  1.00 50.53  ? 18  HIS A CD2 1 
ATOM   105 C CE1 . HIS A 1 18  ? -1.972  -9.223  1.969   1.00 52.19  ? 18  HIS A CE1 1 
ATOM   106 N NE2 . HIS A 1 18  ? -2.267  -10.241 1.180   1.00 55.60  ? 18  HIS A NE2 1 
ATOM   107 N N   . THR A 1 19  ? 1.999   -8.682  -2.919  1.00 46.48  ? 19  THR A N   1 
ATOM   108 C CA  . THR A 1 19  ? 2.462   -8.384  -4.283  1.00 43.96  ? 19  THR A CA  1 
ATOM   109 C C   . THR A 1 19  ? 1.312   -8.526  -5.220  1.00 45.89  ? 19  THR A C   1 
ATOM   110 O O   . THR A 1 19  ? 0.612   -9.517  -5.202  1.00 44.83  ? 19  THR A O   1 
ATOM   111 C CB  . THR A 1 19  ? 3.571   -9.325  -4.682  1.00 47.76  ? 19  THR A CB  1 
ATOM   112 O OG1 . THR A 1 19  ? 4.582   -9.146  -3.707  1.00 46.77  ? 19  THR A OG1 1 
ATOM   113 C CG2 . THR A 1 19  ? 4.117   -8.948  -6.114  1.00 47.81  ? 19  THR A CG2 1 
ATOM   114 N N   . VAL A 1 20  ? 1.032   -7.486  -5.987  1.00 42.16  ? 20  VAL A N   1 
ATOM   115 C CA  . VAL A 1 20  ? -0.055  -7.532  -6.929  1.00 39.55  ? 20  VAL A CA  1 
ATOM   116 C C   . VAL A 1 20  ? 0.627   -7.314  -8.292  1.00 44.10  ? 20  VAL A C   1 
ATOM   117 O O   . VAL A 1 20  ? 1.348   -6.313  -8.466  1.00 41.83  ? 20  VAL A O   1 
ATOM   118 C CB  . VAL A 1 20  ? -1.086  -6.420  -6.678  1.00 47.61  ? 20  VAL A CB  1 
ATOM   119 C CG1 . VAL A 1 20  ? -2.176  -6.456  -7.757  1.00 50.49  ? 20  VAL A CG1 1 
ATOM   120 C CG2 . VAL A 1 20  ? -1.705  -6.626  -5.272  1.00 52.55  ? 20  VAL A CG2 1 
ATOM   121 N N   . ARG A 1 21  ? 0.384   -8.226  -9.234  1.00 40.88  ? 21  ARG A N   1 
ATOM   122 C CA  . ARG A 1 21  ? 1.016   -8.167  -10.587 1.00 41.89  ? 21  ARG A CA  1 
ATOM   123 C C   . ARG A 1 21  ? 0.152   -7.361  -11.475 1.00 37.13  ? 21  ARG A C   1 
ATOM   124 O O   . ARG A 1 21  ? -1.019  -7.550  -11.485 1.00 42.98  ? 21  ARG A O   1 
ATOM   125 C CB  . ARG A 1 21  ? 1.219   -9.562  -11.159 1.00 51.43  ? 21  ARG A CB  1 
ATOM   126 C CG  . ARG A 1 21  ? 2.552   -10.132 -10.696 1.00 63.55  ? 21  ARG A CG  1 
ATOM   127 C CD  . ARG A 1 21  ? 2.655   -11.666 -10.752 1.00 77.01  ? 21  ARG A CD  1 
ATOM   128 N NE  . ARG A 1 21  ? 3.788   -12.091 -9.912  1.00 85.37  ? 21  ARG A NE  1 
ATOM   129 C CZ  . ARG A 1 21  ? 3.760   -12.245 -8.580  1.00 87.54  ? 21  ARG A CZ  1 
ATOM   130 N NH1 . ARG A 1 21  ? 2.637   -12.071 -7.863  1.00 81.16  ? 21  ARG A NH1 1 
ATOM   131 N NH2 . ARG A 1 21  ? 4.881   -12.583 -7.950  1.00 88.20  ? 21  ARG A NH2 1 
ATOM   132 N N   . ALA A 1 22  ? 0.717   -6.373  -12.147 1.00 38.64  ? 22  ALA A N   1 
ATOM   133 C CA  . ALA A 1 22  ? -0.076  -5.447  -12.904 1.00 38.67  ? 22  ALA A CA  1 
ATOM   134 C C   . ALA A 1 22  ? 0.619   -5.179  -14.239 1.00 35.86  ? 22  ALA A C   1 
ATOM   135 O O   . ALA A 1 22  ? 1.805   -4.839  -14.287 1.00 42.27  ? 22  ALA A O   1 
ATOM   136 C CB  . ALA A 1 22  ? -0.249  -4.135  -12.139 1.00 41.12  ? 22  ALA A CB  1 
ATOM   137 N N   . SER A 1 23  ? -0.149  -5.243  -15.297 1.00 40.28  ? 23  SER A N   1 
ATOM   138 C CA  . SER A 1 23  ? 0.371   -4.797  -16.595 1.00 43.98  ? 23  SER A CA  1 
ATOM   139 C C   . SER A 1 23  ? 0.350   -3.283  -16.691 1.00 40.78  ? 23  SER A C   1 
ATOM   140 O O   . SER A 1 23  ? -0.410  -2.591  -15.993 1.00 39.23  ? 23  SER A O   1 
ATOM   141 C CB  . SER A 1 23  ? -0.440  -5.390  -17.733 1.00 39.77  ? 23  SER A CB  1 
ATOM   142 O OG  . SER A 1 23  ? -1.685  -4.750  -17.884 1.00 42.02  ? 23  SER A OG  1 
ATOM   143 N N   . LEU A 1 24  ? 1.105   -2.772  -17.651 1.00 38.84  ? 24  LEU A N   1 
ATOM   144 C CA  . LEU A 1 24  ? 1.090   -1.388  -17.965 1.00 37.69  ? 24  LEU A CA  1 
ATOM   145 C C   . LEU A 1 24  ? -0.267  -0.925  -18.338 1.00 41.07  ? 24  LEU A C   1 
ATOM   146 O O   . LEU A 1 24  ? -0.616  0.189   -17.990 1.00 41.13  ? 24  LEU A O   1 
ATOM   147 C CB  . LEU A 1 24  ? 2.096   -1.050  -19.062 1.00 39.73  ? 24  LEU A CB  1 
ATOM   148 C CG  . LEU A 1 24  ? 3.532   -1.227  -18.613 1.00 35.55  ? 24  LEU A CG  1 
ATOM   149 C CD1 . LEU A 1 24  ? 4.472   -0.899  -19.784 1.00 41.44  ? 24  LEU A CD1 1 
ATOM   150 C CD2 . LEU A 1 24  ? 3.870   -0.448  -17.393 1.00 37.31  ? 24  LEU A CD2 1 
ATOM   151 N N   . GLU A 1 25  ? -1.067  -1.771  -19.007 1.00 35.48  ? 25  GLU A N   1 
ATOM   152 C CA  . GLU A 1 25  ? -2.389  -1.352  -19.458 1.00 43.90  ? 25  GLU A CA  1 
ATOM   153 C C   . GLU A 1 25  ? -3.332  -1.276  -18.202 1.00 36.32  ? 25  GLU A C   1 
ATOM   154 O O   . GLU A 1 25  ? -4.196  -0.431  -18.123 1.00 43.20  ? 25  GLU A O   1 
ATOM   155 C CB  . GLU A 1 25  ? -2.937  -2.343  -20.534 1.00 50.40  ? 25  GLU A CB  1 
ATOM   156 C CG  . GLU A 1 25  ? -2.130  -2.395  -21.859 1.00 59.95  ? 25  GLU A CG  1 
ATOM   157 C CD  . GLU A 1 25  ? -0.741  -3.143  -21.830 1.00 70.21  ? 25  GLU A CD  1 
ATOM   158 O OE1 . GLU A 1 25  ? -0.024  -3.074  -22.883 1.00 76.19  ? 25  GLU A OE1 1 
ATOM   159 O OE2 . GLU A 1 25  ? -0.330  -3.809  -20.811 1.00 57.04  ? 25  GLU A OE2 1 
ATOM   160 N N   . ASP A 1 26  ? -3.124  -2.185  -17.255 1.00 37.29  ? 26  ASP A N   1 
ATOM   161 C CA  . ASP A 1 26  ? -3.813  -2.167  -15.930 1.00 42.38  ? 26  ASP A CA  1 
ATOM   162 C C   . ASP A 1 26  ? -3.578  -0.811  -15.207 1.00 43.02  ? 26  ASP A C   1 
ATOM   163 O O   . ASP A 1 26  ? -4.498  -0.236  -14.653 1.00 39.77  ? 26  ASP A O   1 
ATOM   164 C CB  . ASP A 1 26  ? -3.282  -3.285  -15.024 1.00 43.31  ? 26  ASP A CB  1 
ATOM   165 C CG  . ASP A 1 26  ? -3.719  -4.707  -15.475 1.00 54.99  ? 26  ASP A CG  1 
ATOM   166 O OD1 . ASP A 1 26  ? -4.644  -4.777  -16.306 1.00 54.90  ? 26  ASP A OD1 1 
ATOM   167 O OD2 . ASP A 1 26  ? -3.109  -5.728  -15.001 1.00 56.73  ? 26  ASP A OD2 1 
ATOM   168 N N   . LEU A 1 27  ? -2.344  -0.319  -15.262 1.00 36.67  ? 27  LEU A N   1 
ATOM   169 C CA  . LEU A 1 27  ? -1.928  0.894   -14.533 1.00 35.35  ? 27  LEU A CA  1 
ATOM   170 C C   . LEU A 1 27  ? -2.287  2.142   -15.223 1.00 38.38  ? 27  LEU A C   1 
ATOM   171 O O   . LEU A 1 27  ? -2.179  3.233   -14.658 1.00 41.67  ? 27  LEU A O   1 
ATOM   172 C CB  . LEU A 1 27  ? -0.417  0.870   -14.307 1.00 35.24  ? 27  LEU A CB  1 
ATOM   173 C CG  . LEU A 1 27  ? 0.014   -0.278  -13.473 1.00 35.31  ? 27  LEU A CG  1 
ATOM   174 C CD1 . LEU A 1 27  ? 1.493   -0.332  -13.242 1.00 40.89  ? 27  LEU A CD1 1 
ATOM   175 C CD2 . LEU A 1 27  ? -0.689  -0.264  -12.118 1.00 40.87  ? 27  LEU A CD2 1 
ATOM   176 N N   . GLY A 1 28  ? -2.657  2.019   -16.493 1.00 41.25  ? 28  GLY A N   1 
ATOM   177 C CA  . GLY A 1 28  ? -2.887  3.182   -17.312 1.00 42.03  ? 28  GLY A CA  1 
ATOM   178 C C   . GLY A 1 28  ? -1.571  3.798   -17.796 1.00 38.05  ? 28  GLY A C   1 
ATOM   179 O O   . GLY A 1 28  ? -1.587  4.917   -18.236 1.00 40.05  ? 28  GLY A O   1 
ATOM   180 N N   . TRP A 1 29  ? -0.466  3.050   -17.747 1.00 37.52  ? 29  TRP A N   1 
ATOM   181 C CA  . TRP A 1 29  ? 0.836   3.560   -18.107 1.00 37.68  ? 29  TRP A CA  1 
ATOM   182 C C   . TRP A 1 29  ? 1.307   3.216   -19.542 1.00 44.05  ? 29  TRP A C   1 
ATOM   183 O O   . TRP A 1 29  ? 2.368   3.656   -19.928 1.00 41.43  ? 29  TRP A O   1 
ATOM   184 C CB  . TRP A 1 29  ? 1.867   3.054   -17.154 1.00 34.58  ? 29  TRP A CB  1 
ATOM   185 C CG  . TRP A 1 29  ? 1.728   3.570   -15.760 1.00 33.29  ? 29  TRP A CG  1 
ATOM   186 C CD1 . TRP A 1 29  ? 0.861   4.528   -15.293 1.00 34.83  ? 29  TRP A CD1 1 
ATOM   187 C CD2 . TRP A 1 29  ? 2.493   3.158   -14.676 1.00 34.35  ? 29  TRP A CD2 1 
ATOM   188 N NE1 . TRP A 1 29  ? 1.002   4.676   -13.940 1.00 35.64  ? 29  TRP A NE1 1 
ATOM   189 C CE2 . TRP A 1 29  ? 2.018   3.859   -13.530 1.00 36.87  ? 29  TRP A CE2 1 
ATOM   190 C CE3 . TRP A 1 29  ? 3.565   2.264   -14.534 1.00 40.32  ? 29  TRP A CE3 1 
ATOM   191 C CZ2 . TRP A 1 29  ? 2.577   3.709   -12.287 1.00 37.90  ? 29  TRP A CZ2 1 
ATOM   192 C CZ3 . TRP A 1 29  ? 4.138   2.104   -13.285 1.00 41.75  ? 29  TRP A CZ3 1 
ATOM   193 C CH2 . TRP A 1 29  ? 3.620   2.838   -12.152 1.00 38.27  ? 29  TRP A CH2 1 
ATOM   194 N N   . ALA A 1 30  ? 0.543   2.475   -20.321 1.00 44.08  ? 30  ALA A N   1 
ATOM   195 C CA  . ALA A 1 30  ? 1.107   1.830   -21.517 1.00 49.91  ? 30  ALA A CA  1 
ATOM   196 C C   . ALA A 1 30  ? 1.529   2.863   -22.602 1.00 51.61  ? 30  ALA A C   1 
ATOM   197 O O   . ALA A 1 30  ? 2.469   2.609   -23.324 1.00 55.55  ? 30  ALA A O   1 
ATOM   198 C CB  . ALA A 1 30  ? 0.157   0.745   -22.069 1.00 50.55  ? 30  ALA A CB  1 
ATOM   199 N N   . ASP A 1 31  ? 0.898   4.038   -22.654 1.00 47.23  ? 31  ASP A N   1 
ATOM   200 C CA  . ASP A 1 31  ? 1.342   5.101   -23.607 1.00 57.95  ? 31  ASP A CA  1 
ATOM   201 C C   . ASP A 1 31  ? 2.725   5.653   -23.361 1.00 51.82  ? 31  ASP A C   1 
ATOM   202 O O   . ASP A 1 31  ? 3.333   6.135   -24.281 1.00 60.33  ? 31  ASP A O   1 
ATOM   203 C CB  . ASP A 1 31  ? 0.451   6.361   -23.573 1.00 63.27  ? 31  ASP A CB  1 
ATOM   204 C CG  . ASP A 1 31  ? -0.954  6.124   -24.044 1.00 66.54  ? 31  ASP A CG  1 
ATOM   205 O OD1 . ASP A 1 31  ? -1.201  5.179   -24.830 1.00 76.05  ? 31  ASP A OD1 1 
ATOM   206 O OD2 . ASP A 1 31  ? -1.810  6.931   -23.624 1.00 78.11  ? 31  ASP A OD2 1 
ATOM   207 N N   . TRP A 1 32  ? 3.168   5.679   -22.107 1.00 49.80  ? 32  TRP A N   1 
ATOM   208 C CA  . TRP A 1 32  ? 4.400   6.351   -21.735 1.00 50.15  ? 32  TRP A CA  1 
ATOM   209 C C   . TRP A 1 32  ? 5.465   5.427   -21.270 1.00 43.59  ? 32  TRP A C   1 
ATOM   210 O O   . TRP A 1 32  ? 6.594   5.698   -21.485 1.00 53.18  ? 32  TRP A O   1 
ATOM   211 C CB  . TRP A 1 32  ? 4.125   7.389   -20.625 1.00 62.81  ? 32  TRP A CB  1 
ATOM   212 C CG  . TRP A 1 32  ? 3.048   8.373   -21.025 1.00 83.51  ? 32  TRP A CG  1 
ATOM   213 C CD1 . TRP A 1 32  ? 1.741   8.373   -20.600 1.00 88.25  ? 32  TRP A CD1 1 
ATOM   214 C CD2 . TRP A 1 32  ? 3.167   9.479   -21.974 1.00 100.70 ? 32  TRP A CD2 1 
ATOM   215 N NE1 . TRP A 1 32  ? 1.048   9.409   -21.210 1.00 104.55 ? 32  TRP A NE1 1 
ATOM   216 C CE2 . TRP A 1 32  ? 1.893   10.103  -22.050 1.00 108.32 ? 32  TRP A CE2 1 
ATOM   217 C CE3 . TRP A 1 32  ? 4.225   9.999   -22.757 1.00 96.96  ? 32  TRP A CE3 1 
ATOM   218 C CZ2 . TRP A 1 32  ? 1.646   11.237  -22.882 1.00 103.10 ? 32  TRP A CZ2 1 
ATOM   219 C CZ3 . TRP A 1 32  ? 3.978   11.124  -23.581 1.00 96.41  ? 32  TRP A CZ3 1 
ATOM   220 C CH2 . TRP A 1 32  ? 2.695   11.728  -23.629 1.00 95.95  ? 32  TRP A CH2 1 
ATOM   221 N N   . VAL A 1 33  ? 5.130   4.376   -20.550 1.00 39.71  ? 33  VAL A N   1 
ATOM   222 C CA  . VAL A 1 33  ? 6.109   3.505   -19.988 1.00 38.40  ? 33  VAL A CA  1 
ATOM   223 C C   . VAL A 1 33  ? 6.437   2.368   -20.968 1.00 39.20  ? 33  VAL A C   1 
ATOM   224 O O   . VAL A 1 33  ? 5.540   1.716   -21.500 1.00 41.29  ? 33  VAL A O   1 
ATOM   225 C CB  . VAL A 1 33  ? 5.645   2.956   -18.643 1.00 37.65  ? 33  VAL A CB  1 
ATOM   226 C CG1 . VAL A 1 33  ? 6.640   1.970   -18.073 1.00 36.59  ? 33  VAL A CG1 1 
ATOM   227 C CG2 . VAL A 1 33  ? 5.409   4.137   -17.700 1.00 41.58  ? 33  VAL A CG2 1 
ATOM   228 N N   . LEU A 1 34  ? 7.735   2.132   -21.136 1.00 40.98  ? 34  LEU A N   1 
ATOM   229 C CA  . LEU A 1 34  ? 8.249   1.094   -22.043 1.00 42.79  ? 34  LEU A CA  1 
ATOM   230 C C   . LEU A 1 34  ? 8.704   -0.162  -21.299 1.00 38.49  ? 34  LEU A C   1 
ATOM   231 O O   . LEU A 1 34  ? 8.624   -1.257  -21.824 1.00 40.48  ? 34  LEU A O   1 
ATOM   232 C CB  . LEU A 1 34  ? 9.401   1.672   -22.859 1.00 40.46  ? 34  LEU A CB  1 
ATOM   233 C CG  . LEU A 1 34  ? 9.163   2.901   -23.705 1.00 42.37  ? 34  LEU A CG  1 
ATOM   234 C CD1 . LEU A 1 34  ? 10.476  3.229   -24.402 1.00 46.71  ? 34  LEU A CD1 1 
ATOM   235 C CD2 . LEU A 1 34  ? 8.065   2.668   -24.726 1.00 43.22  ? 34  LEU A CD2 1 
ATOM   236 N N   . SER A 1 35  ? 9.211   -0.029  -20.090 1.00 40.01  ? 35  SER A N   1 
ATOM   237 C CA  . SER A 1 35  ? 9.643   -1.190  -19.316 1.00 41.48  ? 35  SER A CA  1 
ATOM   238 C C   . SER A 1 35  ? 9.686   -0.854  -17.856 1.00 44.15  ? 35  SER A C   1 
ATOM   239 O O   . SER A 1 35  ? 9.992   0.289   -17.536 1.00 41.62  ? 35  SER A O   1 
ATOM   240 C CB  . SER A 1 35  ? 11.027  -1.634  -19.782 1.00 49.65  ? 35  SER A CB  1 
ATOM   241 O OG  . SER A 1 35  ? 11.639  -2.591  -18.907 1.00 49.47  ? 35  SER A OG  1 
ATOM   242 N N   . PRO A 1 36  ? 9.406   -1.796  -16.945 1.00 45.26  ? 36  PRO A N   1 
ATOM   243 C CA  . PRO A 1 36  ? 8.964   -3.171  -17.227 1.00 44.68  ? 36  PRO A CA  1 
ATOM   244 C C   . PRO A 1 36  ? 7.552   -3.188  -17.740 1.00 46.70  ? 36  PRO A C   1 
ATOM   245 O O   . PRO A 1 36  ? 6.828   -2.216  -17.558 1.00 46.62  ? 36  PRO A O   1 
ATOM   246 C CB  . PRO A 1 36  ? 9.044   -3.837  -15.853 1.00 44.54  ? 36  PRO A CB  1 
ATOM   247 C CG  . PRO A 1 36  ? 8.785   -2.725  -14.883 1.00 43.77  ? 36  PRO A CG  1 
ATOM   248 C CD  . PRO A 1 36  ? 9.458   -1.516  -15.493 1.00 49.01  ? 36  PRO A CD  1 
ATOM   249 N N   . ARG A 1 37  ? 7.172   -4.265  -18.429 1.00 39.11  ? 37  ARG A N   1 
ATOM   250 C CA  . ARG A 1 37  ? 5.849   -4.356  -19.028 1.00 42.05  ? 37  ARG A CA  1 
ATOM   251 C C   . ARG A 1 37  ? 4.883   -4.971  -18.001 1.00 33.29  ? 37  ARG A C   1 
ATOM   252 O O   . ARG A 1 37  ? 3.676   -4.823  -18.148 1.00 39.66  ? 37  ARG A O   1 
ATOM   253 C CB  . ARG A 1 37  ? 5.871   -5.201  -20.331 1.00 47.82  ? 37  ARG A CB  1 
ATOM   254 C CG  . ARG A 1 37  ? 6.463   -4.529  -21.588 1.00 60.25  ? 37  ARG A CG  1 
ATOM   255 C CD  . ARG A 1 37  ? 8.004   -4.606  -21.739 1.00 67.41  ? 37  ARG A CD  1 
ATOM   256 N NE  . ARG A 1 37  ? 8.646   -5.948  -21.687 1.00 73.72  ? 37  ARG A NE  1 
ATOM   257 C CZ  . ARG A 1 37  ? 8.968   -6.745  -22.730 1.00 73.60  ? 37  ARG A CZ  1 
ATOM   258 N NH1 . ARG A 1 37  ? 8.695   -6.422  -24.006 1.00 68.99  ? 37  ARG A NH1 1 
ATOM   259 N NH2 . ARG A 1 37  ? 9.567   -7.914  -22.493 1.00 73.02  ? 37  ARG A NH2 1 
ATOM   260 N N   . GLU A 1 38  ? 5.418   -5.637  -17.007 1.00 38.80  ? 38  GLU A N   1 
ATOM   261 C CA  . GLU A 1 38  ? 4.642   -6.218  -15.905 1.00 45.82  ? 38  GLU A CA  1 
ATOM   262 C C   . GLU A 1 38  ? 5.242   -5.651  -14.659 1.00 44.87  ? 38  GLU A C   1 
ATOM   263 O O   . GLU A 1 38  ? 6.437   -5.775  -14.459 1.00 40.99  ? 38  GLU A O   1 
ATOM   264 C CB  . GLU A 1 38  ? 4.810   -7.753  -15.940 1.00 55.55  ? 38  GLU A CB  1 
ATOM   265 C CG  . GLU A 1 38  ? 3.886   -8.573  -15.047 1.00 64.42  ? 38  GLU A CG  1 
ATOM   266 C CD  . GLU A 1 38  ? 2.419   -8.576  -15.493 1.00 76.45  ? 38  GLU A CD  1 
ATOM   267 O OE1 . GLU A 1 38  ? 2.019   -7.841  -16.449 1.00 66.65  ? 38  GLU A OE1 1 
ATOM   268 O OE2 . GLU A 1 38  ? 1.656   -9.352  -14.856 1.00 92.55  ? 38  GLU A OE2 1 
ATOM   269 N N   . VAL A 1 39  ? 4.431   -5.033  -13.799 1.00 45.11  ? 39  VAL A N   1 
ATOM   270 C CA  . VAL A 1 39  ? 4.940   -4.520  -12.513 1.00 44.71  ? 39  VAL A CA  1 
ATOM   271 C C   . VAL A 1 39  ? 4.468   -5.382  -11.353 1.00 37.00  ? 39  VAL A C   1 
ATOM   272 O O   . VAL A 1 39  ? 3.293   -5.749  -11.272 1.00 40.17  ? 39  VAL A O   1 
ATOM   273 C CB  . VAL A 1 39  ? 4.554   -3.027  -12.288 1.00 47.17  ? 39  VAL A CB  1 
ATOM   274 C CG1 . VAL A 1 39  ? 5.255   -2.469  -11.048 1.00 45.91  ? 39  VAL A CG1 1 
ATOM   275 C CG2 . VAL A 1 39  ? 4.882   -2.173  -13.518 1.00 49.51  ? 39  VAL A CG2 1 
ATOM   276 N N   . GLN A 1 40  ? 5.401   -5.705  -10.488 1.00 36.61  ? 40  GLN A N   1 
ATOM   277 C CA  . GLN A 1 40  ? 5.146   -6.452  -9.275  1.00 43.64  ? 40  GLN A CA  1 
ATOM   278 C C   . GLN A 1 40  ? 4.944   -5.355  -8.187  1.00 44.17  ? 40  GLN A C   1 
ATOM   279 O O   . GLN A 1 40  ? 5.888   -4.785  -7.617  1.00 39.65  ? 40  GLN A O   1 
ATOM   280 C CB  . GLN A 1 40  ? 6.282   -7.345  -8.917  1.00 49.92  ? 40  GLN A CB  1 
ATOM   281 C CG  . GLN A 1 40  ? 6.352   -8.609  -9.762  1.00 62.94  ? 40  GLN A CG  1 
ATOM   282 C CD  . GLN A 1 40  ? 7.655   -9.342  -9.475  1.00 72.85  ? 40  GLN A CD  1 
ATOM   283 O OE1 . GLN A 1 40  ? 8.031   -9.549  -8.307  1.00 78.62  ? 40  GLN A OE1 1 
ATOM   284 N NE2 . GLN A 1 40  ? 8.379   -9.691  -10.522 1.00 85.25  ? 40  GLN A NE2 1 
ATOM   285 N N   . VAL A 1 41  ? 3.691   -5.000  -8.013  1.00 41.08  ? 41  VAL A N   1 
ATOM   286 C CA  . VAL A 1 41  ? 3.393   -3.864  -7.134  1.00 41.43  ? 41  VAL A CA  1 
ATOM   287 C C   . VAL A 1 41  ? 3.312   -4.393  -5.707  1.00 34.81  ? 41  VAL A C   1 
ATOM   288 O O   . VAL A 1 41  ? 2.416   -5.163  -5.372  1.00 43.22  ? 41  VAL A O   1 
ATOM   289 C CB  . VAL A 1 41  ? 2.076   -3.215  -7.497  1.00 39.52  ? 41  VAL A CB  1 
ATOM   290 C CG1 . VAL A 1 41  ? 1.852   -1.993  -6.545  1.00 41.12  ? 41  VAL A CG1 1 
ATOM   291 C CG2 . VAL A 1 41  ? 2.058   -2.755  -8.953  1.00 46.41  ? 41  VAL A CG2 1 
ATOM   292 N N   . THR A 1 42  ? 4.196   -3.968  -4.841  1.00 36.12  ? 42  THR A N   1 
ATOM   293 C CA  . THR A 1 42  ? 4.039   -4.362  -3.453  1.00 38.40  ? 42  THR A CA  1 
ATOM   294 C C   . THR A 1 42  ? 3.126   -3.308  -2.746  1.00 33.86  ? 42  THR A C   1 
ATOM   295 O O   . THR A 1 42  ? 3.299   -2.064  -2.947  1.00 32.60  ? 42  THR A O   1 
ATOM   296 C CB  . THR A 1 42  ? 5.346   -4.522  -2.778  1.00 37.00  ? 42  THR A CB  1 
ATOM   297 O OG1 . THR A 1 42  ? 6.066   -3.341  -2.967  1.00 36.44  ? 42  THR A OG1 1 
ATOM   298 C CG2 . THR A 1 42  ? 6.135   -5.765  -3.380  1.00 46.78  ? 42  THR A CG2 1 
ATOM   299 N N   . MET A 1 43  ? 2.094   -3.846  -2.112  1.00 38.74  ? 43  MET A N   1 
ATOM   300 C CA  . MET A 1 43  ? 1.107   -3.035  -1.428  1.00 41.01  ? 43  MET A CA  1 
ATOM   301 C C   . MET A 1 43  ? 0.606   -3.623  -0.135  1.00 37.41  ? 43  MET A C   1 
ATOM   302 O O   . MET A 1 43  ? 0.698   -4.829  0.105   1.00 33.38  ? 43  MET A O   1 
ATOM   303 C CB  . MET A 1 43  ? -0.065  -2.615  -2.343  1.00 45.44  ? 43  MET A CB  1 
ATOM   304 C CG  . MET A 1 43  ? -1.021  -3.647  -2.851  1.00 51.67  ? 43  MET A CG  1 
ATOM   305 S SD  . MET A 1 43  ? -2.434  -2.696  -3.585  1.00 52.27  ? 43  MET A SD  1 
ATOM   306 C CE  . MET A 1 43  ? -1.725  -2.307  -5.140  1.00 41.40  ? 43  MET A CE  1 
ATOM   307 N N   . CYS A 1 44  ? 0.069   -2.723  0.695   1.00 35.97  ? 44  CYS A N   1 
ATOM   308 C CA  . CYS A 1 44  ? -0.337  -3.057  2.032   1.00 33.94  ? 44  CYS A CA  1 
ATOM   309 C C   . CYS A 1 44  ? -1.796  -3.338  1.974   1.00 32.77  ? 44  CYS A C   1 
ATOM   310 O O   . CYS A 1 44  ? -2.605  -2.500  1.589   1.00 34.44  ? 44  CYS A O   1 
ATOM   311 C CB  . CYS A 1 44  ? -0.077  -1.877  2.968   1.00 36.06  ? 44  CYS A CB  1 
ATOM   312 S SG  . CYS A 1 44  ? 1.685   -1.547  3.156   1.00 36.89  ? 44  CYS A SG  1 
ATOM   313 N N   . ILE A 1 45  ? -2.156  -4.530  2.363   1.00 33.61  ? 45  ILE A N   1 
ATOM   314 C CA  . ILE A 1 45  ? -3.532  -4.947  2.316   1.00 36.29  ? 45  ILE A CA  1 
ATOM   315 C C   . ILE A 1 45  ? -3.810  -5.832  3.547   1.00 37.25  ? 45  ILE A C   1 
ATOM   316 O O   . ILE A 1 45  ? -2.974  -6.651  3.926   1.00 37.69  ? 45  ILE A O   1 
ATOM   317 C CB  . ILE A 1 45  ? -3.815  -5.802  1.031   1.00 37.76  ? 45  ILE A CB  1 
ATOM   318 C CG1 . ILE A 1 45  ? -3.312  -5.160  -0.248  1.00 43.74  ? 45  ILE A CG1 1 
ATOM   319 C CG2 . ILE A 1 45  ? -5.319  -5.952  0.856   1.00 39.51  ? 45  ILE A CG2 1 
ATOM   320 C CD1 . ILE A 1 45  ? -3.676  -5.978  -1.505  1.00 43.32  ? 45  ILE A CD1 1 
ATOM   321 N N   . GLY A 1 46  ? -4.984  -5.677  4.142   1.00 36.18  ? 46  GLY A N   1 
ATOM   322 C CA  . GLY A 1 46  ? -5.425  -6.570  5.207   1.00 45.29  ? 46  GLY A CA  1 
ATOM   323 C C   . GLY A 1 46  ? -6.125  -5.810  6.339   1.00 47.41  ? 46  GLY A C   1 
ATOM   324 O O   . GLY A 1 46  ? -5.980  -4.578  6.448   1.00 40.02  ? 46  GLY A O   1 
ATOM   325 N N   . ALA A 1 47  ? -6.835  -6.552  7.205   1.00 49.91  ? 47  ALA A N   1 
ATOM   326 C CA  . ALA A 1 47  ? -7.601  -5.949  8.320   1.00 46.22  ? 47  ALA A CA  1 
ATOM   327 C C   . ALA A 1 47  ? -6.666  -5.362  9.343   1.00 39.56  ? 47  ALA A C   1 
ATOM   328 O O   . ALA A 1 47  ? -5.483  -5.765  9.462   1.00 38.91  ? 47  ALA A O   1 
ATOM   329 C CB  . ALA A 1 47  ? -8.474  -6.985  8.995   1.00 52.55  ? 47  ALA A CB  1 
ATOM   330 N N   . CYS A 1 48  ? -7.196  -4.425  10.096  1.00 36.75  ? 48  CYS A N   1 
ATOM   331 C CA  . CYS A 1 48  ? -6.481  -3.686  11.150  1.00 40.02  ? 48  CYS A CA  1 
ATOM   332 C C   . CYS A 1 48  ? -7.274  -3.806  12.458  1.00 42.26  ? 48  CYS A C   1 
ATOM   333 O O   . CYS A 1 48  ? -7.883  -2.844  12.894  1.00 42.25  ? 48  CYS A O   1 
ATOM   334 C CB  . CYS A 1 48  ? -6.345  -2.205  10.759  1.00 44.81  ? 48  CYS A CB  1 
ATOM   335 S SG  . CYS A 1 48  ? -4.975  -1.891  9.614   1.00 39.30  ? 48  CYS A SG  1 
ATOM   336 N N   . PRO A 1 49  ? -7.291  -4.990  13.060  1.00 43.76  ? 49  PRO A N   1 
ATOM   337 C CA  . PRO A 1 49  ? -8.053  -5.117  14.309  1.00 44.91  ? 49  PRO A CA  1 
ATOM   338 C C   . PRO A 1 49  ? -7.311  -4.495  15.487  1.00 45.88  ? 49  PRO A C   1 
ATOM   339 O O   . PRO A 1 49  ? -6.145  -4.029  15.393  1.00 42.90  ? 49  PRO A O   1 
ATOM   340 C CB  . PRO A 1 49  ? -8.247  -6.626  14.455  1.00 45.49  ? 49  PRO A CB  1 
ATOM   341 C CG  . PRO A 1 49  ? -7.074  -7.205  13.786  1.00 48.22  ? 49  PRO A CG  1 
ATOM   342 C CD  . PRO A 1 49  ? -6.733  -6.281  12.633  1.00 48.41  ? 49  PRO A CD  1 
ATOM   343 N N   . SER A 1 50  ? -8.000  -4.464  16.602  1.00 47.56  ? 50  SER A N   1 
ATOM   344 C CA  . SER A 1 50  ? -7.502  -3.783  17.738  1.00 47.47  ? 50  SER A CA  1 
ATOM   345 C C   . SER A 1 50  ? -6.078  -4.156  18.094  1.00 46.01  ? 50  SER A C   1 
ATOM   346 O O   . SER A 1 50  ? -5.726  -5.329  18.125  1.00 46.36  ? 50  SER A O   1 
ATOM   347 C CB  . SER A 1 50  ? -8.403  -4.078  18.936  1.00 52.95  ? 50  SER A CB  1 
ATOM   348 O OG  . SER A 1 50  ? -7.846  -3.381  20.008  1.00 50.95  ? 50  SER A OG  1 
ATOM   349 N N   . GLN A 1 51  ? -5.270  -3.137  18.376  1.00 49.45  ? 51  GLN A N   1 
ATOM   350 C CA  . GLN A 1 51  ? -3.854  -3.281  18.713  1.00 59.20  ? 51  GLN A CA  1 
ATOM   351 C C   . GLN A 1 51  ? -3.000  -3.965  17.628  1.00 62.81  ? 51  GLN A C   1 
ATOM   352 O O   . GLN A 1 51  ? -1.842  -4.286  17.908  1.00 53.27  ? 51  GLN A O   1 
ATOM   353 C CB  . GLN A 1 51  ? -3.681  -3.994  20.054  1.00 66.19  ? 51  GLN A CB  1 
ATOM   354 C CG  . GLN A 1 51  ? -4.221  -3.202  21.224  1.00 69.09  ? 51  GLN A CG  1 
ATOM   355 C CD  . GLN A 1 51  ? -4.134  -4.006  22.490  1.00 73.77  ? 51  GLN A CD  1 
ATOM   356 O OE1 . GLN A 1 51  ? -4.741  -5.071  22.595  1.00 79.68  ? 51  GLN A OE1 1 
ATOM   357 N NE2 . GLN A 1 51  ? -3.354  -3.529  23.446  1.00 85.75  ? 51  GLN A NE2 1 
ATOM   358 N N   . PHE A 1 52  ? -3.531  -4.167  16.405  1.00 55.85  ? 52  PHE A N   1 
ATOM   359 C CA  . PHE A 1 52  ? -2.701  -4.789  15.357  1.00 52.47  ? 52  PHE A CA  1 
ATOM   360 C C   . PHE A 1 52  ? -1.886  -3.711  14.638  1.00 48.66  ? 52  PHE A C   1 
ATOM   361 O O   . PHE A 1 52  ? -2.442  -2.856  13.964  1.00 48.71  ? 52  PHE A O   1 
ATOM   362 C CB  . PHE A 1 52  ? -3.515  -5.641  14.381  1.00 59.56  ? 52  PHE A CB  1 
ATOM   363 C CG  . PHE A 1 52  ? -2.634  -6.448  13.486  1.00 63.79  ? 52  PHE A CG  1 
ATOM   364 C CD1 . PHE A 1 52  ? -2.096  -7.662  13.925  1.00 60.52  ? 52  PHE A CD1 1 
ATOM   365 C CD2 . PHE A 1 52  ? -2.216  -5.934  12.247  1.00 61.48  ? 52  PHE A CD2 1 
ATOM   366 C CE1 . PHE A 1 52  ? -1.205  -8.366  13.117  1.00 61.58  ? 52  PHE A CE1 1 
ATOM   367 C CE2 . PHE A 1 52  ? -1.316  -6.641  11.445  1.00 58.61  ? 52  PHE A CE2 1 
ATOM   368 C CZ  . PHE A 1 52  ? -0.808  -7.852  11.881  1.00 55.08  ? 52  PHE A CZ  1 
ATOM   369 N N   . ARG A 1 53  ? -0.573  -3.723  14.826  1.00 42.91  ? 53  ARG A N   1 
ATOM   370 C CA  . ARG A 1 53  ? 0.340   -2.813  14.170  1.00 48.54  ? 53  ARG A CA  1 
ATOM   371 C C   . ARG A 1 53  ? -0.149  -1.377  14.190  1.00 51.77  ? 53  ARG A C   1 
ATOM   372 O O   . ARG A 1 53  ? -0.141  -0.707  13.127  1.00 37.91  ? 53  ARG A O   1 
ATOM   373 C CB  . ARG A 1 53  ? 0.562   -3.210  12.701  1.00 52.40  ? 53  ARG A CB  1 
ATOM   374 C CG  . ARG A 1 53  ? 1.339   -4.481  12.503  1.00 58.88  ? 53  ARG A CG  1 
ATOM   375 C CD  . ARG A 1 53  ? 2.079   -4.471  11.177  1.00 69.53  ? 53  ARG A CD  1 
ATOM   376 N NE  . ARG A 1 53  ? 2.079   -5.793  10.567  1.00 85.30  ? 53  ARG A NE  1 
ATOM   377 C CZ  . ARG A 1 53  ? 2.640   -6.090  9.396   1.00 94.82  ? 53  ARG A CZ  1 
ATOM   378 N NH1 . ARG A 1 53  ? 3.283   -5.162  8.677   1.00 94.54  ? 53  ARG A NH1 1 
ATOM   379 N NH2 . ARG A 1 53  ? 2.555   -7.341  8.943   1.00 100.72 ? 53  ARG A NH2 1 
ATOM   380 N N   . ALA A 1 54  ? -0.579  -0.902  15.362  1.00 43.84  ? 54  ALA A N   1 
ATOM   381 C CA  . ALA A 1 54  ? -1.067  0.480   15.442  1.00 46.24  ? 54  ALA A CA  1 
ATOM   382 C C   . ALA A 1 54  ? 0.109   1.394   15.189  1.00 47.31  ? 54  ALA A C   1 
ATOM   383 O O   . ALA A 1 54  ? 1.091   1.330   15.871  1.00 50.08  ? 54  ALA A O   1 
ATOM   384 C CB  . ALA A 1 54  ? -1.673  0.770   16.810  1.00 51.93  ? 54  ALA A CB  1 
ATOM   385 N N   . ALA A 1 55  ? 0.005   2.268   14.210  1.00 44.18  ? 55  ALA A N   1 
ATOM   386 C CA  . ALA A 1 55  ? 1.096   3.175   13.902  1.00 46.07  ? 55  ALA A CA  1 
ATOM   387 C C   . ALA A 1 55  ? 1.382   4.134   15.038  1.00 51.50  ? 55  ALA A C   1 
ATOM   388 O O   . ALA A 1 55  ? 2.504   4.539   15.202  1.00 48.35  ? 55  ALA A O   1 
ATOM   389 C CB  . ALA A 1 55  ? 0.757   3.990   12.689  1.00 49.07  ? 55  ALA A CB  1 
ATOM   390 N N   . ASN A 1 56  ? 0.355   4.516   15.793  1.00 44.85  ? 56  ASN A N   1 
ATOM   391 C CA  . ASN A 1 56  ? 0.480   5.552   16.767  1.00 40.34  ? 56  ASN A CA  1 
ATOM   392 C C   . ASN A 1 56  ? -0.788  5.607   17.602  1.00 39.26  ? 56  ASN A C   1 
ATOM   393 O O   . ASN A 1 56  ? -1.721  4.806   17.409  1.00 39.18  ? 56  ASN A O   1 
ATOM   394 C CB  . ASN A 1 56  ? 0.764   6.886   16.077  1.00 41.94  ? 56  ASN A CB  1 
ATOM   395 C CG  . ASN A 1 56  ? -0.302  7.278   15.098  1.00 42.32  ? 56  ASN A CG  1 
ATOM   396 O OD1 . ASN A 1 56  ? -1.457  6.937   15.238  1.00 37.87  ? 56  ASN A OD1 1 
ATOM   397 N ND2 . ASN A 1 56  ? 0.087   7.996   14.094  1.00 39.44  ? 56  ASN A ND2 1 
ATOM   398 N N   . MET A 1 57  ? -0.861  6.568   18.501  1.00 38.28  ? 57  MET A N   1 
ATOM   399 C CA  . MET A 1 57  ? -1.989  6.632   19.384  1.00 45.05  ? 57  MET A CA  1 
ATOM   400 C C   . MET A 1 57  ? -3.238  7.051   18.672  1.00 35.90  ? 57  MET A C   1 
ATOM   401 O O   . MET A 1 57  ? -4.282  6.632   19.103  1.00 31.91  ? 57  MET A O   1 
ATOM   402 C CB  . MET A 1 57  ? -1.713  7.574   20.565  1.00 54.92  ? 57  MET A CB  1 
ATOM   403 C CG  . MET A 1 57  ? -0.749  7.002   21.604  1.00 72.42  ? 57  MET A CG  1 
ATOM   404 S SD  . MET A 1 57  ? -0.453  8.167   22.979  1.00 101.23 ? 57  MET A SD  1 
ATOM   405 C CE  . MET A 1 57  ? -1.921  7.980   24.014  1.00 99.02  ? 57  MET A CE  1 
ATOM   406 N N   . HIS A 1 58  ? -3.129  7.857   17.603  1.00 31.68  ? 58  HIS A N   1 
ATOM   407 C CA  . HIS A 1 58  ? -4.293  8.202   16.808  1.00 33.85  ? 58  HIS A CA  1 
ATOM   408 C C   . HIS A 1 58  ? -5.026  6.949   16.295  1.00 31.71  ? 58  HIS A C   1 
ATOM   409 O O   . HIS A 1 58  ? -6.251  6.911   16.251  1.00 29.56  ? 58  HIS A O   1 
ATOM   410 C CB  . HIS A 1 58  ? -3.923  9.079   15.649  1.00 31.81  ? 58  HIS A CB  1 
ATOM   411 C CG  . HIS A 1 58  ? -5.081  9.622   14.905  1.00 30.80  ? 58  HIS A CG  1 
ATOM   412 N ND1 . HIS A 1 58  ? -5.869  10.622  15.393  1.00 32.16  ? 58  HIS A ND1 1 
ATOM   413 C CD2 . HIS A 1 58  ? -5.584  9.299   13.692  1.00 32.14  ? 58  HIS A CD2 1 
ATOM   414 C CE1 . HIS A 1 58  ? -6.774  10.948  14.502  1.00 34.16  ? 58  HIS A CE1 1 
ATOM   415 N NE2 . HIS A 1 58  ? -6.640  10.132  13.468  1.00 34.28  ? 58  HIS A NE2 1 
ATOM   416 N N   . ALA A 1 59  ? -4.258  5.937   15.891  1.00 33.23  ? 59  ALA A N   1 
ATOM   417 C CA  . ALA A 1 59  ? -4.810  4.665   15.414  1.00 29.70  ? 59  ALA A CA  1 
ATOM   418 C C   . ALA A 1 59  ? -5.604  3.949   16.474  1.00 35.26  ? 59  ALA A C   1 
ATOM   419 O O   . ALA A 1 59  ? -6.674  3.373   16.201  1.00 32.37  ? 59  ALA A O   1 
ATOM   420 C CB  . ALA A 1 59  ? -3.710  3.776   14.934  1.00 36.49  ? 59  ALA A CB  1 
ATOM   421 N N   . GLN A 1 60  ? -5.106  3.975   17.704  1.00 32.06  ? 60  GLN A N   1 
ATOM   422 C CA  . GLN A 1 60  ? -5.830  3.378   18.828  1.00 32.17  ? 60  GLN A CA  1 
ATOM   423 C C   . GLN A 1 60  ? -7.142  4.042   19.145  1.00 31.14  ? 60  GLN A C   1 
ATOM   424 O O   . GLN A 1 60  ? -8.140  3.371   19.445  1.00 36.00  ? 60  GLN A O   1 
ATOM   425 C CB  . GLN A 1 60  ? -4.898  3.379   20.067  1.00 41.57  ? 60  GLN A CB  1 
ATOM   426 C CG  . GLN A 1 60  ? -3.630  2.528   19.819  1.00 57.13  ? 60  GLN A CG  1 
ATOM   427 C CD  . GLN A 1 60  ? -2.497  2.730   20.856  1.00 72.54  ? 60  GLN A CD  1 
ATOM   428 O OE1 . GLN A 1 60  ? -2.168  3.861   21.259  1.00 77.65  ? 60  GLN A OE1 1 
ATOM   429 N NE2 . GLN A 1 60  ? -1.893  1.620   21.284  1.00 72.69  ? 60  GLN A NE2 1 
ATOM   430 N N   . ILE A 1 61  ? -7.137  5.366   19.081  1.00 31.28  ? 61  ILE A N   1 
ATOM   431 C CA  . ILE A 1 61  ? -8.314  6.177   19.203  1.00 33.78  ? 61  ILE A CA  1 
ATOM   432 C C   . ILE A 1 61  ? -9.332  5.843   18.121  1.00 35.28  ? 61  ILE A C   1 
ATOM   433 O O   . ILE A 1 61  ? -10.509 5.607   18.418  1.00 34.27  ? 61  ILE A O   1 
ATOM   434 C CB  . ILE A 1 61  ? -7.971  7.657   19.130  1.00 35.39  ? 61  ILE A CB  1 
ATOM   435 C CG1 . ILE A 1 61  ? -7.244  8.074   20.403  1.00 33.34  ? 61  ILE A CG1 1 
ATOM   436 C CG2 . ILE A 1 61  ? -9.198  8.553   18.980  1.00 38.69  ? 61  ILE A CG2 1 
ATOM   437 C CD1 . ILE A 1 61  ? -6.668  9.475   20.284  1.00 39.96  ? 61  ILE A CD1 1 
ATOM   438 N N   . LYS A 1 62  ? -8.902  5.772   16.869  1.00 30.04  ? 62  LYS A N   1 
ATOM   439 C CA  . LYS A 1 62  ? -9.791  5.337   15.806  1.00 31.88  ? 62  LYS A CA  1 
ATOM   440 C C   . LYS A 1 62  ? -10.403 3.956   16.022  1.00 28.87  ? 62  LYS A C   1 
ATOM   441 O O   . LYS A 1 62  ? -11.556 3.758   15.744  1.00 31.70  ? 62  LYS A O   1 
ATOM   442 C CB  . LYS A 1 62  ? -9.087  5.363   14.468  1.00 38.43  ? 62  LYS A CB  1 
ATOM   443 C CG  . LYS A 1 62  ? -9.022  6.756   13.925  1.00 43.17  ? 62  LYS A CG  1 
ATOM   444 C CD  . LYS A 1 62  ? -8.179  6.784   12.653  1.00 49.05  ? 62  LYS A CD  1 
ATOM   445 C CE  . LYS A 1 62  ? -8.964  6.357   11.429  1.00 56.22  ? 62  LYS A CE  1 
ATOM   446 N NZ  . LYS A 1 62  ? -7.991  6.085   10.302  1.00 64.50  ? 62  LYS A NZ  1 
ATOM   447 N N   . THR A 1 63  ? -9.644  3.004   16.493  1.00 28.78  ? 63  THR A N   1 
ATOM   448 C CA  . THR A 1 63  ? -10.170 1.732   16.890  1.00 31.60  ? 63  THR A CA  1 
ATOM   449 C C   . THR A 1 63  ? -11.294 1.829   17.939  1.00 36.88  ? 63  THR A C   1 
ATOM   450 O O   . THR A 1 63  ? -12.345 1.165   17.796  1.00 31.60  ? 63  THR A O   1 
ATOM   451 C CB  . THR A 1 63  ? -9.065  0.836   17.446  1.00 32.75  ? 63  THR A CB  1 
ATOM   452 O OG1 . THR A 1 63  ? -8.139  0.549   16.409  1.00 35.91  ? 63  THR A OG1 1 
ATOM   453 C CG2 . THR A 1 63  ? -9.638  -0.477  17.942  1.00 37.97  ? 63  THR A CG2 1 
ATOM   454 N N   . SER A 1 64  ? -11.053 2.628   18.988  1.00 34.50  ? 64  SER A N   1 
ATOM   455 C CA  . SER A 1 64  ? -12.018 2.805   20.047  1.00 35.89  ? 64  SER A CA  1 
ATOM   456 C C   . SER A 1 64  ? -13.297 3.460   19.533  1.00 30.04  ? 64  SER A C   1 
ATOM   457 O O   . SER A 1 64  ? -14.383 3.006   19.803  1.00 37.09  ? 64  SER A O   1 
ATOM   458 C CB  . SER A 1 64  ? -11.387 3.614   21.149  1.00 34.40  ? 64  SER A CB  1 
ATOM   459 O OG  . SER A 1 64  ? -10.314 2.869   21.671  1.00 35.92  ? 64  SER A OG  1 
ATOM   460 N N   . LEU A 1 65  ? -13.163 4.492   18.750  1.00 27.54  ? 65  LEU A N   1 
ATOM   461 C CA  . LEU A 1 65  ? -14.296 5.259   18.318  1.00 29.66  ? 65  LEU A CA  1 
ATOM   462 C C   . LEU A 1 65  ? -14.997 4.611   17.197  1.00 34.31  ? 65  LEU A C   1 
ATOM   463 O O   . LEU A 1 65  ? -16.179 4.826   17.081  1.00 33.16  ? 65  LEU A O   1 
ATOM   464 C CB  . LEU A 1 65  ? -13.911 6.681   17.941  1.00 27.66  ? 65  LEU A CB  1 
ATOM   465 C CG  . LEU A 1 65  ? -13.375 7.456   19.148  1.00 36.87  ? 65  LEU A CG  1 
ATOM   466 C CD1 . LEU A 1 65  ? -13.009 8.848   18.657  1.00 32.52  ? 65  LEU A CD1 1 
ATOM   467 C CD2 . LEU A 1 65  ? -14.406 7.498   20.294  1.00 38.53  ? 65  LEU A CD2 1 
ATOM   468 N N   . HIS A 1 66  ? -14.284 3.876   16.339  1.00 32.87  ? 66  HIS A N   1 
ATOM   469 C CA  . HIS A 1 66  ? -14.924 3.042   15.307  1.00 30.98  ? 66  HIS A CA  1 
ATOM   470 C C   . HIS A 1 66  ? -15.923 1.996   15.945  1.00 34.89  ? 66  HIS A C   1 
ATOM   471 O O   . HIS A 1 66  ? -17.031 1.816   15.452  1.00 36.18  ? 66  HIS A O   1 
ATOM   472 C CB  . HIS A 1 66  ? -13.924 2.289   14.415  1.00 33.16  ? 66  HIS A CB  1 
ATOM   473 C CG  . HIS A 1 66  ? -14.598 1.336   13.483  1.00 32.03  ? 66  HIS A CG  1 
ATOM   474 N ND1 . HIS A 1 66  ? -15.470 1.746   12.488  1.00 36.68  ? 66  HIS A ND1 1 
ATOM   475 C CD2 . HIS A 1 66  ? -14.602 -0.016  13.451  1.00 39.87  ? 66  HIS A CD2 1 
ATOM   476 C CE1 . HIS A 1 66  ? -15.943 0.683   11.862  1.00 34.81  ? 66  HIS A CE1 1 
ATOM   477 N NE2 . HIS A 1 66  ? -15.426 -0.389  12.421  1.00 37.50  ? 66  HIS A NE2 1 
ATOM   478 N N   . ARG A 1 67  ? -15.506 1.309   17.005  1.00 36.98  ? 67  ARG A N   1 
ATOM   479 C CA  . ARG A 1 67  ? -16.395 0.398   17.734  1.00 36.17  ? 67  ARG A CA  1 
ATOM   480 C C   . ARG A 1 67  ? -17.694 1.097   18.245  1.00 36.18  ? 67  ARG A C   1 
ATOM   481 O O   . ARG A 1 67  ? -18.807 0.569   18.189  1.00 36.57  ? 67  ARG A O   1 
ATOM   482 C CB  . ARG A 1 67  ? -15.623 -0.200  18.903  1.00 39.66  ? 67  ARG A CB  1 
ATOM   483 C CG  . ARG A 1 67  ? -16.439 -1.188  19.726  1.00 38.99  ? 67  ARG A CG  1 
ATOM   484 C CD  . ARG A 1 67  ? -15.612 -1.853  20.797  1.00 42.44  ? 67  ARG A CD  1 
ATOM   485 N NE  . ARG A 1 67  ? -16.486 -2.444  21.802  1.00 47.61  ? 67  ARG A NE  1 
ATOM   486 C CZ  . ARG A 1 67  ? -17.090 -1.808  22.820  1.00 42.79  ? 67  ARG A CZ  1 
ATOM   487 N NH1 . ARG A 1 67  ? -16.951 -0.510  23.045  1.00 48.49  ? 67  ARG A NH1 1 
ATOM   488 N NH2 . ARG A 1 67  ? -17.896 -2.503  23.615  1.00 50.41  ? 67  ARG A NH2 1 
ATOM   489 N N   . LEU A 1 68  ? -17.543 2.286   18.768  1.00 31.20  ? 68  LEU A N   1 
ATOM   490 C CA  . LEU A 1 68  ? -18.685 3.001   19.298  1.00 36.37  ? 68  LEU A CA  1 
ATOM   491 C C   . LEU A 1 68  ? -19.538 3.781   18.342  1.00 42.87  ? 68  LEU A C   1 
ATOM   492 O O   . LEU A 1 68  ? -20.709 3.989   18.637  1.00 39.69  ? 68  LEU A O   1 
ATOM   493 C CB  . LEU A 1 68  ? -18.210 3.953   20.395  1.00 36.44  ? 68  LEU A CB  1 
ATOM   494 C CG  . LEU A 1 68  ? -17.602 3.264   21.587  1.00 41.81  ? 68  LEU A CG  1 
ATOM   495 C CD1 . LEU A 1 68  ? -17.105 4.304   22.578  1.00 46.12  ? 68  LEU A CD1 1 
ATOM   496 C CD2 . LEU A 1 68  ? -18.576 2.296   22.251  1.00 48.59  ? 68  LEU A CD2 1 
ATOM   497 N N   . LYS A 1 69  ? -18.963 4.231   17.223  1.00 35.87  ? 69  LYS A N   1 
ATOM   498 C CA  . LYS A 1 69  ? -19.636 5.024   16.199  1.00 39.95  ? 69  LYS A CA  1 
ATOM   499 C C   . LYS A 1 69  ? -19.265 4.574   14.786  1.00 36.82  ? 69  LYS A C   1 
ATOM   500 O O   . LYS A 1 69  ? -18.670 5.340   13.990  1.00 38.24  ? 69  LYS A O   1 
ATOM   501 C CB  . LYS A 1 69  ? -19.294 6.501   16.328  1.00 40.37  ? 69  LYS A CB  1 
ATOM   502 C CG  . LYS A 1 69  ? -19.284 7.062   17.693  1.00 46.00  ? 69  LYS A CG  1 
ATOM   503 C CD  . LYS A 1 69  ? -18.810 8.524   17.579  1.00 60.40  ? 69  LYS A CD  1 
ATOM   504 C CE  . LYS A 1 69  ? -17.983 8.983   18.773  1.00 62.57  ? 69  LYS A CE  1 
ATOM   505 N NZ  . LYS A 1 69  ? -18.761 9.077   20.039  1.00 74.23  ? 69  LYS A NZ  1 
ATOM   506 N N   . PRO A 1 70  ? -19.596 3.332   14.450  1.00 34.63  ? 70  PRO A N   1 
ATOM   507 C CA  . PRO A 1 70  ? -19.168 2.740   13.224  1.00 36.63  ? 70  PRO A CA  1 
ATOM   508 C C   . PRO A 1 70  ? -19.747 3.336   11.948  1.00 38.84  ? 70  PRO A C   1 
ATOM   509 O O   . PRO A 1 70  ? -19.185 3.116   10.934  1.00 38.95  ? 70  PRO A O   1 
ATOM   510 C CB  . PRO A 1 70  ? -19.567 1.275   13.368  1.00 39.50  ? 70  PRO A CB  1 
ATOM   511 C CG  . PRO A 1 70  ? -20.673 1.295   14.364  1.00 39.71  ? 70  PRO A CG  1 
ATOM   512 C CD  . PRO A 1 70  ? -20.390 2.399   15.281  1.00 39.70  ? 70  PRO A CD  1 
ATOM   513 N N   . ASP A 1 71  ? -20.830 4.081   12.000  1.00 42.88  ? 71  ASP A N   1 
ATOM   514 C CA  . ASP A 1 71  ? -21.339 4.712   10.798  1.00 49.13  ? 71  ASP A CA  1 
ATOM   515 C C   . ASP A 1 71  ? -20.669 6.056   10.577  1.00 50.31  ? 71  ASP A C   1 
ATOM   516 O O   . ASP A 1 71  ? -20.816 6.645   9.504   1.00 57.29  ? 71  ASP A O   1 
ATOM   517 C CB  . ASP A 1 71  ? -22.848 4.946   10.932  1.00 49.16  ? 71  ASP A CB  1 
ATOM   518 C CG  . ASP A 1 71  ? -23.642 3.644   10.992  1.00 54.13  ? 71  ASP A CG  1 
ATOM   519 O OD1 . ASP A 1 71  ? -23.287 2.634   10.327  1.00 50.69  ? 71  ASP A OD1 1 
ATOM   520 O OD2 . ASP A 1 71  ? -24.642 3.657   11.715  1.00 59.61  ? 71  ASP A OD2 1 
ATOM   521 N N   . THR A 1 72  ? -20.000 6.532   11.604  1.00 39.07  ? 72  THR A N   1 
ATOM   522 C CA  . THR A 1 72  ? -19.348 7.828   11.619  1.00 48.06  ? 72  THR A CA  1 
ATOM   523 C C   . THR A 1 72  ? -17.819 7.715   11.471  1.00 41.77  ? 72  THR A C   1 
ATOM   524 O O   . THR A 1 72  ? -17.204 8.410   10.681  1.00 43.24  ? 72  THR A O   1 
ATOM   525 C CB  . THR A 1 72  ? -19.710 8.504   12.965  1.00 48.99  ? 72  THR A CB  1 
ATOM   526 O OG1 . THR A 1 72  ? -21.096 8.799   12.947  1.00 61.95  ? 72  THR A OG1 1 
ATOM   527 C CG2 . THR A 1 72  ? -18.914 9.837   13.233  1.00 60.24  ? 72  THR A CG2 1 
ATOM   528 N N   . VAL A 1 73  ? -17.208 6.923   12.332  1.00 38.07  ? 73  VAL A N   1 
ATOM   529 C CA  . VAL A 1 73  ? -15.757 6.753   12.435  1.00 37.03  ? 73  VAL A CA  1 
ATOM   530 C C   . VAL A 1 73  ? -15.299 5.446   11.789  1.00 40.46  ? 73  VAL A C   1 
ATOM   531 O O   . VAL A 1 73  ? -15.716 4.391   12.191  1.00 36.13  ? 73  VAL A O   1 
ATOM   532 C CB  . VAL A 1 73  ? -15.272 6.749   13.883  1.00 38.52  ? 73  VAL A CB  1 
ATOM   533 C CG1 . VAL A 1 73  ? -13.737 6.574   13.953  1.00 38.98  ? 73  VAL A CG1 1 
ATOM   534 C CG2 . VAL A 1 73  ? -15.623 8.067   14.532  1.00 40.49  ? 73  VAL A CG2 1 
ATOM   535 N N   . PRO A 1 74  ? -14.425 5.525   10.762  1.00 43.63  ? 74  PRO A N   1 
ATOM   536 C CA  . PRO A 1 74  ? -13.932 4.321   10.102  1.00 39.46  ? 74  PRO A CA  1 
ATOM   537 C C   . PRO A 1 74  ? -12.848 3.619   10.972  1.00 35.68  ? 74  PRO A C   1 
ATOM   538 O O   . PRO A 1 74  ? -12.184 4.295   11.796  1.00 39.34  ? 74  PRO A O   1 
ATOM   539 C CB  . PRO A 1 74  ? -13.265 4.921   8.843   1.00 48.51  ? 74  PRO A CB  1 
ATOM   540 C CG  . PRO A 1 74  ? -12.674 6.226   9.331   1.00 48.13  ? 74  PRO A CG  1 
ATOM   541 C CD  . PRO A 1 74  ? -13.732 6.754   10.287  1.00 45.49  ? 74  PRO A CD  1 
ATOM   542 N N   . ALA A 1 75  ? -12.689 2.311   10.824  1.00 44.26  ? 75  ALA A N   1 
ATOM   543 C CA  . ALA A 1 75  ? -11.488 1.586   11.359  1.00 48.08  ? 75  ALA A CA  1 
ATOM   544 C C   . ALA A 1 75  ? -10.122 2.150   10.880  1.00 44.24  ? 75  ALA A C   1 
ATOM   545 O O   . ALA A 1 75  ? -10.066 2.785   9.844   1.00 38.05  ? 75  ALA A O   1 
ATOM   546 C CB  . ALA A 1 75  ? -11.579 0.141   10.950  1.00 50.85  ? 75  ALA A CB  1 
ATOM   547 N N   . PRO A 1 76  ? -9.027  1.905   11.620  1.00 40.79  ? 76  PRO A N   1 
ATOM   548 C CA  . PRO A 1 76  ? -7.729  2.154   11.003  1.00 40.06  ? 76  PRO A CA  1 
ATOM   549 C C   . PRO A 1 76  ? -7.563  1.383   9.697   1.00 36.45  ? 76  PRO A C   1 
ATOM   550 O O   . PRO A 1 76  ? -8.114  0.307   9.531   1.00 36.98  ? 76  PRO A O   1 
ATOM   551 C CB  . PRO A 1 76  ? -6.725  1.681   12.056  1.00 43.42  ? 76  PRO A CB  1 
ATOM   552 C CG  . PRO A 1 76  ? -7.493  1.632   13.301  1.00 44.97  ? 76  PRO A CG  1 
ATOM   553 C CD  . PRO A 1 76  ? -8.885  1.311   12.955  1.00 40.81  ? 76  PRO A CD  1 
ATOM   554 N N   A CYS A 1 77  ? -6.785  1.965   8.790   0.33 35.43  ? 77  CYS A N   1 
ATOM   555 N N   B CYS A 1 77  ? -6.824  1.970   8.765   0.33 36.29  ? 77  CYS A N   1 
ATOM   556 N N   C CYS A 1 77  ? -6.822  1.919   8.757   0.33 37.47  ? 77  CYS A N   1 
ATOM   557 C CA  A CYS A 1 77  ? -6.540  1.414   7.454   0.33 34.45  ? 77  CYS A CA  1 
ATOM   558 C CA  B CYS A 1 77  ? -6.586  1.365   7.454   0.33 35.73  ? 77  CYS A CA  1 
ATOM   559 C CA  C CYS A 1 77  ? -6.607  1.165   7.539   0.33 37.21  ? 77  CYS A CA  1 
ATOM   560 C C   A CYS A 1 77  ? -5.109  0.897   7.355   0.33 31.95  ? 77  CYS A C   1 
ATOM   561 C C   B CYS A 1 77  ? -5.131  0.896   7.349   0.33 32.75  ? 77  CYS A C   1 
ATOM   562 C C   C CYS A 1 77  ? -5.142  0.871   7.357   0.33 33.61  ? 77  CYS A C   1 
ATOM   563 O O   A CYS A 1 77  ? -4.203  1.493   7.926   0.33 32.42  ? 77  CYS A O   1 
ATOM   564 O O   B CYS A 1 77  ? -4.241  1.517   7.918   0.33 32.98  ? 77  CYS A O   1 
ATOM   565 O O   C CYS A 1 77  ? -4.271  1.567   7.871   0.33 33.43  ? 77  CYS A O   1 
ATOM   566 C CB  A CYS A 1 77  ? -6.714  2.529   6.410   0.33 32.82  ? 77  CYS A CB  1 
ATOM   567 C CB  B CYS A 1 77  ? -6.860  2.396   6.346   0.33 35.42  ? 77  CYS A CB  1 
ATOM   568 C CB  C CYS A 1 77  ? -7.160  1.911   6.338   0.33 39.31  ? 77  CYS A CB  1 
ATOM   569 S SG  A CYS A 1 77  ? -6.620  2.018   4.667   0.33 33.65  ? 77  CYS A SG  1 
ATOM   570 S SG  B CYS A 1 77  ? -8.590  2.555   5.799   0.33 37.03  ? 77  CYS A SG  1 
ATOM   571 S SG  C CYS A 1 77  ? -7.028  3.689   6.542   0.33 43.25  ? 77  CYS A SG  1 
ATOM   572 N N   . CYS A 1 78  ? -4.908  -0.161  6.567   1.00 33.24  ? 78  CYS A N   1 
ATOM   573 C CA  . CYS A 1 78  ? -3.560  -0.684  6.294   1.00 33.61  ? 78  CYS A CA  1 
ATOM   574 C C   . CYS A 1 78  ? -2.903  0.171   5.210   1.00 31.89  ? 78  CYS A C   1 
ATOM   575 O O   . CYS A 1 78  ? -3.383  0.260   4.052   1.00 31.46  ? 78  CYS A O   1 
ATOM   576 C CB  . CYS A 1 78  ? -3.748  -2.109  5.823   1.00 38.53  ? 78  CYS A CB  1 
ATOM   577 S SG  . CYS A 1 78  ? -2.241  -3.015  5.578   1.00 38.12  ? 78  CYS A SG  1 
ATOM   578 N N   . VAL A 1 79  ? -1.829  0.841   5.567   1.00 29.17  ? 79  VAL A N   1 
ATOM   579 C CA  . VAL A 1 79  ? -1.141  1.731   4.677   1.00 31.50  ? 79  VAL A CA  1 
ATOM   580 C C   . VAL A 1 79  ? 0.410   1.536   4.792   1.00 32.27  ? 79  VAL A C   1 
ATOM   581 O O   . VAL A 1 79  ? 0.894   1.048   5.759   1.00 31.73  ? 79  VAL A O   1 
ATOM   582 C CB  . VAL A 1 79  ? -1.489  3.205   4.932   1.00 34.57  ? 79  VAL A CB  1 
ATOM   583 C CG1 . VAL A 1 79  ? -3.004  3.417   4.930   1.00 35.51  ? 79  VAL A CG1 1 
ATOM   584 C CG2 . VAL A 1 79  ? -0.939  3.679   6.252   1.00 39.04  ? 79  VAL A CG2 1 
ATOM   585 N N   . PRO A 1 80  ? 1.135   1.946   3.781   1.00 30.78  ? 80  PRO A N   1 
ATOM   586 C CA  . PRO A 1 80  ? 2.563   1.769   3.774   1.00 34.09  ? 80  PRO A CA  1 
ATOM   587 C C   . PRO A 1 80  ? 3.175   2.633   4.881   1.00 37.67  ? 80  PRO A C   1 
ATOM   588 O O   . PRO A 1 80  ? 2.800   3.785   5.071   1.00 39.05  ? 80  PRO A O   1 
ATOM   589 C CB  . PRO A 1 80  ? 2.977   2.293   2.402   1.00 32.19  ? 80  PRO A CB  1 
ATOM   590 C CG  . PRO A 1 80  ? 1.765   2.326   1.584   1.00 34.34  ? 80  PRO A CG  1 
ATOM   591 C CD  . PRO A 1 80  ? 0.655   2.613   2.563   1.00 32.72  ? 80  PRO A CD  1 
ATOM   592 N N   . ALA A 1 81  ? 4.045   2.033   5.644   1.00 40.37  ? 81  ALA A N   1 
ATOM   593 C CA  . ALA A 1 81  ? 4.891   2.779   6.568   1.00 43.42  ? 81  ALA A CA  1 
ATOM   594 C C   . ALA A 1 81  ? 6.110   3.309   5.850   1.00 49.43  ? 81  ALA A C   1 
ATOM   595 O O   . ALA A 1 81  ? 6.674   4.298   6.258   1.00 57.92  ? 81  ALA A O   1 
ATOM   596 C CB  . ALA A 1 81  ? 5.298   1.895   7.722   1.00 45.42  ? 81  ALA A CB  1 
ATOM   597 N N   . SER A 1 82  ? 6.500   2.687   4.753   1.00 45.24  ? 82  SER A N   1 
ATOM   598 C CA  . SER A 1 82  ? 7.658   3.151   3.994   1.00 44.91  ? 82  SER A CA  1 
ATOM   599 C C   . SER A 1 82  ? 7.535   2.602   2.595   1.00 43.48  ? 82  SER A C   1 
ATOM   600 O O   . SER A 1 82  ? 6.758   1.676   2.347   1.00 43.13  ? 82  SER A O   1 
ATOM   601 C CB  . SER A 1 82  ? 8.989   2.665   4.630   1.00 40.11  ? 82  SER A CB  1 
ATOM   602 O OG  . SER A 1 82  ? 9.043   1.273   4.702   1.00 46.14  ? 82  SER A OG  1 
ATOM   603 N N   . TYR A 1 83  ? 8.343   3.154   1.708   1.00 49.39  ? 83  TYR A N   1 
ATOM   604 C CA  . TYR A 1 83  ? 8.413   2.742   0.298   1.00 49.57  ? 83  TYR A CA  1 
ATOM   605 C C   . TYR A 1 83  ? 9.798   2.172   -0.194  1.00 53.61  ? 83  TYR A C   1 
ATOM   606 O O   . TYR A 1 83  ? 10.862  2.338   0.439   1.00 51.83  ? 83  TYR A O   1 
ATOM   607 C CB  . TYR A 1 83  ? 7.954   3.937   -0.566  1.00 48.65  ? 83  TYR A CB  1 
ATOM   608 C CG  . TYR A 1 83  ? 6.542   4.396   -0.263  1.00 47.95  ? 83  TYR A CG  1 
ATOM   609 C CD1 . TYR A 1 83  ? 6.305   5.304   0.745   1.00 47.11  ? 83  TYR A CD1 1 
ATOM   610 C CD2 . TYR A 1 83  ? 5.450   3.935   -0.993  1.00 42.79  ? 83  TYR A CD2 1 
ATOM   611 C CE1 . TYR A 1 83  ? 5.024   5.728   1.043   1.00 45.07  ? 83  TYR A CE1 1 
ATOM   612 C CE2 . TYR A 1 83  ? 4.139   4.364   -0.703  1.00 40.05  ? 83  TYR A CE2 1 
ATOM   613 C CZ  . TYR A 1 83  ? 3.931   5.255   0.313   1.00 44.02  ? 83  TYR A CZ  1 
ATOM   614 O OH  . TYR A 1 83  ? 2.668   5.702   0.646   1.00 39.67  ? 83  TYR A OH  1 
ATOM   615 N N   . ASN A 1 84  ? 9.726   1.428   -1.298  1.00 51.81  ? 84  ASN A N   1 
ATOM   616 C CA  . ASN A 1 84  ? 10.895  0.933   -2.029  1.00 57.66  ? 84  ASN A CA  1 
ATOM   617 C C   . ASN A 1 84  ? 10.919  1.642   -3.333  1.00 55.91  ? 84  ASN A C   1 
ATOM   618 O O   . ASN A 1 84  ? 9.883   1.718   -3.972  1.00 57.77  ? 84  ASN A O   1 
ATOM   619 C CB  . ASN A 1 84  ? 10.762  -0.535  -2.365  1.00 56.72  ? 84  ASN A CB  1 
ATOM   620 C CG  . ASN A 1 84  ? 11.187  -1.427  -1.231  1.00 59.84  ? 84  ASN A CG  1 
ATOM   621 O OD1 . ASN A 1 84  ? 12.025  -1.058  -0.422  1.00 65.21  ? 84  ASN A OD1 1 
ATOM   622 N ND2 . ASN A 1 84  ? 10.606  -2.614  -1.168  1.00 60.94  ? 84  ASN A ND2 1 
ATOM   623 N N   . PRO A 1 85  ? 12.089  2.147   -3.754  1.00 62.82  ? 85  PRO A N   1 
ATOM   624 C CA  . PRO A 1 85  ? 12.140  2.876   -5.021  1.00 60.13  ? 85  PRO A CA  1 
ATOM   625 C C   . PRO A 1 85  ? 12.020  1.948   -6.209  1.00 51.08  ? 85  PRO A C   1 
ATOM   626 O O   . PRO A 1 85  ? 12.243  0.759   -6.104  1.00 49.28  ? 85  PRO A O   1 
ATOM   627 C CB  . PRO A 1 85  ? 13.527  3.536   -4.978  1.00 61.41  ? 85  PRO A CB  1 
ATOM   628 C CG  . PRO A 1 85  ? 14.323  2.582   -4.174  1.00 64.36  ? 85  PRO A CG  1 
ATOM   629 C CD  . PRO A 1 85  ? 13.400  2.157   -3.083  1.00 63.00  ? 85  PRO A CD  1 
ATOM   630 N N   . MET A 1 86  ? 11.682  2.482   -7.361  1.00 55.33  ? 86  MET A N   1 
ATOM   631 C CA  . MET A 1 86  ? 11.606  1.624   -8.571  1.00 57.62  ? 86  MET A CA  1 
ATOM   632 C C   . MET A 1 86  ? 12.087  2.354   -9.840  1.00 52.45  ? 86  MET A C   1 
ATOM   633 O O   . MET A 1 86  ? 11.774  3.556   -10.024 1.00 46.20  ? 86  MET A O   1 
ATOM   634 C CB  . MET A 1 86  ? 10.152  1.198   -8.764  1.00 59.70  ? 86  MET A CB  1 
ATOM   635 C CG  . MET A 1 86  ? 9.942   0.029   -9.684  1.00 64.05  ? 86  MET A CG  1 
ATOM   636 S SD  . MET A 1 86  ? 8.254   -0.115  -10.299 1.00 73.96  ? 86  MET A SD  1 
ATOM   637 C CE  . MET A 1 86  ? 8.476   -1.598  -11.319 1.00 74.71  ? 86  MET A CE  1 
ATOM   638 N N   . VAL A 1 87  ? 12.765  1.597   -10.717 1.00 50.27  ? 87  VAL A N   1 
ATOM   639 C CA  . VAL A 1 87  ? 13.214  2.081   -12.047 1.00 46.85  ? 87  VAL A CA  1 
ATOM   640 C C   . VAL A 1 87  ? 12.258  1.775   -13.182 1.00 39.57  ? 87  VAL A C   1 
ATOM   641 O O   . VAL A 1 87  ? 11.767  0.685   -13.338 1.00 43.79  ? 87  VAL A O   1 
ATOM   642 C CB  . VAL A 1 87  ? 14.622  1.546   -12.426 1.00 53.53  ? 87  VAL A CB  1 
ATOM   643 C CG1 . VAL A 1 87  ? 15.187  2.338   -13.604 1.00 57.48  ? 87  VAL A CG1 1 
ATOM   644 C CG2 . VAL A 1 87  ? 15.569  1.751   -11.287 1.00 49.44  ? 87  VAL A CG2 1 
ATOM   645 N N   . LEU A 1 88  ? 11.940  2.786   -13.969 1.00 38.60  ? 88  LEU A N   1 
ATOM   646 C CA  . LEU A 1 88  ? 11.128  2.650   -15.133 1.00 41.33  ? 88  LEU A CA  1 
ATOM   647 C C   . LEU A 1 88  ? 11.877  3.264   -16.314 1.00 40.90  ? 88  LEU A C   1 
ATOM   648 O O   . LEU A 1 88  ? 12.609  4.199   -16.137 1.00 41.80  ? 88  LEU A O   1 
ATOM   649 C CB  . LEU A 1 88  ? 9.850   3.476   -14.984 1.00 47.10  ? 88  LEU A CB  1 
ATOM   650 C CG  . LEU A 1 88  ? 8.857   3.203   -13.870 1.00 54.20  ? 88  LEU A CG  1 
ATOM   651 C CD1 . LEU A 1 88  ? 7.629   4.073   -14.083 1.00 48.63  ? 88  LEU A CD1 1 
ATOM   652 C CD2 . LEU A 1 88  ? 8.451   1.742   -13.862 1.00 56.64  ? 88  LEU A CD2 1 
ATOM   653 N N   . ILE A 1 89  ? 11.585  2.794   -17.511 1.00 42.76  ? 89  ILE A N   1 
ATOM   654 C CA  . ILE A 1 89  ? 11.984  3.429   -18.725 1.00 41.39  ? 89  ILE A CA  1 
ATOM   655 C C   . ILE A 1 89  ? 10.715  3.943   -19.324 1.00 42.40  ? 89  ILE A C   1 
ATOM   656 O O   . ILE A 1 89  ? 9.739   3.222   -19.458 1.00 42.08  ? 89  ILE A O   1 
ATOM   657 C CB  . ILE A 1 89  ? 12.651  2.442   -19.717 1.00 45.41  ? 89  ILE A CB  1 
ATOM   658 C CG1 . ILE A 1 89  ? 13.976  1.958   -19.140 1.00 45.16  ? 89  ILE A CG1 1 
ATOM   659 C CG2 . ILE A 1 89  ? 12.833  3.106   -21.083 1.00 41.36  ? 89  ILE A CG2 1 
ATOM   660 C CD1 . ILE A 1 89  ? 14.543  0.803   -19.943 1.00 55.47  ? 89  ILE A CD1 1 
ATOM   661 N N   . GLN A 1 90  ? 10.733  5.206   -19.704 1.00 44.33  ? 90  GLN A N   1 
ATOM   662 C CA  . GLN A 1 90  ? 9.574   5.812   -20.283 1.00 50.50  ? 90  GLN A CA  1 
ATOM   663 C C   . GLN A 1 90  ? 9.901   6.774   -21.393 1.00 46.92  ? 90  GLN A C   1 
ATOM   664 O O   . GLN A 1 90  ? 11.014  7.196   -21.525 1.00 46.72  ? 90  GLN A O   1 
ATOM   665 C CB  . GLN A 1 90  ? 8.805   6.543   -19.216 1.00 54.76  ? 90  GLN A CB  1 
ATOM   666 C CG  . GLN A 1 90  ? 9.498   7.782   -18.724 1.00 63.55  ? 90  GLN A CG  1 
ATOM   667 C CD  . GLN A 1 90  ? 8.940   8.196   -17.397 1.00 71.32  ? 90  GLN A CD  1 
ATOM   668 O OE1 . GLN A 1 90  ? 7.766   7.920   -17.081 1.00 83.59  ? 90  GLN A OE1 1 
ATOM   669 N NE2 . GLN A 1 90  ? 9.762   8.832   -16.595 1.00 67.22  ? 90  GLN A NE2 1 
ATOM   670 N N   . LYS A 1 91  ? 8.892   7.060   -22.189 1.00 50.74  ? 91  LYS A N   1 
ATOM   671 C CA  . LYS A 1 91  ? 8.976   7.948   -23.328 1.00 59.05  ? 91  LYS A CA  1 
ATOM   672 C C   . LYS A 1 91  ? 8.809   9.301   -22.794 1.00 62.99  ? 91  LYS A C   1 
ATOM   673 O O   . LYS A 1 91  ? 8.043   9.502   -21.847 1.00 72.54  ? 91  LYS A O   1 
ATOM   674 C CB  . LYS A 1 91  ? 7.842   7.725   -24.326 1.00 65.24  ? 91  LYS A CB  1 
ATOM   675 C CG  . LYS A 1 91  ? 8.098   6.604   -25.321 1.00 71.91  ? 91  LYS A CG  1 
ATOM   676 C CD  . LYS A 1 91  ? 6.794   5.971   -25.826 1.00 82.17  ? 91  LYS A CD  1 
ATOM   677 C CE  . LYS A 1 91  ? 5.815   6.961   -26.460 1.00 84.34  ? 91  LYS A CE  1 
ATOM   678 N NZ  . LYS A 1 91  ? 6.443   7.808   -27.517 1.00 84.90  ? 91  LYS A NZ  1 
ATOM   679 N N   . THR A 1 92  ? 9.544   10.229  -23.400 1.00 66.06  ? 92  THR A N   1 
ATOM   680 C CA  . THR A 1 92  ? 9.445   11.675  -23.119 1.00 71.12  ? 92  THR A CA  1 
ATOM   681 C C   . THR A 1 92  ? 8.865   12.290  -24.426 1.00 67.44  ? 92  THR A C   1 
ATOM   682 O O   . THR A 1 92  ? 8.699   11.610  -25.482 1.00 55.94  ? 92  THR A O   1 
ATOM   683 C CB  . THR A 1 92  ? 10.829  12.326  -22.637 1.00 71.03  ? 92  THR A CB  1 
ATOM   684 O OG1 . THR A 1 92  ? 11.776  12.431  -23.707 1.00 75.40  ? 92  THR A OG1 1 
ATOM   685 C CG2 . THR A 1 92  ? 11.539  11.531  -21.499 1.00 66.59  ? 92  THR A CG2 1 
ATOM   686 N N   . ASP A 1 93  ? 8.549   13.571  -24.353 1.00 74.76  ? 93  ASP A N   1 
ATOM   687 C CA  . ASP A 1 93  ? 8.202   14.361  -25.556 1.00 77.68  ? 93  ASP A CA  1 
ATOM   688 C C   . ASP A 1 93  ? 9.270   14.218  -26.669 1.00 71.17  ? 93  ASP A C   1 
ATOM   689 O O   . ASP A 1 93  ? 8.949   13.902  -27.813 1.00 69.79  ? 93  ASP A O   1 
ATOM   690 C CB  . ASP A 1 93  ? 8.011   15.850  -25.183 1.00 88.83  ? 93  ASP A CB  1 
ATOM   691 C CG  . ASP A 1 93  ? 6.788   16.097  -24.275 1.00 101.35 ? 93  ASP A CG  1 
ATOM   692 O OD1 . ASP A 1 93  ? 5.701   15.543  -24.563 1.00 108.33 ? 93  ASP A OD1 1 
ATOM   693 O OD2 . ASP A 1 93  ? 6.916   16.855  -23.277 1.00 112.95 ? 93  ASP A OD2 1 
ATOM   694 N N   . THR A 1 94  ? 10.546  14.375  -26.304 1.00 71.06  ? 94  THR A N   1 
ATOM   695 C CA  . THR A 1 94  ? 11.644  14.383  -27.264 1.00 67.61  ? 94  THR A CA  1 
ATOM   696 C C   . THR A 1 94  ? 12.598  13.189  -27.159 1.00 61.23  ? 94  THR A C   1 
ATOM   697 O O   . THR A 1 94  ? 13.595  13.151  -27.875 1.00 61.88  ? 94  THR A O   1 
ATOM   698 C CB  . THR A 1 94  ? 12.455  15.656  -27.053 1.00 71.18  ? 94  THR A CB  1 
ATOM   699 O OG1 . THR A 1 94  ? 12.974  15.652  -25.717 1.00 76.91  ? 94  THR A OG1 1 
ATOM   700 C CG2 . THR A 1 94  ? 11.574  16.890  -27.221 1.00 68.04  ? 94  THR A CG2 1 
ATOM   701 N N   . GLY A 1 95  ? 12.326  12.210  -26.286 1.00 60.11  ? 95  GLY A N   1 
ATOM   702 C CA  . GLY A 1 95  ? 13.178  10.992  -26.246 1.00 59.98  ? 95  GLY A CA  1 
ATOM   703 C C   . GLY A 1 95  ? 12.708  9.871   -25.318 1.00 54.71  ? 95  GLY A C   1 
ATOM   704 O O   . GLY A 1 95  ? 11.555  9.473   -25.352 1.00 54.08  ? 95  GLY A O   1 
ATOM   705 N N   . VAL A 1 96  ? 13.609  9.388   -24.491 1.00 46.23  ? 96  VAL A N   1 
ATOM   706 C CA  . VAL A 1 96  ? 13.353  8.248   -23.621 1.00 50.19  ? 96  VAL A CA  1 
ATOM   707 C C   . VAL A 1 96  ? 14.262  8.371   -22.414 1.00 44.40  ? 96  VAL A C   1 
ATOM   708 O O   . VAL A 1 96  ? 15.390  8.777   -22.539 1.00 43.86  ? 96  VAL A O   1 
ATOM   709 C CB  . VAL A 1 96  ? 13.655  6.921   -24.363 1.00 53.78  ? 96  VAL A CB  1 
ATOM   710 C CG1 . VAL A 1 96  ? 13.904  5.748   -23.401 1.00 57.64  ? 96  VAL A CG1 1 
ATOM   711 C CG2 . VAL A 1 96  ? 12.520  6.609   -25.318 1.00 54.61  ? 96  VAL A CG2 1 
ATOM   712 N N   . SER A 1 97  ? 13.791  7.950   -21.246 1.00 40.51  ? 97  SER A N   1 
ATOM   713 C CA  . SER A 1 97  ? 14.581  8.050   -20.068 1.00 40.77  ? 97  SER A CA  1 
ATOM   714 C C   . SER A 1 97  ? 14.408  6.838   -19.172 1.00 39.69  ? 97  SER A C   1 
ATOM   715 O O   . SER A 1 97  ? 13.412  6.142   -19.235 1.00 38.62  ? 97  SER A O   1 
ATOM   716 C CB  . SER A 1 97  ? 14.241  9.347   -19.338 1.00 47.41  ? 97  SER A CB  1 
ATOM   717 O OG  . SER A 1 97  ? 13.056  9.156   -18.657 1.00 48.62  ? 97  SER A OG  1 
ATOM   718 N N   . LEU A 1 98  ? 15.448  6.582   -18.408 1.00 41.40  ? 98  LEU A N   1 
ATOM   719 C CA  . LEU A 1 98  ? 15.458  5.613   -17.371 1.00 47.09  ? 98  LEU A CA  1 
ATOM   720 C C   . LEU A 1 98  ? 15.479  6.469   -16.131 1.00 51.97  ? 98  LEU A C   1 
ATOM   721 O O   . LEU A 1 98  ? 16.412  7.254   -15.910 1.00 51.23  ? 98  LEU A O   1 
ATOM   722 C CB  . LEU A 1 98  ? 16.706  4.756   -17.457 1.00 52.89  ? 98  LEU A CB  1 
ATOM   723 C CG  . LEU A 1 98  ? 16.958  3.774   -16.298 1.00 55.94  ? 98  LEU A CG  1 
ATOM   724 C CD1 . LEU A 1 98  ? 16.391  2.428   -16.629 1.00 55.40  ? 98  LEU A CD1 1 
ATOM   725 C CD2 . LEU A 1 98  ? 18.439  3.649   -15.974 1.00 63.68  ? 98  LEU A CD2 1 
ATOM   726 N N   . GLN A 1 99  ? 14.462  6.274   -15.292 1.00 50.67  ? 99  GLN A N   1 
ATOM   727 C CA  . GLN A 1 99  ? 14.152  7.150   -14.162 1.00 53.44  ? 99  GLN A CA  1 
ATOM   728 C C   . GLN A 1 99  ? 13.838  6.318   -12.884 1.00 55.61  ? 99  GLN A C   1 
ATOM   729 O O   . GLN A 1 99  ? 13.201  5.245   -12.978 1.00 44.26  ? 99  GLN A O   1 
ATOM   730 C CB  . GLN A 1 99  ? 12.906  7.921   -14.572 1.00 64.13  ? 99  GLN A CB  1 
ATOM   731 C CG  . GLN A 1 99  ? 12.690  9.219   -13.844 1.00 70.42  ? 99  GLN A CG  1 
ATOM   732 C CD  . GLN A 1 99  ? 13.431  10.356  -14.503 1.00 67.69  ? 99  GLN A CD  1 
ATOM   733 O OE1 . GLN A 1 99  ? 14.510  10.186  -15.088 1.00 75.94  ? 99  GLN A OE1 1 
ATOM   734 N NE2 . GLN A 1 99  ? 12.863  11.517  -14.417 1.00 77.68  ? 99  GLN A NE2 1 
ATOM   735 N N   . THR A 1 100 ? 14.280  6.801   -11.720 1.00 49.28  ? 100 THR A N   1 
ATOM   736 C CA  . THR A 1 100 ? 13.950  6.192   -10.439 1.00 59.05  ? 100 THR A CA  1 
ATOM   737 C C   . THR A 1 100 ? 12.783  6.991   -9.857  1.00 49.43  ? 100 THR A C   1 
ATOM   738 O O   . THR A 1 100 ? 12.639  8.181   -10.122 1.00 58.89  ? 100 THR A O   1 
ATOM   739 C CB  . THR A 1 100 ? 15.166  6.106   -9.502  1.00 65.92  ? 100 THR A CB  1 
ATOM   740 O OG1 . THR A 1 100 ? 16.004  5.043   -9.957  1.00 64.76  ? 100 THR A OG1 1 
ATOM   741 C CG2 . THR A 1 100 ? 14.756  5.753   -8.093  1.00 63.24  ? 100 THR A CG2 1 
ATOM   742 N N   . TYR A 1 101 ? 11.892  6.256   -9.199  1.00 51.99  ? 101 TYR A N   1 
ATOM   743 C CA  . TYR A 1 101 ? 10.661  6.771   -8.597  1.00 49.09  ? 101 TYR A CA  1 
ATOM   744 C C   . TYR A 1 101 ? 10.610  6.217   -7.188  1.00 42.11  ? 101 TYR A C   1 
ATOM   745 O O   . TYR A 1 101 ? 10.705  4.995   -6.998  1.00 45.29  ? 101 TYR A O   1 
ATOM   746 C CB  . TYR A 1 101 ? 9.488   6.232   -9.378  1.00 49.28  ? 101 TYR A CB  1 
ATOM   747 C CG  . TYR A 1 101 ? 9.259   6.997   -10.617 1.00 50.65  ? 101 TYR A CG  1 
ATOM   748 C CD1 . TYR A 1 101 ? 8.544   8.178   -10.563 1.00 62.19  ? 101 TYR A CD1 1 
ATOM   749 C CD2 . TYR A 1 101 ? 9.747   6.569   -11.845 1.00 48.80  ? 101 TYR A CD2 1 
ATOM   750 C CE1 . TYR A 1 101 ? 8.286   8.907   -11.699 1.00 63.13  ? 101 TYR A CE1 1 
ATOM   751 C CE2 . TYR A 1 101 ? 9.509   7.300   -12.996 1.00 48.16  ? 101 TYR A CE2 1 
ATOM   752 C CZ  . TYR A 1 101 ? 8.782   8.457   -12.903 1.00 52.44  ? 101 TYR A CZ  1 
ATOM   753 O OH  . TYR A 1 101 ? 8.507   9.249   -13.965 1.00 59.85  ? 101 TYR A OH  1 
ATOM   754 N N   . ASP A 1 102 ? 10.484  7.076   -6.188  1.00 48.80  ? 102 ASP A N   1 
ATOM   755 C CA  . ASP A 1 102 ? 10.649  6.584   -4.803  1.00 53.94  ? 102 ASP A CA  1 
ATOM   756 C C   . ASP A 1 102 ? 9.455   5.986   -4.066  1.00 55.32  ? 102 ASP A C   1 
ATOM   757 O O   . ASP A 1 102 ? 9.668   5.185   -3.137  1.00 60.17  ? 102 ASP A O   1 
ATOM   758 C CB  . ASP A 1 102 ? 11.168  7.697   -3.926  1.00 64.34  ? 102 ASP A CB  1 
ATOM   759 C CG  . ASP A 1 102 ? 12.592  8.023   -4.217  1.00 72.51  ? 102 ASP A CG  1 
ATOM   760 O OD1 . ASP A 1 102 ? 13.423  7.090   -4.477  1.00 71.80  ? 102 ASP A OD1 1 
ATOM   761 O OD2 . ASP A 1 102 ? 12.849  9.241   -4.173  1.00 78.74  ? 102 ASP A OD2 1 
ATOM   762 N N   . ASP A 1 103 ? 8.236   6.410   -4.410  1.00 49.47  ? 103 ASP A N   1 
ATOM   763 C CA  . ASP A 1 103 ? 7.031   6.050   -3.598  1.00 48.10  ? 103 ASP A CA  1 
ATOM   764 C C   . ASP A 1 103 ? 5.978   5.372   -4.492  1.00 48.54  ? 103 ASP A C   1 
ATOM   765 O O   . ASP A 1 103 ? 4.842   5.852   -4.628  1.00 42.18  ? 103 ASP A O   1 
ATOM   766 C CB  . ASP A 1 103 ? 6.443   7.306   -2.929  1.00 53.25  ? 103 ASP A CB  1 
ATOM   767 C CG  . ASP A 1 103 ? 7.395   7.987   -1.877  1.00 65.71  ? 103 ASP A CG  1 
ATOM   768 O OD1 . ASP A 1 103 ? 8.422   7.422   -1.415  1.00 72.63  ? 103 ASP A OD1 1 
ATOM   769 O OD2 . ASP A 1 103 ? 7.073   9.137   -1.487  1.00 74.09  ? 103 ASP A OD2 1 
ATOM   770 N N   . LEU A 1 104 ? 6.407   4.292   -5.151  1.00 39.72  ? 104 LEU A N   1 
ATOM   771 C CA  . LEU A 1 104 ? 5.595   3.533   -6.063  1.00 43.90  ? 104 LEU A CA  1 
ATOM   772 C C   . LEU A 1 104 ? 5.272   2.230   -5.393  1.00 41.73  ? 104 LEU A C   1 
ATOM   773 O O   . LEU A 1 104 ? 4.188   1.703   -5.571  1.00 38.47  ? 104 LEU A O   1 
ATOM   774 C CB  . LEU A 1 104 ? 6.308   3.267   -7.423  1.00 47.15  ? 104 LEU A CB  1 
ATOM   775 C CG  . LEU A 1 104 ? 5.791   3.846   -8.689  1.00 48.32  ? 104 LEU A CG  1 
ATOM   776 C CD1 . LEU A 1 104 ? 5.470   5.310   -8.544  1.00 55.44  ? 104 LEU A CD1 1 
ATOM   777 C CD2 . LEU A 1 104 ? 6.790   3.670   -9.828  1.00 50.80  ? 104 LEU A CD2 1 
ATOM   778 N N   . LEU A 1 105 ? 6.224   1.682   -4.651  1.00 36.55  ? 105 LEU A N   1 
ATOM   779 C CA  . LEU A 1 105 ? 6.057   0.379   -4.102  1.00 37.77  ? 105 LEU A CA  1 
ATOM   780 C C   . LEU A 1 105 ? 6.130   0.550   -2.604  1.00 38.51  ? 105 LEU A C   1 
ATOM   781 O O   . LEU A 1 105 ? 6.968   1.263   -2.128  1.00 42.87  ? 105 LEU A O   1 
ATOM   782 C CB  . LEU A 1 105 ? 7.208   -0.567  -4.535  1.00 44.69  ? 105 LEU A CB  1 
ATOM   783 C CG  . LEU A 1 105 ? 7.500   -0.702  -6.032  1.00 43.21  ? 105 LEU A CG  1 
ATOM   784 C CD1 . LEU A 1 105 ? 8.879   -1.394  -6.189  1.00 48.82  ? 105 LEU A CD1 1 
ATOM   785 C CD2 . LEU A 1 105 ? 6.386   -1.447  -6.734  1.00 44.52  ? 105 LEU A CD2 1 
ATOM   786 N N   . ALA A 1 106 ? 5.270   -0.151  -1.885  1.00 36.74  ? 106 ALA A N   1 
ATOM   787 C CA  . ALA A 1 106 ? 5.243   -0.085  -0.445  1.00 35.97  ? 106 ALA A CA  1 
ATOM   788 C C   . ALA A 1 106 ? 6.327   -1.069  -0.015  1.00 37.80  ? 106 ALA A C   1 
ATOM   789 O O   . ALA A 1 106 ? 6.525   -2.107  -0.660  1.00 41.26  ? 106 ALA A O   1 
ATOM   790 C CB  . ALA A 1 106 ? 3.901   -0.558  0.066   1.00 32.64  ? 106 ALA A CB  1 
ATOM   791 N N   . LYS A 1 107 ? 6.973   -0.761  1.098   1.00 43.82  ? 107 LYS A N   1 
ATOM   792 C CA  . LYS A 1 107 ? 8.082   -1.583  1.644   1.00 48.00  ? 107 LYS A CA  1 
ATOM   793 C C   . LYS A 1 107 ? 7.618   -2.311  2.911   1.00 46.90  ? 107 LYS A C   1 
ATOM   794 O O   . LYS A 1 107 ? 7.824   -3.497  3.045   1.00 45.83  ? 107 LYS A O   1 
ATOM   795 C CB  . LYS A 1 107 ? 9.272   -0.667  1.869   1.00 55.14  ? 107 LYS A CB  1 
ATOM   796 C CG  . LYS A 1 107 ? 10.428  -1.154  2.726   1.00 59.91  ? 107 LYS A CG  1 
ATOM   797 C CD  . LYS A 1 107 ? 11.238  0.082   3.116   1.00 59.88  ? 107 LYS A CD  1 
ATOM   798 C CE  . LYS A 1 107 ? 12.594  0.129   2.467   1.00 70.98  ? 107 LYS A CE  1 
ATOM   799 N NZ  . LYS A 1 107 ? 13.450  -0.950  3.050   1.00 68.95  ? 107 LYS A NZ  1 
ATOM   800 N N   . ASP A 1 108 ? 6.938   -1.608  3.804   1.00 40.89  ? 108 ASP A N   1 
ATOM   801 C CA  . ASP A 1 108 ? 6.295   -2.224  4.952   1.00 47.16  ? 108 ASP A CA  1 
ATOM   802 C C   . ASP A 1 108 ? 4.960   -1.476  5.218   1.00 38.61  ? 108 ASP A C   1 
ATOM   803 O O   . ASP A 1 108 ? 4.726   -0.405  4.616   1.00 33.36  ? 108 ASP A O   1 
ATOM   804 C CB  . ASP A 1 108 ? 7.237   -2.197  6.180   1.00 50.52  ? 108 ASP A CB  1 
ATOM   805 C CG  . ASP A 1 108 ? 7.714   -0.788  6.530   1.00 63.45  ? 108 ASP A CG  1 
ATOM   806 O OD1 . ASP A 1 108 ? 7.422   0.181   5.764   1.00 66.04  ? 108 ASP A OD1 1 
ATOM   807 O OD2 . ASP A 1 108 ? 8.408   -0.645  7.569   1.00 74.00  ? 108 ASP A OD2 1 
ATOM   808 N N   . CYS A 1 109 ? 4.180   -2.041  6.147   1.00 39.88  ? 109 CYS A N   1 
ATOM   809 C CA  . CYS A 1 109 ? 2.767   -1.711  6.392   1.00 38.06  ? 109 CYS A CA  1 
ATOM   810 C C   . CYS A 1 109 ? 2.462   -1.474  7.878   1.00 41.33  ? 109 CYS A C   1 
ATOM   811 O O   . CYS A 1 109 ? 2.999   -2.125  8.763   1.00 36.81  ? 109 CYS A O   1 
ATOM   812 C CB  . CYS A 1 109 ? 1.931   -2.879  5.901   1.00 41.14  ? 109 CYS A CB  1 
ATOM   813 S SG  . CYS A 1 109 ? 2.325   -3.278  4.155   1.00 45.08  ? 109 CYS A SG  1 
ATOM   814 N N   . HIS A 1 110 ? 1.529   -0.584  8.143   1.00 37.00  ? 110 HIS A N   1 
ATOM   815 C CA  . HIS A 1 110 ? 0.981   -0.460  9.488   1.00 35.30  ? 110 HIS A CA  1 
ATOM   816 C C   . HIS A 1 110 ? -0.444  0.140   9.401   1.00 36.26  ? 110 HIS A C   1 
ATOM   817 O O   . HIS A 1 110 ? -0.898  0.534   8.321   1.00 30.92  ? 110 HIS A O   1 
ATOM   818 C CB  . HIS A 1 110 ? 1.934   0.360   10.368  1.00 37.14  ? 110 HIS A CB  1 
ATOM   819 C CG  . HIS A 1 110 ? 2.164   1.744   9.905   1.00 37.76  ? 110 HIS A CG  1 
ATOM   820 N ND1 . HIS A 1 110 ? 3.026   2.589   10.554  1.00 43.53  ? 110 HIS A ND1 1 
ATOM   821 C CD2 . HIS A 1 110 ? 1.648   2.456   8.875   1.00 43.04  ? 110 HIS A CD2 1 
ATOM   822 C CE1 . HIS A 1 110 ? 3.001   3.768   9.967   1.00 40.77  ? 110 HIS A CE1 1 
ATOM   823 N NE2 . HIS A 1 110 ? 2.175   3.712   8.944   1.00 40.74  ? 110 HIS A NE2 1 
ATOM   824 N N   . CYS A 1 111 ? -1.156  0.089   10.522  1.00 35.17  ? 111 CYS A N   1 
ATOM   825 C CA  . CYS A 1 111 ? -2.563  0.474   10.654  1.00 34.05  ? 111 CYS A CA  1 
ATOM   826 C C   . CYS A 1 111 ? -2.638  1.882   11.198  1.00 39.11  ? 111 CYS A C   1 
ATOM   827 O O   . CYS A 1 111 ? -2.102  2.172   12.278  1.00 35.60  ? 111 CYS A O   1 
ATOM   828 C CB  . CYS A 1 111 ? -3.252  -0.476  11.586  1.00 36.81  ? 111 CYS A CB  1 
ATOM   829 S SG  . CYS A 1 111 ? -3.309  -2.141  10.825  1.00 38.44  ? 111 CYS A SG  1 
ATOM   830 N N   . ILE A 1 112 ? -3.269  2.786   10.468  1.00 43.48  ? 112 ILE A N   1 
ATOM   831 C CA  . ILE A 1 112 ? -3.190  4.208   10.839  1.00 50.89  ? 112 ILE A CA  1 
ATOM   832 C C   . ILE A 1 112 ? -4.517  4.935   10.805  1.00 56.86  ? 112 ILE A C   1 
ATOM   833 O O   . ILE A 1 112 ? -5.469  4.413   10.145  1.00 51.55  ? 112 ILE A O   1 
ATOM   834 C CB  . ILE A 1 112 ? -2.201  4.909   9.912   1.00 54.85  ? 112 ILE A CB  1 
ATOM   835 C CG1 . ILE A 1 112 ? -1.406  6.014   10.640  1.00 68.39  ? 112 ILE A CG1 1 
ATOM   836 C CG2 . ILE A 1 112 ? -2.918  5.433   8.691   1.00 51.18  ? 112 ILE A CG2 1 
ATOM   837 C CD1 . ILE A 1 112 ? 0.046   6.109   10.157  1.00 66.93  ? 112 ILE A CD1 1 
ATOM   838 O OXT . ILE A 1 112 ? -4.562  6.065   11.394  1.00 50.52  ? 112 ILE A OXT 1 
HETATM 839 O O   . HOH B 2 .   ? 7.397   7.708   -6.083  1.00 51.24  ? 201 HOH A O   1 
HETATM 840 O O   . HOH B 2 .   ? 7.809   -2.202  -23.786 0.50 34.25  ? 202 HOH A O   1 
HETATM 841 O O   . HOH B 2 .   ? 8.397   -6.116  -13.196 1.00 64.83  ? 203 HOH A O   1 
HETATM 842 O O   . HOH B 2 .   ? 12.211  -1.191  -7.443  1.00 71.75  ? 204 HOH A O   1 
HETATM 843 O O   . HOH B 2 .   ? -9.094  -1.319  8.120   1.00 54.56  ? 205 HOH A O   1 
HETATM 844 O O   . HOH B 2 .   ? 2.111   5.573   7.467   1.00 49.03  ? 206 HOH A O   1 
HETATM 845 O O   . HOH B 2 .   ? -10.204 0.420   21.777  1.00 75.30  ? 207 HOH A O   1 
HETATM 846 O O   . HOH B 2 .   ? 8.103   -5.370  -6.734  1.00 47.61  ? 208 HOH A O   1 
HETATM 847 O O   . HOH B 2 .   ? -10.409 -5.140  16.499  1.00 73.44  ? 209 HOH A O   1 
HETATM 848 O O   . HOH B 2 .   ? -22.109 3.235   20.611  1.00 40.73  ? 210 HOH A O   1 
HETATM 849 O O   . HOH B 2 .   ? -0.176  -2.406  17.551  1.00 60.12  ? 211 HOH A O   1 
HETATM 850 O O   . HOH B 2 .   ? -7.773  8.249   8.995   1.00 47.73  ? 212 HOH A O   1 
HETATM 851 O O   . HOH B 2 .   ? -6.583  0.829   -15.639 1.00 52.12  ? 213 HOH A O   1 
HETATM 852 O O   . HOH B 2 .   ? 9.737   9.349   -7.099  1.00 63.07  ? 214 HOH A O   1 
HETATM 853 O O   . HOH B 2 .   ? -11.229 1.929   7.722   1.00 59.40  ? 215 HOH A O   1 
HETATM 854 O O   . HOH B 2 .   ? -12.987 -0.944  16.461  1.00 39.11  ? 216 HOH A O   1 
HETATM 855 O O   . HOH B 2 .   ? -19.664 -1.482  16.852  0.50 33.42  ? 217 HOH A O   1 
HETATM 856 O O   . HOH B 2 .   ? 2.634   6.902   2.956   1.00 57.55  ? 218 HOH A O   1 
HETATM 857 O O   . HOH B 2 .   ? -2.159  3.767   -12.101 1.00 41.57  ? 219 HOH A O   1 
HETATM 858 O O   . HOH B 2 .   ? 9.335   9.990   -27.439 1.00 73.12  ? 220 HOH A O   1 
HETATM 859 O O   . HOH B 2 .   ? 2.264   -4.222  -20.525 1.00 61.25  ? 221 HOH A O   1 
HETATM 860 O O   . HOH B 2 .   ? -9.411  4.798   8.246   1.00 65.56  ? 222 HOH A O   1 
HETATM 861 O O   . HOH B 2 .   ? -5.338  -0.576  19.086  1.00 57.53  ? 223 HOH A O   1 
HETATM 862 O O   . HOH B 2 .   ? -13.996 1.267   8.754   1.00 55.01  ? 224 HOH A O   1 
HETATM 863 O O   . HOH B 2 .   ? 8.822   3.041   -6.024  1.00 42.44  ? 225 HOH A O   1 
HETATM 864 O O   . HOH B 2 .   ? -3.439  -6.215  -19.263 1.00 58.15  ? 226 HOH A O   1 
HETATM 865 O O   . HOH B 2 .   ? -7.563  10.303  10.966  1.00 34.36  ? 227 HOH A O   1 
HETATM 866 O O   . HOH B 2 .   ? -9.166  -1.570  14.865  1.00 41.35  ? 228 HOH A O   1 
HETATM 867 O O   . HOH B 2 .   ? -0.832  -8.396  -15.123 1.00 57.86  ? 229 HOH A O   1 
HETATM 868 O O   . HOH B 2 .   ? 2.262   -1.708  -23.260 1.00 63.18  ? 230 HOH A O   1 
HETATM 869 O O   . HOH B 2 .   ? 5.226   -4.541  6.851   1.00 56.18  ? 231 HOH A O   1 
HETATM 870 O O   . HOH B 2 .   ? -3.295  -9.718  4.567   1.00 45.19  ? 232 HOH A O   1 
HETATM 871 O O   . HOH B 2 .   ? 8.819   -3.698  -3.009  1.00 62.65  ? 233 HOH A O   1 
HETATM 872 O O   . HOH B 2 .   ? -4.893  -1.563  14.206  1.00 42.47  ? 234 HOH A O   1 
HETATM 873 O O   . HOH B 2 .   ? -7.012  -1.937  6.170   1.00 42.81  ? 235 HOH A O   1 
HETATM 874 O O   . HOH B 2 .   ? -5.384  0.107   16.320  1.00 46.30  ? 236 HOH A O   1 
HETATM 875 O O   . HOH B 2 .   ? -5.783  -0.562  2.826   1.00 49.27  ? 237 HOH A O   1 
HETATM 876 O O   . HOH B 2 .   ? -0.596  5.682   -20.785 1.00 63.28  ? 238 HOH A O   1 
HETATM 877 O O   . HOH B 2 .   ? -14.682 1.276   22.039  1.00 38.43  ? 239 HOH A O   1 
HETATM 878 O O   . HOH B 2 .   ? -2.314  2.341   -20.545 1.00 48.40  ? 240 HOH A O   1 
HETATM 879 O O   . HOH B 2 .   ? -1.254  -10.576 -8.908  1.00 61.46  ? 241 HOH A O   1 
HETATM 880 O O   . HOH B 2 .   ? -0.759  5.801   -11.947 1.00 41.36  ? 242 HOH A O   1 
HETATM 881 O O   . HOH B 2 .   ? -22.505 4.755   14.260  1.00 46.27  ? 243 HOH A O   1 
HETATM 882 O O   . HOH B 2 .   ? -11.295 1.642   24.106  1.00 55.83  ? 244 HOH A O   1 
HETATM 883 O O   . HOH B 2 .   ? -3.149  5.940   -15.105 1.00 66.14  ? 245 HOH A O   1 
HETATM 884 O O   . HOH B 2 .   ? 2.303   -8.613  12.263  1.00 66.55  ? 246 HOH A O   1 
HETATM 885 O O   . HOH B 2 .   ? 4.225   -6.974  5.948   1.00 65.08  ? 247 HOH A O   1 
HETATM 886 O O   . HOH B 2 .   ? -6.338  -3.171  3.293   1.00 47.97  ? 248 HOH A O   1 
HETATM 887 O O   . HOH B 2 .   ? 1.217   8.611   19.189  1.00 47.73  ? 249 HOH A O   1 
HETATM 888 O O   . HOH B 2 .   ? -7.413  0.791   20.871  1.00 54.05  ? 250 HOH A O   1 
HETATM 889 O O   . HOH B 2 .   ? -0.861  -10.605 9.044   1.00 52.39  ? 251 HOH A O   1 
HETATM 890 O O   . HOH B 2 .   ? -2.583  -5.782  -21.469 1.00 63.97  ? 252 HOH A O   1 
HETATM 891 O O   . HOH B 2 .   ? -17.902 -4.531  19.899  1.00 66.83  ? 253 HOH A O   1 
HETATM 892 O O   . HOH B 2 .   ? -18.600 -5.350  22.437  1.00 65.65  ? 254 HOH A O   1 
HETATM 893 O O   . HOH B 2 .   ? -17.804 -1.402  14.594  1.00 58.88  ? 255 HOH A O   1 
HETATM 894 O O   . HOH B 2 .   ? 5.210   -1.725  -23.218 1.00 64.21  ? 256 HOH A O   1 
HETATM 895 O O   . HOH B 2 .   ? -12.133 -1.165  20.765  1.00 69.41  ? 257 HOH A O   1 
HETATM 896 O O   . HOH B 2 .   ? -15.659 -2.339  15.795  1.00 63.44  ? 258 HOH A O   1 
HETATM 897 O O   . HOH B 2 .   ? -12.277 -2.695  18.562  1.00 62.44  ? 259 HOH A O   1 
HETATM 898 O O   . HOH B 2 .   ? -11.485 -1.797  14.557  1.00 52.19  ? 260 HOH A O   1 
HETATM 899 O O   . HOH B 2 .   ? -11.555 3.627   5.807   1.00 57.74  ? 261 HOH A O   1 
HETATM 900 O O   . HOH B 2 .   ? -15.682 -4.621  17.649  1.00 62.35  ? 262 HOH A O   1 
# 
